data_6D6B
#
_entry.id   6D6B
#
_cell.length_a   54.276
_cell.length_b   84.467
_cell.length_c   156.203
_cell.angle_alpha   90.00
_cell.angle_beta   95.69
_cell.angle_gamma   90.00
#
_symmetry.space_group_name_H-M   'P 1 21 1'
#
loop_
_entity.id
_entity.type
_entity.pdbx_description
1 polymer 'Transcriptional activator protein LasR'
2 non-polymer '2,4-dibromo-6-{[(2-nitrobenzene-1-carbonyl)amino]methyl}phenyl 2-nitrobenzoate'
3 water water
#
_entity_poly.entity_id   1
_entity_poly.type   'polypeptide(L)'
_entity_poly.pdbx_seq_one_letter_code
;MALVDGFLELERSSGKLEWSAILQKMASDLGFSKILFGLLPKDSQDYENAFIVGNYPAAWREHYDRAGYARVDPTVSHCT
QSVLPIFWEPSIYQTRKQHEFFEEASAAGLVYGLTMPLHGARGELGALSLSVEAENRAEANRFMESVLPTLWMLKDYALQ
SGAGLAFEHP
;
_entity_poly.pdbx_strand_id   A,B,C,D,E,F,G,H
#
loop_
_chem_comp.id
_chem_comp.type
_chem_comp.name
_chem_comp.formula
FXS non-polymer '2,4-dibromo-6-{[(2-nitrobenzene-1-carbonyl)amino]methyl}phenyl 2-nitrobenzoate' 'C21 H13 Br2 N3 O7'
#
# COMPACT_ATOMS: atom_id res chain seq x y z
N LEU A 3 26.52 -24.27 35.87
CA LEU A 3 25.12 -24.14 36.43
C LEU A 3 24.98 -24.54 37.83
N VAL A 4 25.58 -25.69 38.17
CA VAL A 4 25.39 -26.24 39.50
C VAL A 4 25.88 -25.20 40.52
N ASP A 5 27.02 -24.57 40.23
CA ASP A 5 27.57 -23.53 41.12
C ASP A 5 26.58 -22.39 41.20
N GLY A 6 25.93 -22.09 40.07
CA GLY A 6 24.91 -21.08 40.02
C GLY A 6 23.72 -21.41 40.88
N PHE A 7 23.27 -22.66 40.83
CA PHE A 7 22.22 -23.11 41.73
C PHE A 7 22.62 -22.99 43.21
N LEU A 8 23.88 -23.32 43.51
CA LEU A 8 24.32 -23.29 44.88
C LEU A 8 24.31 -21.84 45.37
N GLU A 9 24.72 -20.92 44.51
CA GLU A 9 24.62 -19.47 44.84
C GLU A 9 23.19 -19.04 45.12
N LEU A 10 22.27 -19.44 44.23
CA LEU A 10 20.88 -19.20 44.45
C LEU A 10 20.40 -19.74 45.80
N GLU A 11 20.80 -20.98 46.09
CA GLU A 11 20.39 -21.57 47.35
C GLU A 11 21.02 -20.90 48.59
N ARG A 12 22.21 -20.35 48.44
CA ARG A 12 22.85 -19.64 49.60
C ARG A 12 22.40 -18.19 49.74
N SER A 13 21.61 -17.70 48.78
CA SER A 13 21.36 -16.26 48.65
C SER A 13 20.38 -15.88 49.74
N SER A 14 20.35 -14.60 50.13
CA SER A 14 19.35 -14.24 51.11
C SER A 14 18.45 -13.19 50.51
N GLY A 15 17.21 -13.55 50.35
CA GLY A 15 16.19 -12.64 49.87
C GLY A 15 15.98 -12.68 48.36
N LYS A 16 14.81 -12.18 47.98
CA LYS A 16 14.41 -12.06 46.55
C LYS A 16 15.35 -11.21 45.73
N LEU A 17 15.82 -10.05 46.27
CA LEU A 17 16.75 -9.26 45.51
C LEU A 17 17.99 -10.02 45.08
N GLU A 18 18.67 -10.69 46.02
CA GLU A 18 19.92 -11.36 45.65
C GLU A 18 19.67 -12.52 44.68
N TRP A 19 18.61 -13.27 44.96
CA TRP A 19 18.21 -14.40 44.11
C TRP A 19 17.97 -13.93 42.66
N SER A 20 17.20 -12.86 42.53
CA SER A 20 16.95 -12.29 41.20
C SER A 20 18.18 -11.85 40.49
N ALA A 21 19.10 -11.22 41.22
CA ALA A 21 20.36 -10.80 40.60
C ALA A 21 21.16 -11.94 40.08
N ILE A 22 21.25 -13.02 40.84
CA ILE A 22 21.99 -14.23 40.48
C ILE A 22 21.34 -14.90 39.25
N LEU A 23 20.01 -15.00 39.28
CA LEU A 23 19.32 -15.63 38.17
C LEU A 23 19.47 -14.81 36.89
N GLN A 24 19.33 -13.50 37.04
CA GLN A 24 19.48 -12.59 35.88
C GLN A 24 20.88 -12.67 35.28
N LYS A 25 21.90 -12.77 36.14
CA LYS A 25 23.26 -12.91 35.72
C LYS A 25 23.52 -14.23 35.01
N MET A 26 22.96 -15.32 35.53
CA MET A 26 23.08 -16.61 34.85
C MET A 26 22.51 -16.54 33.43
N ALA A 27 21.33 -15.91 33.29
CA ALA A 27 20.66 -15.81 31.97
C ALA A 27 21.47 -14.91 31.03
N SER A 28 21.97 -13.78 31.57
CA SER A 28 22.83 -12.82 30.80
C SER A 28 24.12 -13.46 30.31
N ASP A 29 24.77 -14.19 31.22
CA ASP A 29 25.95 -14.96 30.86
C ASP A 29 25.72 -15.96 29.78
N LEU A 30 24.50 -16.52 29.69
CA LEU A 30 24.21 -17.51 28.66
C LEU A 30 23.89 -16.88 27.33
N GLY A 31 23.64 -15.57 27.34
CA GLY A 31 23.27 -14.78 26.14
C GLY A 31 21.89 -14.12 26.07
N PHE A 32 21.09 -14.29 27.12
CA PHE A 32 19.77 -13.66 27.23
C PHE A 32 19.68 -12.39 28.06
N SER A 33 19.14 -11.31 27.49
CA SER A 33 19.17 -10.03 28.25
C SER A 33 18.01 -9.74 29.19
N LYS A 34 16.84 -10.26 28.89
CA LYS A 34 15.69 -10.04 29.74
C LYS A 34 15.04 -11.39 30.14
N ILE A 35 14.71 -11.52 31.40
CA ILE A 35 14.00 -12.74 31.88
C ILE A 35 12.81 -12.44 32.75
N LEU A 36 11.86 -13.40 32.80
CA LEU A 36 10.80 -13.38 33.78
C LEU A 36 10.65 -14.80 34.28
N PHE A 37 10.72 -14.97 35.60
CA PHE A 37 10.44 -16.24 36.27
C PHE A 37 9.19 -16.01 37.04
N GLY A 38 8.14 -16.77 36.73
CA GLY A 38 6.87 -16.59 37.36
C GLY A 38 6.41 -17.88 38.01
N LEU A 39 5.76 -17.80 39.15
CA LEU A 39 5.36 -19.05 39.83
C LEU A 39 4.11 -18.85 40.61
N LEU A 40 3.22 -19.81 40.46
CA LEU A 40 2.01 -19.85 41.23
C LEU A 40 1.99 -21.10 42.12
N PRO A 41 1.41 -20.97 43.31
CA PRO A 41 1.24 -22.18 44.16
C PRO A 41 0.17 -23.14 43.65
N LYS A 42 0.24 -24.39 44.13
CA LYS A 42 -0.72 -25.42 43.75
C LYS A 42 -2.16 -24.92 43.72
N ASP A 43 -2.84 -25.20 42.62
CA ASP A 43 -4.23 -24.90 42.35
C ASP A 43 -4.57 -23.39 42.12
N SER A 44 -3.63 -22.48 42.28
CA SER A 44 -3.96 -21.07 42.03
C SER A 44 -4.10 -20.81 40.54
N GLN A 45 -5.07 -19.98 40.15
CA GLN A 45 -5.09 -19.37 38.82
C GLN A 45 -5.00 -17.85 38.94
N ASP A 46 -4.40 -17.37 40.03
CA ASP A 46 -4.35 -15.95 40.36
C ASP A 46 -3.07 -15.27 39.78
N TYR A 47 -3.03 -15.18 38.47
CA TYR A 47 -1.83 -14.68 37.78
C TYR A 47 -1.44 -13.25 38.16
N GLU A 48 -2.43 -12.42 38.41
CA GLU A 48 -2.18 -11.08 38.96
C GLU A 48 -1.37 -11.09 40.27
N ASN A 49 -1.43 -12.19 41.05
CA ASN A 49 -0.67 -12.30 42.27
C ASN A 49 0.41 -13.38 42.24
N ALA A 50 0.95 -13.71 41.04
CA ALA A 50 2.06 -14.64 40.99
C ALA A 50 3.31 -14.12 41.61
N PHE A 51 4.16 -15.04 42.03
CA PHE A 51 5.49 -14.74 42.41
C PHE A 51 6.32 -14.49 41.18
N ILE A 52 6.84 -13.26 41.05
CA ILE A 52 7.54 -12.84 39.83
C ILE A 52 8.92 -12.31 40.13
N VAL A 53 9.90 -12.82 39.39
CA VAL A 53 11.28 -12.37 39.38
C VAL A 53 11.73 -11.98 38.00
N GLY A 54 12.46 -10.88 37.94
CA GLY A 54 13.28 -10.65 36.74
C GLY A 54 13.35 -9.22 36.36
N ASN A 55 13.70 -8.98 35.11
CA ASN A 55 14.12 -7.60 34.66
C ASN A 55 13.38 -7.21 33.37
N TYR A 56 12.18 -7.75 33.16
CA TYR A 56 11.30 -7.20 32.12
C TYR A 56 11.03 -5.75 32.50
N PRO A 57 10.83 -4.92 31.48
CA PRO A 57 10.44 -3.54 31.83
C PRO A 57 9.22 -3.44 32.71
N ALA A 58 9.33 -2.64 33.78
CA ALA A 58 8.23 -2.45 34.69
C ALA A 58 6.91 -2.06 34.07
N ALA A 59 6.94 -1.11 33.13
CA ALA A 59 5.75 -0.65 32.53
C ALA A 59 5.08 -1.77 31.70
N TRP A 60 5.89 -2.66 31.15
CA TRP A 60 5.35 -3.89 30.45
C TRP A 60 4.64 -4.85 31.42
N ARG A 61 5.31 -5.18 32.52
CA ARG A 61 4.68 -5.98 33.58
C ARG A 61 3.36 -5.39 34.06
N GLU A 62 3.34 -4.08 34.27
CA GLU A 62 2.11 -3.38 34.68
C GLU A 62 1.05 -3.47 33.61
N HIS A 63 1.42 -3.31 32.37
CA HIS A 63 0.46 -3.41 31.26
C HIS A 63 -0.14 -4.81 31.15
N TYR A 64 0.73 -5.81 31.27
CA TYR A 64 0.28 -7.20 31.22
C TYR A 64 -0.80 -7.45 32.26
N ASP A 65 -0.58 -6.99 33.47
CA ASP A 65 -1.52 -7.20 34.60
C ASP A 65 -2.78 -6.45 34.33
N ARG A 66 -2.68 -5.18 33.99
CA ARG A 66 -3.92 -4.39 33.72
C ARG A 66 -4.76 -4.87 32.54
N ALA A 67 -4.13 -5.37 31.49
CA ALA A 67 -4.80 -5.88 30.34
C ALA A 67 -5.27 -7.30 30.50
N GLY A 68 -4.93 -7.96 31.61
CA GLY A 68 -5.29 -9.36 31.80
C GLY A 68 -4.72 -10.23 30.70
N TYR A 69 -3.48 -9.97 30.31
CA TYR A 69 -2.88 -10.76 29.24
C TYR A 69 -2.59 -12.24 29.63
N ALA A 70 -2.64 -12.61 30.91
CA ALA A 70 -2.50 -14.03 31.22
C ALA A 70 -3.62 -14.85 30.57
N ARG A 71 -4.74 -14.21 30.27
CA ARG A 71 -5.85 -14.84 29.55
C ARG A 71 -5.62 -14.87 28.00
N VAL A 72 -4.55 -14.27 27.50
CA VAL A 72 -4.32 -14.10 26.07
C VAL A 72 -3.00 -14.74 25.63
N ASP A 73 -1.95 -14.39 26.34
CA ASP A 73 -0.61 -14.86 26.11
C ASP A 73 -0.64 -16.35 25.77
N PRO A 74 -0.21 -16.74 24.56
CA PRO A 74 -0.32 -18.17 24.19
C PRO A 74 0.62 -19.03 24.99
N THR A 75 1.65 -18.47 25.61
CA THR A 75 2.61 -19.29 26.38
C THR A 75 1.98 -19.77 27.67
N VAL A 76 1.01 -19.03 28.18
CA VAL A 76 0.32 -19.42 29.43
C VAL A 76 -0.50 -20.70 29.25
N SER A 77 -1.33 -20.75 28.23
CA SER A 77 -2.12 -21.98 27.92
C SER A 77 -1.16 -23.14 27.67
N HIS A 78 -0.07 -22.87 26.98
CA HIS A 78 0.89 -23.90 26.67
C HIS A 78 1.52 -24.50 27.97
N CYS A 79 1.86 -23.64 28.90
CA CYS A 79 2.45 -24.09 30.16
C CYS A 79 1.50 -24.97 30.94
N THR A 80 0.18 -24.71 30.86
CA THR A 80 -0.77 -25.55 31.56
C THR A 80 -0.92 -26.94 30.97
N GLN A 81 -0.50 -27.11 29.73
CA GLN A 81 -0.57 -28.37 28.98
C GLN A 81 0.72 -29.16 28.75
N SER A 82 1.89 -28.56 28.97
CA SER A 82 3.12 -29.16 28.55
C SER A 82 4.26 -28.82 29.51
N VAL A 83 5.26 -29.68 29.49
CA VAL A 83 6.59 -29.44 30.04
C VAL A 83 7.64 -29.03 29.03
N LEU A 84 7.28 -28.90 27.77
CA LEU A 84 8.27 -28.64 26.73
C LEU A 84 8.35 -27.14 26.43
N PRO A 85 9.48 -26.67 25.96
CA PRO A 85 9.53 -25.24 25.64
C PRO A 85 8.61 -24.82 24.54
N ILE A 86 8.18 -23.57 24.59
CA ILE A 86 7.47 -22.94 23.46
C ILE A 86 8.30 -21.73 23.01
N PHE A 87 8.72 -21.75 21.75
CA PHE A 87 9.45 -20.64 21.16
C PHE A 87 8.47 -19.54 20.71
N TRP A 88 8.93 -18.28 20.78
CA TRP A 88 8.11 -17.14 20.45
C TRP A 88 8.02 -16.89 18.91
N GLU A 89 7.45 -17.84 18.25
CA GLU A 89 7.35 -17.87 16.82
C GLU A 89 6.04 -17.17 16.48
N PRO A 90 6.00 -16.46 15.32
CA PRO A 90 4.76 -15.79 14.91
C PRO A 90 3.54 -16.71 14.88
N SER A 91 3.74 -17.96 14.49
CA SER A 91 2.62 -18.90 14.47
C SER A 91 1.89 -19.16 15.83
N ILE A 92 2.51 -18.86 17.00
CA ILE A 92 1.82 -19.11 18.26
C ILE A 92 0.79 -18.05 18.58
N TYR A 93 0.85 -16.91 17.87
CA TYR A 93 -0.11 -15.82 18.09
C TYR A 93 -1.24 -15.94 17.06
N GLN A 94 -2.38 -16.50 17.49
CA GLN A 94 -3.42 -16.94 16.54
C GLN A 94 -4.63 -16.02 16.55
N THR A 95 -5.09 -15.65 17.71
CA THR A 95 -6.25 -14.83 17.86
C THR A 95 -5.94 -13.35 17.70
N ARG A 96 -7.01 -12.58 17.49
CA ARG A 96 -6.82 -11.13 17.37
C ARG A 96 -6.14 -10.54 18.61
N LYS A 97 -6.63 -10.90 19.79
CA LYS A 97 -6.00 -10.42 21.04
C LYS A 97 -4.50 -10.90 21.12
N GLN A 98 -4.22 -12.10 20.62
CA GLN A 98 -2.85 -12.58 20.57
C GLN A 98 -1.96 -11.80 19.65
N HIS A 99 -2.49 -11.31 18.52
CA HIS A 99 -1.73 -10.43 17.67
C HIS A 99 -1.47 -9.09 18.31
N GLU A 100 -2.42 -8.59 19.07
CA GLU A 100 -2.20 -7.38 19.79
C GLU A 100 -1.11 -7.61 20.84
N PHE A 101 -1.20 -8.73 21.54
CA PHE A 101 -0.18 -9.10 22.56
C PHE A 101 1.20 -9.11 21.93
N PHE A 102 1.34 -9.77 20.79
CA PHE A 102 2.64 -9.82 20.12
C PHE A 102 3.21 -8.45 19.83
N GLU A 103 2.38 -7.55 19.27
CA GLU A 103 2.82 -6.17 18.97
C GLU A 103 3.21 -5.42 20.20
N GLU A 104 2.41 -5.54 21.25
CA GLU A 104 2.76 -4.82 22.48
C GLU A 104 4.01 -5.35 23.19
N ALA A 105 4.13 -6.68 23.29
CA ALA A 105 5.40 -7.20 23.79
C ALA A 105 6.61 -6.74 22.97
N SER A 106 6.48 -6.77 21.64
CA SER A 106 7.61 -6.40 20.80
C SER A 106 8.00 -4.93 21.01
N ALA A 107 7.02 -4.08 21.21
CA ALA A 107 7.28 -2.66 21.57
C ALA A 107 8.07 -2.55 22.88
N ALA A 108 7.91 -3.52 23.82
CA ALA A 108 8.71 -3.59 25.05
C ALA A 108 10.14 -4.12 24.92
N GLY A 109 10.47 -4.50 23.70
CA GLY A 109 11.70 -5.16 23.43
C GLY A 109 11.68 -6.67 23.51
N LEU A 110 10.49 -7.22 23.70
CA LEU A 110 10.32 -8.68 23.95
C LEU A 110 9.74 -9.33 22.72
N VAL A 111 10.61 -9.66 21.78
CA VAL A 111 10.15 -10.17 20.47
C VAL A 111 10.65 -11.53 20.16
N TYR A 112 11.95 -11.75 20.39
CA TYR A 112 12.55 -13.04 20.23
C TYR A 112 12.81 -13.71 21.58
N GLY A 113 12.46 -14.98 21.66
CA GLY A 113 12.57 -15.64 22.96
C GLY A 113 11.90 -16.97 23.00
N LEU A 114 11.83 -17.51 24.24
CA LEU A 114 11.16 -18.79 24.51
C LEU A 114 10.68 -18.78 25.94
N THR A 115 9.76 -19.69 26.23
CA THR A 115 9.19 -19.85 27.53
C THR A 115 9.36 -21.33 27.87
N MET A 116 10.01 -21.58 29.02
CA MET A 116 10.09 -22.94 29.58
C MET A 116 9.01 -23.14 30.65
N PRO A 117 8.07 -24.06 30.46
CA PRO A 117 7.08 -24.31 31.53
C PRO A 117 7.72 -24.86 32.79
N LEU A 118 7.14 -24.48 33.94
CA LEU A 118 7.65 -24.95 35.24
C LEU A 118 6.54 -25.71 35.91
N HIS A 119 6.81 -26.97 36.24
CA HIS A 119 5.88 -27.76 37.03
C HIS A 119 6.61 -28.38 38.22
N GLY A 120 6.35 -27.82 39.41
CA GLY A 120 7.12 -28.20 40.60
C GLY A 120 6.56 -29.46 41.28
N ALA A 121 7.37 -29.96 42.19
CA ALA A 121 7.10 -31.22 42.91
C ALA A 121 5.94 -31.11 43.84
N ARG A 122 5.67 -29.89 44.33
CA ARG A 122 4.48 -29.66 45.11
C ARG A 122 3.30 -28.99 44.40
N GLY A 123 3.22 -29.14 43.09
CA GLY A 123 2.12 -28.65 42.34
C GLY A 123 2.26 -27.22 41.85
N GLU A 124 3.39 -26.62 42.10
CA GLU A 124 3.68 -25.23 41.61
C GLU A 124 3.57 -25.18 40.07
N LEU A 125 3.04 -24.08 39.56
CA LEU A 125 2.88 -23.86 38.14
C LEU A 125 3.54 -22.54 37.79
N GLY A 126 4.38 -22.55 36.81
CA GLY A 126 5.08 -21.32 36.40
C GLY A 126 5.68 -21.36 35.00
N ALA A 127 6.59 -20.41 34.81
CA ALA A 127 7.26 -20.25 33.55
C ALA A 127 8.59 -19.56 33.78
N LEU A 128 9.59 -19.95 33.04
CA LEU A 128 10.77 -19.16 32.88
C LEU A 128 10.84 -18.70 31.44
N SER A 129 10.74 -17.40 31.27
CA SER A 129 10.64 -16.80 29.94
C SER A 129 11.93 -16.04 29.74
N LEU A 130 12.57 -16.22 28.59
CA LEU A 130 13.81 -15.51 28.33
C LEU A 130 13.76 -14.86 26.95
N SER A 131 14.18 -13.62 26.89
CA SER A 131 14.21 -12.95 25.61
C SER A 131 15.65 -12.75 25.16
N VAL A 132 15.88 -12.79 23.85
CA VAL A 132 17.19 -12.54 23.31
C VAL A 132 17.21 -11.29 22.43
N GLU A 133 18.19 -10.44 22.69
CA GLU A 133 18.53 -9.27 21.83
C GLU A 133 19.21 -9.84 20.58
N ALA A 134 18.54 -9.78 19.46
CA ALA A 134 19.10 -10.24 18.20
C ALA A 134 18.70 -9.29 17.07
N GLU A 135 19.42 -9.38 15.97
CA GLU A 135 19.17 -8.52 14.84
C GLU A 135 18.00 -9.00 14.07
N ASN A 136 17.63 -10.27 14.24
CA ASN A 136 16.45 -10.79 13.57
C ASN A 136 16.13 -12.15 14.11
N ARG A 137 15.01 -12.69 13.68
CA ARG A 137 14.48 -13.92 14.32
C ARG A 137 15.33 -15.09 13.95
N ALA A 138 15.77 -15.12 12.70
CA ALA A 138 16.63 -16.24 12.28
C ALA A 138 17.91 -16.34 13.17
N GLU A 139 18.59 -15.21 13.42
CA GLU A 139 19.76 -15.15 14.30
C GLU A 139 19.39 -15.63 15.72
N ALA A 140 18.26 -15.14 16.20
CA ALA A 140 17.77 -15.51 17.56
C ALA A 140 17.55 -17.01 17.69
N ASN A 141 16.95 -17.60 16.69
CA ASN A 141 16.67 -19.01 16.73
C ASN A 141 17.96 -19.85 16.68
N ARG A 142 18.94 -19.43 15.87
CA ARG A 142 20.29 -20.04 15.85
C ARG A 142 20.92 -20.01 17.24
N PHE A 143 20.83 -18.86 17.89
CA PHE A 143 21.36 -18.71 19.19
C PHE A 143 20.64 -19.67 20.22
N MET A 144 19.32 -19.64 20.26
CA MET A 144 18.55 -20.38 21.27
C MET A 144 18.75 -21.86 21.06
N GLU A 145 18.73 -22.34 19.83
CA GLU A 145 19.09 -23.77 19.58
C GLU A 145 20.46 -24.16 20.17
N SER A 146 21.43 -23.27 20.04
CA SER A 146 22.82 -23.52 20.48
C SER A 146 22.95 -23.62 22.02
N VAL A 147 22.07 -22.98 22.79
CA VAL A 147 22.16 -23.01 24.24
C VAL A 147 21.02 -23.82 24.91
N LEU A 148 20.12 -24.38 24.13
CA LEU A 148 18.91 -25.03 24.64
C LEU A 148 19.17 -26.05 25.72
N PRO A 149 20.22 -26.89 25.57
CA PRO A 149 20.40 -27.91 26.61
C PRO A 149 20.78 -27.32 27.97
N THR A 150 21.61 -26.27 27.97
CA THR A 150 21.92 -25.57 29.20
C THR A 150 20.67 -24.90 29.81
N LEU A 151 19.84 -24.26 28.96
CA LEU A 151 18.62 -23.63 29.44
C LEU A 151 17.65 -24.63 30.03
N TRP A 152 17.60 -25.80 29.41
CA TRP A 152 16.69 -26.85 29.87
C TRP A 152 17.03 -27.34 31.30
N MET A 153 18.31 -27.41 31.65
CA MET A 153 18.70 -27.74 33.02
C MET A 153 18.45 -26.55 33.91
N LEU A 154 18.81 -25.34 33.42
CA LEU A 154 18.66 -24.12 34.20
C LEU A 154 17.24 -23.93 34.70
N LYS A 155 16.25 -24.15 33.85
CA LYS A 155 14.88 -23.90 34.25
C LYS A 155 14.44 -24.76 35.44
N ASP A 156 14.95 -25.99 35.50
CA ASP A 156 14.67 -26.86 36.63
C ASP A 156 15.43 -26.46 37.90
N TYR A 157 16.67 -26.07 37.78
CA TYR A 157 17.39 -25.51 38.98
C TYR A 157 16.68 -24.27 39.52
N ALA A 158 16.24 -23.38 38.60
CA ALA A 158 15.53 -22.18 39.00
C ALA A 158 14.20 -22.46 39.69
N LEU A 159 13.48 -23.46 39.16
CA LEU A 159 12.26 -23.86 39.73
C LEU A 159 12.48 -24.41 41.20
N GLN A 160 13.42 -25.32 41.32
CA GLN A 160 13.70 -26.00 42.56
C GLN A 160 14.05 -24.94 43.61
N SER A 161 14.99 -24.08 43.25
CA SER A 161 15.38 -22.98 44.19
C SER A 161 14.25 -21.98 44.42
N GLY A 162 13.65 -21.50 43.32
CA GLY A 162 12.65 -20.44 43.38
C GLY A 162 11.34 -20.80 44.06
N ALA A 163 10.90 -22.05 43.94
CA ALA A 163 9.71 -22.47 44.66
C ALA A 163 9.88 -22.44 46.20
N GLY A 164 11.06 -22.68 46.67
CA GLY A 164 11.41 -22.57 48.07
C GLY A 164 11.32 -21.10 48.45
N LEU A 165 12.01 -20.25 47.68
CA LEU A 165 12.02 -18.79 47.92
C LEU A 165 10.59 -18.25 47.99
N ALA A 166 9.75 -18.69 47.06
CA ALA A 166 8.40 -18.21 46.92
C ALA A 166 7.43 -18.65 48.02
N PHE A 167 7.42 -19.92 48.34
CA PHE A 167 6.32 -20.49 49.11
C PHE A 167 6.70 -21.22 50.44
N GLU A 168 7.94 -21.56 50.65
CA GLU A 168 8.39 -22.25 51.86
C GLU A 168 8.58 -21.25 53.01
N LEU B 3 0.22 -10.18 -33.09
CA LEU B 3 -1.18 -9.94 -32.63
C LEU B 3 -1.37 -10.25 -31.17
N VAL B 4 -0.83 -11.40 -30.77
CA VAL B 4 -1.00 -11.92 -29.42
C VAL B 4 -0.64 -10.87 -28.36
N ASP B 5 0.49 -10.20 -28.55
CA ASP B 5 0.94 -9.15 -27.65
C ASP B 5 -0.11 -8.02 -27.63
N GLY B 6 -0.63 -7.69 -28.82
CA GLY B 6 -1.68 -6.72 -28.95
C GLY B 6 -2.90 -7.09 -28.15
N PHE B 7 -3.36 -8.36 -28.28
CA PHE B 7 -4.47 -8.81 -27.49
C PHE B 7 -4.16 -8.66 -25.97
N LEU B 8 -2.95 -9.04 -25.57
CA LEU B 8 -2.58 -8.98 -24.13
C LEU B 8 -2.55 -7.52 -23.59
N GLU B 9 -2.10 -6.60 -24.44
CA GLU B 9 -2.19 -5.15 -24.19
C GLU B 9 -3.61 -4.67 -24.03
N LEU B 10 -4.48 -5.11 -24.94
CA LEU B 10 -5.89 -4.82 -24.83
C LEU B 10 -6.44 -5.37 -23.53
N GLU B 11 -6.04 -6.56 -23.17
CA GLU B 11 -6.63 -7.16 -21.97
C GLU B 11 -6.11 -6.49 -20.71
N ARG B 12 -4.90 -5.97 -20.81
CA ARG B 12 -4.24 -5.20 -19.72
C ARG B 12 -4.68 -3.75 -19.60
N SER B 13 -5.48 -3.24 -20.55
CA SER B 13 -5.76 -1.82 -20.60
C SER B 13 -6.82 -1.47 -19.59
N SER B 14 -6.85 -0.23 -19.17
CA SER B 14 -7.88 0.18 -18.27
C SER B 14 -8.67 1.18 -19.05
N GLY B 15 -9.91 0.86 -19.30
CA GLY B 15 -10.86 1.75 -19.88
C GLY B 15 -10.91 1.71 -21.41
N LYS B 16 -12.02 2.27 -21.88
CA LYS B 16 -12.31 2.36 -23.28
C LYS B 16 -11.30 3.20 -24.03
N LEU B 17 -10.85 4.35 -23.44
CA LEU B 17 -9.93 5.14 -24.15
C LEU B 17 -8.64 4.40 -24.47
N GLU B 18 -8.01 3.77 -23.51
CA GLU B 18 -6.80 3.03 -23.76
C GLU B 18 -7.04 1.87 -24.74
N TRP B 19 -8.15 1.17 -24.51
CA TRP B 19 -8.53 0.01 -25.39
C TRP B 19 -8.63 0.52 -26.88
N SER B 20 -9.31 1.64 -27.10
CA SER B 20 -9.49 2.16 -28.43
C SER B 20 -8.17 2.57 -29.06
N ALA B 21 -7.28 3.19 -28.27
CA ALA B 21 -5.98 3.57 -28.76
C ALA B 21 -5.15 2.39 -29.21
N ILE B 22 -5.22 1.27 -28.48
CA ILE B 22 -4.47 0.14 -28.85
C ILE B 22 -5.01 -0.51 -30.16
N LEU B 23 -6.31 -0.71 -30.20
CA LEU B 23 -6.95 -1.28 -31.40
C LEU B 23 -6.71 -0.41 -32.63
N GLN B 24 -6.92 0.90 -32.49
CA GLN B 24 -6.64 1.83 -33.62
C GLN B 24 -5.17 1.72 -34.11
N LYS B 25 -4.24 1.55 -33.16
CA LYS B 25 -2.81 1.46 -33.52
C LYS B 25 -2.51 0.14 -34.22
N MET B 26 -3.10 -0.95 -33.73
CA MET B 26 -3.00 -2.24 -34.39
C MET B 26 -3.50 -2.19 -35.85
N ALA B 27 -4.60 -1.50 -36.08
CA ALA B 27 -5.19 -1.43 -37.42
C ALA B 27 -4.31 -0.56 -38.30
N SER B 28 -3.87 0.56 -37.75
CA SER B 28 -3.01 1.48 -38.50
C SER B 28 -1.67 0.81 -38.85
N ASP B 29 -1.10 0.06 -37.89
CA ASP B 29 0.10 -0.75 -38.16
C ASP B 29 -0.08 -1.73 -39.28
N LEU B 30 -1.26 -2.30 -39.37
CA LEU B 30 -1.56 -3.19 -40.46
C LEU B 30 -1.90 -2.47 -41.81
N GLY B 31 -2.05 -1.16 -41.79
CA GLY B 31 -2.24 -0.37 -42.99
C GLY B 31 -3.63 0.24 -43.15
N PHE B 32 -4.49 0.11 -42.15
CA PHE B 32 -5.83 0.76 -42.14
C PHE B 32 -5.86 2.04 -41.34
N SER B 33 -6.33 3.15 -41.98
CA SER B 33 -6.35 4.42 -41.26
C SER B 33 -7.59 4.63 -40.41
N LYS B 34 -8.74 4.01 -40.77
CA LYS B 34 -10.00 4.22 -40.05
C LYS B 34 -10.63 2.89 -39.63
N ILE B 35 -11.16 2.83 -38.42
CA ILE B 35 -11.80 1.65 -37.93
C ILE B 35 -13.02 1.97 -37.07
N LEU B 36 -14.02 1.08 -37.11
CA LEU B 36 -15.10 1.09 -36.17
C LEU B 36 -15.32 -0.36 -35.68
N PHE B 37 -15.30 -0.51 -34.34
CA PHE B 37 -15.68 -1.74 -33.64
C PHE B 37 -17.02 -1.45 -32.93
N GLY B 38 -18.04 -2.18 -33.32
CA GLY B 38 -19.42 -2.05 -32.77
C GLY B 38 -19.89 -3.37 -32.22
N LEU B 39 -20.58 -3.30 -31.06
CA LEU B 39 -21.03 -4.53 -30.43
C LEU B 39 -22.39 -4.27 -29.76
N LEU B 40 -23.31 -5.20 -29.95
CA LEU B 40 -24.65 -5.22 -29.28
C LEU B 40 -24.69 -6.49 -28.41
N PRO B 41 -25.35 -6.39 -27.27
CA PRO B 41 -25.46 -7.60 -26.45
C PRO B 41 -26.53 -8.49 -27.02
N LYS B 42 -26.63 -9.72 -26.51
CA LYS B 42 -27.54 -10.70 -27.01
C LYS B 42 -28.97 -10.22 -27.17
N ASP B 43 -29.51 -10.50 -28.34
CA ASP B 43 -30.89 -10.17 -28.76
C ASP B 43 -31.25 -8.68 -28.91
N SER B 44 -30.31 -7.79 -28.74
CA SER B 44 -30.61 -6.36 -28.99
C SER B 44 -30.57 -6.08 -30.52
N GLN B 45 -31.50 -5.27 -31.02
CA GLN B 45 -31.45 -4.72 -32.36
C GLN B 45 -31.28 -3.18 -32.27
N ASP B 46 -30.74 -2.69 -31.17
CA ASP B 46 -30.73 -1.26 -30.84
C ASP B 46 -29.42 -0.63 -31.30
N TYR B 47 -29.30 -0.49 -32.61
CA TYR B 47 -28.04 -0.03 -33.21
C TYR B 47 -27.61 1.36 -32.74
N GLU B 48 -28.59 2.21 -32.50
CA GLU B 48 -28.32 3.55 -32.00
C GLU B 48 -27.61 3.59 -30.63
N ASN B 49 -27.67 2.52 -29.82
CA ASN B 49 -26.98 2.49 -28.54
C ASN B 49 -26.02 1.34 -28.53
N ALA B 50 -25.40 1.02 -29.68
CA ALA B 50 -24.32 0.03 -29.71
C ALA B 50 -23.12 0.51 -28.94
N PHE B 51 -22.35 -0.38 -28.38
CA PHE B 51 -21.04 -0.06 -27.93
C PHE B 51 -20.15 0.17 -29.12
N ILE B 52 -19.56 1.37 -29.24
CA ILE B 52 -18.79 1.73 -30.43
C ILE B 52 -17.46 2.27 -30.02
N VAL B 53 -16.45 1.77 -30.69
CA VAL B 53 -15.07 2.18 -30.60
C VAL B 53 -14.47 2.54 -31.94
N GLY B 54 -13.67 3.61 -31.96
CA GLY B 54 -12.80 3.81 -33.11
C GLY B 54 -12.65 5.24 -33.50
N ASN B 55 -12.12 5.44 -34.70
CA ASN B 55 -11.75 6.81 -35.16
C ASN B 55 -12.46 7.23 -36.45
N TYR B 56 -13.65 6.70 -36.71
CA TYR B 56 -14.53 7.25 -37.76
C TYR B 56 -14.79 8.70 -37.42
N PRO B 57 -14.86 9.58 -38.45
CA PRO B 57 -15.26 10.98 -38.13
C PRO B 57 -16.50 11.07 -37.29
N ALA B 58 -16.44 11.87 -36.22
CA ALA B 58 -17.63 12.05 -35.42
C ALA B 58 -18.88 12.46 -36.16
N ALA B 59 -18.72 13.42 -37.08
CA ALA B 59 -19.86 13.94 -37.82
C ALA B 59 -20.50 12.83 -38.69
N TRP B 60 -19.70 11.87 -39.18
CA TRP B 60 -20.24 10.69 -39.90
C TRP B 60 -20.99 9.73 -38.96
N ARG B 61 -20.43 9.42 -37.81
CA ARG B 61 -21.19 8.58 -36.82
C ARG B 61 -22.55 9.19 -36.43
N GLU B 62 -22.60 10.51 -36.20
CA GLU B 62 -23.84 11.24 -35.90
C GLU B 62 -24.84 11.18 -37.00
N HIS B 63 -24.36 11.41 -38.23
CA HIS B 63 -25.19 11.34 -39.41
C HIS B 63 -25.77 9.92 -39.56
N TYR B 64 -24.90 8.90 -39.46
CA TYR B 64 -25.35 7.49 -39.50
C TYR B 64 -26.53 7.23 -38.58
N ASP B 65 -26.42 7.69 -37.34
CA ASP B 65 -27.51 7.50 -36.35
C ASP B 65 -28.74 8.33 -36.72
N ARG B 66 -28.54 9.57 -37.09
CA ARG B 66 -29.65 10.45 -37.32
C ARG B 66 -30.40 10.03 -38.55
N ALA B 67 -29.70 9.52 -39.56
CA ALA B 67 -30.33 8.99 -40.79
C ALA B 67 -30.90 7.61 -40.73
N GLY B 68 -30.70 6.91 -39.63
CA GLY B 68 -31.14 5.55 -39.51
C GLY B 68 -30.44 4.60 -40.48
N TYR B 69 -29.15 4.84 -40.73
CA TYR B 69 -28.44 4.05 -41.70
C TYR B 69 -28.19 2.58 -41.34
N ALA B 70 -28.44 2.20 -40.10
CA ALA B 70 -28.39 0.74 -39.77
C ALA B 70 -29.45 -0.04 -40.55
N ARG B 71 -30.50 0.65 -41.01
CA ARG B 71 -31.51 0.04 -41.86
C ARG B 71 -31.18 0.03 -43.34
N VAL B 72 -30.09 0.68 -43.75
CA VAL B 72 -29.70 0.81 -45.16
C VAL B 72 -28.34 0.15 -45.46
N ASP B 73 -27.36 0.46 -44.61
CA ASP B 73 -26.00 -0.13 -44.70
C ASP B 73 -26.12 -1.59 -44.99
N PRO B 74 -25.62 -2.04 -46.13
CA PRO B 74 -25.73 -3.47 -46.43
C PRO B 74 -24.91 -4.41 -45.53
N THR B 75 -23.91 -3.86 -44.83
CA THR B 75 -23.05 -4.72 -44.04
C THR B 75 -23.83 -5.17 -42.80
N VAL B 76 -24.85 -4.43 -42.37
CA VAL B 76 -25.59 -4.77 -41.15
C VAL B 76 -26.38 -6.06 -41.31
N SER B 77 -27.16 -6.16 -42.36
CA SER B 77 -27.93 -7.39 -42.62
C SER B 77 -26.96 -8.53 -42.89
N HIS B 78 -25.86 -8.31 -43.62
CA HIS B 78 -24.86 -9.32 -43.80
C HIS B 78 -24.32 -9.90 -42.42
N CYS B 79 -23.91 -9.02 -41.53
CA CYS B 79 -23.45 -9.48 -40.19
C CYS B 79 -24.47 -10.36 -39.44
N THR B 80 -25.78 -10.14 -39.58
CA THR B 80 -26.78 -10.96 -38.89
C THR B 80 -26.90 -12.33 -39.49
N GLN B 81 -26.36 -12.53 -40.69
CA GLN B 81 -26.46 -13.76 -41.45
C GLN B 81 -25.18 -14.58 -41.60
N SER B 82 -24.02 -14.01 -41.27
CA SER B 82 -22.76 -14.63 -41.67
C SER B 82 -21.65 -14.33 -40.67
N VAL B 83 -20.70 -15.19 -40.69
CA VAL B 83 -19.42 -14.96 -40.00
C VAL B 83 -18.28 -14.51 -40.93
N LEU B 84 -18.53 -14.44 -42.23
CA LEU B 84 -17.46 -14.17 -43.21
C LEU B 84 -17.42 -12.69 -43.50
N PRO B 85 -16.27 -12.18 -43.85
CA PRO B 85 -16.17 -10.75 -44.20
C PRO B 85 -17.02 -10.35 -45.39
N ILE B 86 -17.53 -9.14 -45.36
CA ILE B 86 -18.12 -8.42 -46.55
C ILE B 86 -17.19 -7.24 -46.91
N PHE B 87 -16.58 -7.37 -48.09
CA PHE B 87 -15.81 -6.32 -48.68
C PHE B 87 -16.71 -5.25 -49.24
N TRP B 88 -16.23 -4.01 -49.24
CA TRP B 88 -17.03 -2.85 -49.65
C TRP B 88 -16.99 -2.71 -51.18
N GLU B 89 -17.51 -3.74 -51.79
CA GLU B 89 -17.57 -3.84 -53.25
C GLU B 89 -18.79 -3.14 -53.78
N PRO B 90 -18.66 -2.61 -55.03
CA PRO B 90 -19.82 -1.89 -55.52
C PRO B 90 -21.10 -2.66 -55.61
N SER B 91 -21.03 -3.99 -55.80
CA SER B 91 -22.23 -4.82 -55.88
C SER B 91 -23.01 -4.92 -54.56
N ILE B 92 -22.43 -4.51 -53.41
CA ILE B 92 -23.24 -4.54 -52.19
C ILE B 92 -24.21 -3.38 -52.02
N TYR B 93 -24.03 -2.31 -52.83
CA TYR B 93 -24.88 -1.18 -52.72
C TYR B 93 -25.93 -1.29 -53.85
N GLN B 94 -27.10 -1.80 -53.49
CA GLN B 94 -28.11 -2.21 -54.47
C GLN B 94 -29.26 -1.24 -54.64
N THR B 95 -29.80 -0.74 -53.55
CA THR B 95 -30.93 0.19 -53.66
C THR B 95 -30.41 1.58 -53.84
N ARG B 96 -31.29 2.48 -54.24
CA ARG B 96 -30.92 3.88 -54.32
C ARG B 96 -30.51 4.46 -52.96
N LYS B 97 -31.18 4.05 -51.89
CA LYS B 97 -30.77 4.49 -50.57
C LYS B 97 -29.33 4.02 -50.24
N GLN B 98 -28.98 2.84 -50.72
CA GLN B 98 -27.64 2.31 -50.46
C GLN B 98 -26.62 3.02 -51.33
N HIS B 99 -27.02 3.40 -52.56
CA HIS B 99 -26.19 4.28 -53.38
C HIS B 99 -25.87 5.57 -52.70
N GLU B 100 -26.85 6.16 -52.04
CA GLU B 100 -26.66 7.40 -51.30
C GLU B 100 -25.77 7.17 -50.10
N PHE B 101 -26.01 6.05 -49.41
CA PHE B 101 -25.17 5.68 -48.24
C PHE B 101 -23.73 5.63 -48.68
N PHE B 102 -23.47 4.95 -49.80
CA PHE B 102 -22.14 4.91 -50.39
C PHE B 102 -21.46 6.30 -50.63
N GLU B 103 -22.22 7.20 -51.27
CA GLU B 103 -21.78 8.55 -51.51
C GLU B 103 -21.42 9.32 -50.27
N GLU B 104 -22.27 9.17 -49.25
CA GLU B 104 -22.10 9.90 -47.99
C GLU B 104 -20.92 9.36 -47.20
N ALA B 105 -20.78 8.03 -47.11
CA ALA B 105 -19.63 7.43 -46.49
C ALA B 105 -18.34 7.81 -47.22
N SER B 106 -18.39 7.88 -48.55
CA SER B 106 -17.23 8.21 -49.32
C SER B 106 -16.85 9.66 -49.01
N ALA B 107 -17.83 10.52 -48.83
CA ALA B 107 -17.59 11.92 -48.49
C ALA B 107 -16.83 12.05 -47.15
N ALA B 108 -17.08 11.10 -46.22
CA ALA B 108 -16.34 10.99 -44.93
C ALA B 108 -14.99 10.33 -45.01
N GLY B 109 -14.58 9.93 -46.21
CA GLY B 109 -13.30 9.26 -46.39
C GLY B 109 -13.40 7.75 -46.33
N LEU B 110 -14.59 7.20 -46.26
CA LEU B 110 -14.77 5.77 -46.08
C LEU B 110 -15.30 5.21 -47.35
N VAL B 111 -14.39 4.78 -48.23
CA VAL B 111 -14.75 4.24 -49.53
C VAL B 111 -14.31 2.81 -49.73
N TYR B 112 -13.06 2.52 -49.36
CA TYR B 112 -12.52 1.19 -49.52
C TYR B 112 -12.35 0.51 -48.18
N GLY B 113 -12.71 -0.76 -48.07
CA GLY B 113 -12.59 -1.41 -46.78
C GLY B 113 -13.36 -2.68 -46.77
N LEU B 114 -13.53 -3.18 -45.53
CA LEU B 114 -14.29 -4.41 -45.29
C LEU B 114 -14.92 -4.35 -43.92
N THR B 115 -15.93 -5.19 -43.74
CA THR B 115 -16.60 -5.37 -42.43
C THR B 115 -16.56 -6.83 -42.05
N MET B 116 -15.95 -7.10 -40.87
CA MET B 116 -15.92 -8.47 -40.32
C MET B 116 -17.01 -8.65 -39.30
N PRO B 117 -17.98 -9.51 -39.57
CA PRO B 117 -19.03 -9.72 -38.55
C PRO B 117 -18.37 -10.25 -37.25
N LEU B 118 -19.00 -9.95 -36.10
CA LEU B 118 -18.59 -10.46 -34.80
C LEU B 118 -19.79 -11.18 -34.19
N HIS B 119 -19.54 -12.42 -33.79
CA HIS B 119 -20.55 -13.26 -33.12
C HIS B 119 -19.91 -13.87 -31.86
N GLY B 120 -20.21 -13.29 -30.71
CA GLY B 120 -19.53 -13.72 -29.47
C GLY B 120 -20.10 -14.99 -28.87
N ALA B 121 -19.39 -15.46 -27.87
CA ALA B 121 -19.72 -16.71 -27.18
C ALA B 121 -21.01 -16.59 -26.30
N ARG B 122 -21.38 -15.35 -25.94
CA ARG B 122 -22.59 -15.00 -25.20
C ARG B 122 -23.70 -14.32 -26.02
N GLY B 123 -23.64 -14.50 -27.34
CA GLY B 123 -24.69 -14.02 -28.21
C GLY B 123 -24.49 -12.58 -28.64
N GLU B 124 -23.32 -12.01 -28.39
CA GLU B 124 -23.02 -10.60 -28.75
C GLU B 124 -23.01 -10.57 -30.28
N LEU B 125 -23.48 -9.48 -30.86
CA LEU B 125 -23.56 -9.28 -32.31
C LEU B 125 -22.79 -8.00 -32.59
N GLY B 126 -21.87 -8.01 -33.54
CA GLY B 126 -21.10 -6.79 -33.73
C GLY B 126 -20.50 -6.76 -35.12
N ALA B 127 -19.62 -5.80 -35.32
CA ALA B 127 -18.87 -5.66 -36.54
C ALA B 127 -17.53 -5.00 -36.25
N LEU B 128 -16.48 -5.46 -36.93
CA LEU B 128 -15.24 -4.68 -37.01
C LEU B 128 -15.09 -4.21 -38.46
N SER B 129 -15.14 -2.91 -38.68
CA SER B 129 -15.03 -2.33 -40.03
C SER B 129 -13.70 -1.62 -40.08
N LEU B 130 -12.98 -1.83 -41.17
CA LEU B 130 -11.64 -1.30 -41.39
C LEU B 130 -11.60 -0.67 -42.80
N SER B 131 -11.19 0.58 -42.86
CA SER B 131 -11.07 1.24 -44.18
C SER B 131 -9.65 1.52 -44.48
N VAL B 132 -9.32 1.50 -45.78
CA VAL B 132 -7.98 1.75 -46.25
C VAL B 132 -8.04 2.91 -47.27
N GLU B 133 -6.99 3.72 -47.19
CA GLU B 133 -6.80 4.81 -48.13
C GLU B 133 -6.03 4.19 -49.33
N ALA B 134 -6.57 4.33 -50.56
CA ALA B 134 -5.90 3.83 -51.71
C ALA B 134 -6.25 4.68 -52.94
N GLU B 135 -5.51 4.47 -54.01
CA GLU B 135 -5.65 5.27 -55.25
C GLU B 135 -6.86 4.79 -56.07
N ASN B 136 -7.27 3.54 -55.88
CA ASN B 136 -8.44 2.95 -56.53
C ASN B 136 -8.76 1.63 -55.86
N ARG B 137 -9.91 1.06 -56.23
CA ARG B 137 -10.40 -0.12 -55.52
C ARG B 137 -9.54 -1.31 -55.80
N ALA B 138 -9.00 -1.37 -57.00
CA ALA B 138 -8.12 -2.48 -57.31
C ALA B 138 -6.88 -2.53 -56.38
N GLU B 139 -6.31 -1.36 -56.10
CA GLU B 139 -5.15 -1.24 -55.21
C GLU B 139 -5.62 -1.62 -53.79
N ALA B 140 -6.76 -1.09 -53.38
CA ALA B 140 -7.29 -1.42 -52.04
C ALA B 140 -7.51 -2.92 -51.89
N ASN B 141 -8.05 -3.60 -52.90
CA ASN B 141 -8.29 -5.06 -52.82
C ASN B 141 -7.01 -5.87 -52.75
N ARG B 142 -5.99 -5.48 -53.50
CA ARG B 142 -4.70 -6.15 -53.41
C ARG B 142 -4.13 -5.99 -52.03
N PHE B 143 -4.19 -4.79 -51.45
CA PHE B 143 -3.67 -4.58 -50.11
C PHE B 143 -4.45 -5.43 -49.12
N MET B 144 -5.81 -5.35 -49.17
CA MET B 144 -6.66 -6.14 -48.25
C MET B 144 -6.42 -7.63 -48.32
N GLU B 145 -6.32 -8.16 -49.55
CA GLU B 145 -5.99 -9.60 -49.67
C GLU B 145 -4.65 -9.93 -48.95
N SER B 146 -3.64 -9.06 -49.03
CA SER B 146 -2.32 -9.35 -48.49
C SER B 146 -2.29 -9.42 -46.93
N VAL B 147 -3.24 -8.77 -46.25
CA VAL B 147 -3.29 -8.77 -44.79
C VAL B 147 -4.51 -9.53 -44.23
N LEU B 148 -5.31 -10.09 -45.11
CA LEU B 148 -6.58 -10.71 -44.72
C LEU B 148 -6.43 -11.75 -43.60
N PRO B 149 -5.46 -12.66 -43.70
CA PRO B 149 -5.32 -13.64 -42.61
C PRO B 149 -5.04 -13.01 -41.26
N THR B 150 -4.25 -11.95 -41.21
CA THR B 150 -3.99 -11.24 -39.97
C THR B 150 -5.24 -10.55 -39.44
N LEU B 151 -5.97 -9.87 -40.33
CA LEU B 151 -7.26 -9.24 -39.92
C LEU B 151 -8.26 -10.24 -39.37
N TRP B 152 -8.27 -11.41 -39.96
CA TRP B 152 -9.20 -12.44 -39.58
C TRP B 152 -8.96 -12.90 -38.15
N MET B 153 -7.70 -13.01 -37.74
CA MET B 153 -7.44 -13.32 -36.34
C MET B 153 -7.74 -12.13 -35.46
N LEU B 154 -7.37 -10.92 -35.95
CA LEU B 154 -7.58 -9.70 -35.15
C LEU B 154 -9.04 -9.49 -34.73
N LYS B 155 -10.00 -9.71 -35.64
CA LYS B 155 -11.39 -9.45 -35.31
C LYS B 155 -11.86 -10.33 -34.14
N ASP B 156 -11.39 -11.58 -34.07
CA ASP B 156 -11.76 -12.45 -32.97
C ASP B 156 -11.05 -12.04 -31.63
N TYR B 157 -9.82 -11.60 -31.70
CA TYR B 157 -9.17 -11.07 -30.47
C TYR B 157 -9.88 -9.84 -29.98
N ALA B 158 -10.28 -8.98 -30.90
CA ALA B 158 -10.97 -7.74 -30.52
C ALA B 158 -12.35 -8.02 -29.91
N LEU B 159 -13.06 -8.97 -30.48
CA LEU B 159 -14.33 -9.35 -29.98
C LEU B 159 -14.23 -9.90 -28.53
N GLN B 160 -13.35 -10.84 -28.35
CA GLN B 160 -13.21 -11.51 -27.04
C GLN B 160 -12.81 -10.52 -25.99
N SER B 161 -11.88 -9.62 -26.31
CA SER B 161 -11.53 -8.54 -25.34
C SER B 161 -12.68 -7.52 -25.16
N GLY B 162 -13.24 -7.04 -26.27
CA GLY B 162 -14.15 -5.94 -26.22
C GLY B 162 -15.49 -6.29 -25.64
N ALA B 163 -15.91 -7.55 -25.78
CA ALA B 163 -17.17 -7.95 -25.20
C ALA B 163 -17.22 -7.75 -23.64
N GLY B 164 -16.13 -8.08 -23.02
CA GLY B 164 -16.01 -7.89 -21.58
C GLY B 164 -15.97 -6.42 -21.22
N LEU B 165 -15.26 -5.63 -22.04
CA LEU B 165 -15.24 -4.18 -21.84
C LEU B 165 -16.61 -3.57 -21.94
N ALA B 166 -17.39 -4.00 -22.92
CA ALA B 166 -18.74 -3.47 -23.12
C ALA B 166 -19.79 -3.82 -22.06
N PHE B 167 -19.84 -5.09 -21.68
CA PHE B 167 -21.01 -5.71 -21.11
C PHE B 167 -20.83 -6.26 -19.68
N GLU B 168 -19.56 -6.29 -19.23
CA GLU B 168 -19.14 -6.85 -17.90
C GLU B 168 -18.52 -5.82 -16.89
N LEU C 3 17.63 -36.52 19.29
CA LEU C 3 16.68 -36.51 20.46
C LEU C 3 15.31 -36.14 19.96
N VAL C 4 15.22 -35.00 19.27
CA VAL C 4 13.96 -34.48 18.77
C VAL C 4 13.31 -35.53 17.84
N ASP C 5 14.11 -36.09 16.95
CA ASP C 5 13.65 -37.17 16.04
C ASP C 5 13.13 -38.36 16.84
N GLY C 6 13.76 -38.69 17.99
CA GLY C 6 13.24 -39.72 18.89
C GLY C 6 11.89 -39.36 19.49
N PHE C 7 11.74 -38.14 19.96
CA PHE C 7 10.44 -37.66 20.48
C PHE C 7 9.33 -37.82 19.42
N LEU C 8 9.63 -37.41 18.19
CA LEU C 8 8.68 -37.55 17.09
C LEU C 8 8.36 -39.00 16.78
N GLU C 9 9.35 -39.88 16.89
CA GLU C 9 9.06 -41.35 16.79
C GLU C 9 8.15 -41.87 17.89
N LEU C 10 8.40 -41.43 19.12
CA LEU C 10 7.52 -41.74 20.19
C LEU C 10 6.11 -41.27 19.90
N GLU C 11 5.98 -40.06 19.37
CA GLU C 11 4.66 -39.46 19.10
C GLU C 11 4.02 -40.00 17.82
N ARG C 12 4.71 -40.92 17.14
CA ARG C 12 4.09 -41.63 15.99
C ARG C 12 4.00 -43.08 16.25
N SER C 13 4.27 -43.51 17.49
CA SER C 13 4.24 -44.88 17.85
C SER C 13 2.80 -45.34 18.10
N SER C 14 2.60 -46.65 17.99
CA SER C 14 1.29 -47.19 18.27
C SER C 14 1.46 -48.30 19.24
N GLY C 15 0.99 -48.03 20.44
CA GLY C 15 0.92 -48.97 21.57
C GLY C 15 2.09 -48.81 22.55
N LYS C 16 1.91 -49.41 23.70
CA LYS C 16 2.93 -49.38 24.73
C LYS C 16 4.21 -50.09 24.30
N LEU C 17 4.08 -51.25 23.66
CA LEU C 17 5.30 -51.95 23.23
C LEU C 17 6.22 -51.16 22.35
N GLU C 18 5.68 -50.51 21.33
CA GLU C 18 6.54 -49.77 20.42
C GLU C 18 7.17 -48.55 21.17
N TRP C 19 6.34 -47.86 21.92
CA TRP C 19 6.80 -46.66 22.63
C TRP C 19 7.96 -47.07 23.55
N SER C 20 7.82 -48.21 24.23
CA SER C 20 8.86 -48.69 25.12
C SER C 20 10.14 -49.04 24.37
N ALA C 21 9.98 -49.68 23.23
CA ALA C 21 11.10 -49.99 22.37
C ALA C 21 11.92 -48.79 21.93
N ILE C 22 11.22 -47.72 21.54
CA ILE C 22 11.82 -46.50 21.13
C ILE C 22 12.55 -45.88 22.31
N LEU C 23 11.90 -45.76 23.43
CA LEU C 23 12.56 -45.09 24.58
C LEU C 23 13.80 -45.87 24.99
N GLN C 24 13.68 -47.20 25.06
CA GLN C 24 14.80 -48.02 25.43
C GLN C 24 15.99 -47.83 24.49
N LYS C 25 15.70 -47.67 23.21
CA LYS C 25 16.75 -47.55 22.20
C LYS C 25 17.42 -46.16 22.33
N MET C 26 16.63 -45.12 22.66
CA MET C 26 17.20 -43.84 22.89
C MET C 26 18.17 -43.90 24.06
N ALA C 27 17.77 -44.58 25.12
CA ALA C 27 18.62 -44.67 26.28
C ALA C 27 19.86 -45.46 25.98
N SER C 28 19.71 -46.60 25.28
CA SER C 28 20.86 -47.42 24.85
C SER C 28 21.79 -46.65 23.97
N ASP C 29 21.24 -45.89 23.02
CA ASP C 29 22.11 -45.10 22.14
C ASP C 29 22.83 -44.03 22.90
N LEU C 30 22.29 -43.53 24.02
CA LEU C 30 23.01 -42.56 24.80
C LEU C 30 24.08 -43.22 25.69
N GLY C 31 23.97 -44.53 25.89
CA GLY C 31 25.01 -45.33 26.58
C GLY C 31 24.53 -45.92 27.92
N PHE C 32 23.24 -45.87 28.20
CA PHE C 32 22.66 -46.50 29.41
C PHE C 32 22.31 -47.91 29.06
N SER C 33 22.17 -48.79 30.01
CA SER C 33 21.83 -50.16 29.64
C SER C 33 20.39 -50.45 30.04
N LYS C 34 20.00 -50.19 31.26
CA LYS C 34 18.64 -50.50 31.70
C LYS C 34 17.89 -49.21 32.08
N ILE C 35 16.59 -49.16 31.81
CA ILE C 35 15.79 -48.04 32.16
C ILE C 35 14.44 -48.43 32.76
N LEU C 36 13.90 -47.57 33.59
CA LEU C 36 12.54 -47.71 34.07
C LEU C 36 11.91 -46.34 34.03
N PHE C 37 10.78 -46.24 33.32
CA PHE C 37 9.98 -45.05 33.27
C PHE C 37 8.70 -45.41 34.01
N GLY C 38 8.37 -44.66 35.03
CA GLY C 38 7.18 -44.88 35.79
C GLY C 38 6.37 -43.61 35.94
N LEU C 39 5.05 -43.74 35.86
CA LEU C 39 4.18 -42.59 36.03
C LEU C 39 2.91 -42.99 36.72
N LEU C 40 2.48 -42.11 37.63
CA LEU C 40 1.20 -42.12 38.29
C LEU C 40 0.36 -40.90 37.96
N PRO C 41 -0.95 -41.08 37.85
CA PRO C 41 -1.83 -39.90 37.74
C PRO C 41 -1.81 -39.02 38.99
N LYS C 42 -2.32 -37.79 38.85
CA LYS C 42 -2.38 -36.79 39.91
C LYS C 42 -3.00 -37.40 41.14
N ASP C 43 -2.35 -37.20 42.29
CA ASP C 43 -2.82 -37.55 43.64
C ASP C 43 -2.95 -39.05 43.89
N SER C 44 -2.28 -39.86 43.09
CA SER C 44 -2.18 -41.28 43.38
C SER C 44 -0.88 -41.52 44.17
N GLN C 45 -0.94 -42.48 45.08
CA GLN C 45 0.27 -43.05 45.65
C GLN C 45 0.21 -44.56 45.48
N ASP C 46 -0.44 -45.01 44.40
CA ASP C 46 -0.62 -46.40 44.17
C ASP C 46 0.57 -46.92 43.34
N TYR C 47 1.80 -46.88 43.89
CA TYR C 47 3.02 -47.29 43.12
C TYR C 47 2.93 -48.68 42.51
N GLU C 48 2.23 -49.55 43.19
CA GLU C 48 2.03 -50.97 42.78
C GLU C 48 1.23 -51.03 41.44
N ASN C 49 0.46 -49.97 41.14
CA ASN C 49 -0.27 -49.87 39.86
C ASN C 49 0.09 -48.69 38.95
N ALA C 50 1.37 -48.28 39.02
CA ALA C 50 1.93 -47.24 38.15
C ALA C 50 2.03 -47.74 36.73
N PHE C 51 1.93 -46.82 35.78
CA PHE C 51 2.32 -47.08 34.38
C PHE C 51 3.86 -47.18 34.36
N ILE C 52 4.35 -48.36 34.01
CA ILE C 52 5.75 -48.68 34.04
C ILE C 52 6.19 -49.22 32.71
N VAL C 53 7.27 -48.66 32.20
CA VAL C 53 7.87 -49.01 30.93
C VAL C 53 9.35 -49.30 31.19
N GLY C 54 9.89 -50.30 30.51
CA GLY C 54 11.35 -50.43 30.40
C GLY C 54 11.80 -51.86 30.48
N ASN C 55 13.07 -52.03 30.82
CA ASN C 55 13.76 -53.33 30.67
C ASN C 55 14.48 -53.78 31.94
N TYR C 56 14.05 -53.29 33.09
CA TYR C 56 14.53 -53.80 34.33
C TYR C 56 14.16 -55.33 34.38
N PRO C 57 15.04 -56.15 34.95
CA PRO C 57 14.67 -57.58 35.14
C PRO C 57 13.29 -57.76 35.72
N ALA C 58 12.49 -58.63 35.13
CA ALA C 58 11.12 -58.84 35.61
C ALA C 58 11.06 -59.29 37.08
N ALA C 59 11.96 -60.18 37.46
CA ALA C 59 11.94 -60.69 38.84
C ALA C 59 12.28 -59.57 39.86
N TRP C 60 13.09 -58.61 39.41
CA TRP C 60 13.42 -57.40 40.23
C TRP C 60 12.18 -56.49 40.40
N ARG C 61 11.48 -56.21 39.30
CA ARG C 61 10.21 -55.49 39.40
C ARG C 61 9.20 -56.15 40.34
N GLU C 62 9.08 -57.47 40.23
CA GLU C 62 8.15 -58.23 41.07
C GLU C 62 8.54 -58.13 42.55
N HIS C 63 9.81 -58.34 42.83
CA HIS C 63 10.40 -58.23 44.17
C HIS C 63 10.13 -56.83 44.77
N TYR C 64 10.37 -55.83 43.96
CA TYR C 64 10.18 -54.43 44.42
C TYR C 64 8.74 -54.23 44.89
N ASP C 65 7.78 -54.68 44.09
CA ASP C 65 6.34 -54.61 44.46
C ASP C 65 6.00 -55.42 45.72
N ARG C 66 6.47 -56.65 45.79
CA ARG C 66 6.21 -57.54 46.92
C ARG C 66 6.78 -57.04 48.24
N ALA C 67 7.97 -56.45 48.18
CA ALA C 67 8.69 -55.93 49.31
C ALA C 67 8.26 -54.50 49.70
N GLY C 68 7.35 -53.88 48.94
CA GLY C 68 6.89 -52.53 49.23
C GLY C 68 8.03 -51.50 49.15
N TYR C 69 8.98 -51.74 48.27
CA TYR C 69 10.15 -50.90 48.15
C TYR C 69 9.83 -49.48 47.75
N ALA C 70 8.65 -49.18 47.24
CA ALA C 70 8.29 -47.79 47.00
C ALA C 70 8.33 -46.92 48.27
N ARG C 71 8.13 -47.56 49.41
CA ARG C 71 8.24 -46.90 50.70
C ARG C 71 9.70 -46.79 51.25
N VAL C 72 10.67 -47.43 50.59
CA VAL C 72 12.05 -47.51 51.06
C VAL C 72 13.04 -46.78 50.13
N ASP C 73 12.89 -47.07 48.84
CA ASP C 73 13.72 -46.56 47.75
C ASP C 73 13.90 -45.04 47.99
N PRO C 74 15.16 -44.59 48.19
CA PRO C 74 15.33 -43.16 48.53
C PRO C 74 15.00 -42.21 47.34
N THR C 75 15.01 -42.77 46.13
CA THR C 75 14.62 -41.95 44.95
C THR C 75 13.17 -41.60 44.90
N VAL C 76 12.31 -42.43 45.48
CA VAL C 76 10.91 -42.14 45.54
C VAL C 76 10.60 -40.93 46.34
N SER C 77 11.00 -40.86 47.60
CA SER C 77 10.73 -39.66 48.38
C SER C 77 11.39 -38.43 47.74
N HIS C 78 12.55 -38.61 47.18
CA HIS C 78 13.22 -37.52 46.46
C HIS C 78 12.35 -36.94 45.32
N CYS C 79 11.79 -37.82 44.53
CA CYS C 79 10.92 -37.40 43.43
C CYS C 79 9.65 -36.67 43.88
N THR C 80 9.19 -36.94 45.11
CA THR C 80 8.02 -36.23 45.60
C THR C 80 8.39 -34.81 46.09
N GLN C 81 9.66 -34.52 46.27
CA GLN C 81 10.14 -33.24 46.75
C GLN C 81 10.97 -32.39 45.76
N SER C 82 11.38 -32.96 44.61
CA SER C 82 12.29 -32.27 43.76
C SER C 82 12.07 -32.56 42.26
N VAL C 83 12.49 -31.58 41.47
CA VAL C 83 12.58 -31.79 40.03
C VAL C 83 13.98 -32.11 39.61
N LEU C 84 14.96 -32.17 40.52
CA LEU C 84 16.33 -32.38 40.10
C LEU C 84 16.74 -33.85 40.13
N PRO C 85 17.75 -34.23 39.34
CA PRO C 85 18.20 -35.61 39.39
C PRO C 85 18.77 -36.03 40.74
N ILE C 86 18.59 -37.29 41.03
CA ILE C 86 19.28 -37.93 42.18
C ILE C 86 20.12 -39.05 41.64
N PHE C 87 21.43 -38.95 41.88
CA PHE C 87 22.40 -39.97 41.46
C PHE C 87 22.43 -41.07 42.49
N TRP C 88 22.69 -42.27 42.03
CA TRP C 88 22.65 -43.45 42.89
C TRP C 88 24.00 -43.59 43.67
N GLU C 89 24.21 -42.66 44.56
CA GLU C 89 25.46 -42.61 45.34
C GLU C 89 25.21 -43.37 46.64
N PRO C 90 26.26 -43.99 47.20
CA PRO C 90 26.10 -44.64 48.53
C PRO C 90 25.41 -43.80 49.59
N SER C 91 25.65 -42.50 49.59
CA SER C 91 25.12 -41.59 50.60
C SER C 91 23.57 -41.52 50.60
N ILE C 92 22.91 -41.93 49.51
CA ILE C 92 21.43 -41.87 49.52
C ILE C 92 20.76 -43.06 50.29
N TYR C 93 21.52 -44.11 50.63
CA TYR C 93 21.02 -45.29 51.27
C TYR C 93 21.44 -45.14 52.73
N GLN C 94 20.49 -44.81 53.57
CA GLN C 94 20.80 -44.50 54.93
C GLN C 94 20.19 -45.46 55.92
N THR C 95 18.93 -45.81 55.75
CA THR C 95 18.28 -46.70 56.72
C THR C 95 18.71 -48.12 56.50
N ARG C 96 18.31 -48.99 57.41
CA ARG C 96 18.59 -50.41 57.25
C ARG C 96 17.90 -51.01 56.01
N LYS C 97 16.63 -50.68 55.83
CA LYS C 97 15.87 -51.10 54.67
C LYS C 97 16.52 -50.55 53.44
N GLN C 98 17.03 -49.35 53.46
CA GLN C 98 17.62 -48.78 52.27
C GLN C 98 18.95 -49.50 51.93
N HIS C 99 19.68 -49.95 52.94
CA HIS C 99 20.86 -50.77 52.70
C HIS C 99 20.46 -52.11 52.07
N GLU C 100 19.39 -52.75 52.55
CA GLU C 100 18.91 -53.98 51.96
C GLU C 100 18.50 -53.75 50.44
N PHE C 101 17.79 -52.67 50.24
CA PHE C 101 17.39 -52.26 48.87
C PHE C 101 18.64 -52.12 47.96
N PHE C 102 19.63 -51.40 48.44
CA PHE C 102 20.84 -51.23 47.61
C PHE C 102 21.48 -52.58 47.24
N GLU C 103 21.56 -53.47 48.25
CA GLU C 103 22.14 -54.82 48.03
C GLU C 103 21.34 -55.60 47.00
N GLU C 104 20.03 -55.58 47.11
CA GLU C 104 19.14 -56.37 46.23
C GLU C 104 19.11 -55.78 44.83
N ALA C 105 19.18 -54.45 44.72
CA ALA C 105 19.18 -53.84 43.42
C ALA C 105 20.49 -54.17 42.76
N SER C 106 21.56 -54.18 43.54
CA SER C 106 22.86 -54.41 43.00
C SER C 106 22.97 -55.83 42.45
N ALA C 107 22.40 -56.78 43.16
CA ALA C 107 22.26 -58.20 42.71
C ALA C 107 21.47 -58.30 41.41
N ALA C 108 20.56 -57.35 41.17
CA ALA C 108 19.86 -57.24 39.90
C ALA C 108 20.63 -56.62 38.76
N GLY C 109 21.87 -56.20 39.04
CA GLY C 109 22.70 -55.47 38.12
C GLY C 109 22.45 -54.00 38.06
N LEU C 110 21.69 -53.44 39.01
CA LEU C 110 21.40 -52.01 39.03
C LEU C 110 22.22 -51.38 40.19
N VAL C 111 23.37 -50.83 39.85
CA VAL C 111 24.33 -50.33 40.84
C VAL C 111 24.67 -48.88 40.57
N TYR C 112 25.01 -48.56 39.33
CA TYR C 112 25.37 -47.18 39.00
C TYR C 112 24.22 -46.63 38.14
N GLY C 113 23.86 -45.38 38.41
CA GLY C 113 22.77 -44.76 37.70
C GLY C 113 22.26 -43.48 38.32
N LEU C 114 21.14 -43.04 37.81
CA LEU C 114 20.46 -41.87 38.30
C LEU C 114 18.96 -41.97 38.11
N THR C 115 18.21 -41.18 38.86
CA THR C 115 16.75 -41.06 38.68
C THR C 115 16.43 -39.60 38.42
N MET C 116 15.75 -39.35 37.32
CA MET C 116 15.16 -37.99 37.03
C MET C 116 13.69 -37.99 37.48
N PRO C 117 13.29 -37.14 38.44
CA PRO C 117 11.88 -36.99 38.70
C PRO C 117 11.07 -36.45 37.54
N LEU C 118 9.79 -36.85 37.49
CA LEU C 118 8.86 -36.40 36.46
C LEU C 118 7.69 -35.78 37.14
N HIS C 119 7.44 -34.52 36.78
CA HIS C 119 6.27 -33.80 37.22
C HIS C 119 5.56 -33.19 36.03
N GLY C 120 4.42 -33.75 35.71
CA GLY C 120 3.67 -33.43 34.52
C GLY C 120 2.80 -32.20 34.66
N ALA C 121 2.42 -31.66 33.52
CA ALA C 121 1.54 -30.48 33.44
C ALA C 121 0.16 -30.74 34.04
N ARG C 122 -0.28 -31.99 34.08
CA ARG C 122 -1.52 -32.31 34.69
C ARG C 122 -1.42 -32.98 36.08
N GLY C 123 -0.27 -32.84 36.72
CA GLY C 123 -0.03 -33.34 38.06
C GLY C 123 0.42 -34.79 38.08
N GLU C 124 0.77 -35.35 36.92
CA GLU C 124 1.39 -36.69 36.87
C GLU C 124 2.69 -36.68 37.69
N LEU C 125 2.98 -37.80 38.39
CA LEU C 125 4.13 -37.93 39.20
C LEU C 125 4.84 -39.18 38.75
N GLY C 126 6.11 -39.05 38.48
CA GLY C 126 6.86 -40.18 37.97
C GLY C 126 8.36 -40.11 38.12
N ALA C 127 9.04 -41.01 37.41
CA ALA C 127 10.44 -41.08 37.44
C ALA C 127 10.96 -41.73 36.17
N LEU C 128 12.10 -41.23 35.70
CA LEU C 128 12.84 -41.91 34.68
C LEU C 128 14.19 -42.31 35.34
N SER C 129 14.39 -43.62 35.54
CA SER C 129 15.62 -44.17 36.14
C SER C 129 16.45 -44.81 35.08
N LEU C 130 17.76 -44.62 35.12
CA LEU C 130 18.62 -45.15 34.04
C LEU C 130 19.88 -45.68 34.70
N SER C 131 20.24 -46.90 34.32
CA SER C 131 21.41 -47.54 34.96
C SER C 131 22.53 -47.59 33.94
N VAL C 132 23.77 -47.58 34.42
CA VAL C 132 24.90 -47.65 33.55
C VAL C 132 25.87 -48.74 34.01
N GLU C 133 26.37 -49.48 33.02
CA GLU C 133 27.42 -50.46 33.18
C GLU C 133 28.74 -49.71 33.20
N ALA C 134 29.53 -49.91 34.25
CA ALA C 134 30.85 -49.34 34.35
C ALA C 134 31.79 -50.15 35.25
N GLU C 135 33.06 -49.85 35.11
CA GLU C 135 34.13 -50.53 35.87
C GLU C 135 34.04 -50.17 37.34
N ASN C 136 33.76 -48.89 37.60
CA ASN C 136 33.65 -48.33 38.93
C ASN C 136 32.73 -47.08 38.92
N ARG C 137 32.47 -46.56 40.11
CA ARG C 137 31.54 -45.47 40.27
C ARG C 137 32.07 -44.17 39.63
N ALA C 138 33.39 -44.01 39.63
CA ALA C 138 33.97 -42.81 39.09
C ALA C 138 33.79 -42.75 37.57
N GLU C 139 34.02 -43.87 36.89
CA GLU C 139 33.80 -44.07 35.46
C GLU C 139 32.30 -43.82 35.14
N ALA C 140 31.42 -44.37 35.98
CA ALA C 140 29.98 -44.17 35.76
C ALA C 140 29.63 -42.69 35.84
N ASN C 141 30.07 -42.04 36.93
CA ASN C 141 29.80 -40.58 37.19
C ASN C 141 30.39 -39.67 36.11
N ARG C 142 31.57 -39.99 35.57
CA ARG C 142 32.07 -39.21 34.42
C ARG C 142 31.15 -39.37 33.22
N PHE C 143 30.71 -40.61 32.97
CA PHE C 143 29.90 -40.89 31.80
C PHE C 143 28.59 -40.10 31.97
N MET C 144 27.93 -40.26 33.12
CA MET C 144 26.66 -39.58 33.38
C MET C 144 26.78 -38.05 33.25
N GLU C 145 27.82 -37.44 33.85
CA GLU C 145 27.98 -36.00 33.73
C GLU C 145 28.12 -35.60 32.22
N SER C 146 28.76 -36.42 31.38
CA SER C 146 28.97 -36.08 30.01
C SER C 146 27.64 -36.04 29.19
N VAL C 147 26.65 -36.84 29.58
CA VAL C 147 25.38 -36.94 28.82
C VAL C 147 24.21 -36.27 29.54
N LEU C 148 24.46 -35.66 30.67
CA LEU C 148 23.42 -35.14 31.52
C LEU C 148 22.54 -34.14 30.80
N PRO C 149 23.12 -33.20 30.01
CA PRO C 149 22.23 -32.23 29.36
C PRO C 149 21.25 -32.86 28.36
N THR C 150 21.71 -33.85 27.62
CA THR C 150 20.85 -34.61 26.75
C THR C 150 19.77 -35.37 27.54
N LEU C 151 20.15 -36.03 28.64
CA LEU C 151 19.20 -36.74 29.47
C LEU C 151 18.14 -35.83 30.06
N TRP C 152 18.56 -34.62 30.43
CA TRP C 152 17.70 -33.67 31.08
C TRP C 152 16.59 -33.28 30.12
N MET C 153 16.91 -33.18 28.82
CA MET C 153 15.89 -32.85 27.85
C MET C 153 15.04 -34.08 27.63
N LEU C 154 15.71 -35.22 27.47
CA LEU C 154 15.01 -36.49 27.20
C LEU C 154 13.93 -36.79 28.21
N LYS C 155 14.21 -36.59 29.49
CA LYS C 155 13.21 -36.91 30.54
C LYS C 155 11.93 -36.10 30.39
N ASP C 156 12.03 -34.84 29.91
CA ASP C 156 10.82 -34.09 29.70
C ASP C 156 10.09 -34.51 28.41
N TYR C 157 10.84 -34.78 27.34
CA TYR C 157 10.22 -35.34 26.10
C TYR C 157 9.48 -36.64 26.47
N ALA C 158 10.16 -37.51 27.23
CA ALA C 158 9.54 -38.81 27.63
C ALA C 158 8.29 -38.64 28.50
N LEU C 159 8.36 -37.71 29.42
CA LEU C 159 7.18 -37.36 30.19
C LEU C 159 6.02 -36.89 29.32
N GLN C 160 6.28 -35.91 28.42
CA GLN C 160 5.20 -35.29 27.70
C GLN C 160 4.48 -36.33 26.85
N SER C 161 5.27 -37.17 26.17
CA SER C 161 4.73 -38.20 25.30
C SER C 161 4.12 -39.31 26.12
N GLY C 162 4.80 -39.72 27.15
CA GLY C 162 4.36 -40.89 27.92
C GLY C 162 3.11 -40.67 28.69
N ALA C 163 2.91 -39.44 29.17
CA ALA C 163 1.66 -39.12 29.85
C ALA C 163 0.45 -39.31 28.98
N GLY C 164 0.58 -38.98 27.71
CA GLY C 164 -0.50 -39.20 26.74
C GLY C 164 -0.82 -40.66 26.56
N LEU C 165 0.25 -41.46 26.54
CA LEU C 165 0.10 -42.88 26.38
C LEU C 165 -0.49 -43.51 27.60
N ALA C 166 0.00 -43.10 28.75
CA ALA C 166 -0.40 -43.68 29.97
C ALA C 166 -1.87 -43.39 30.29
N PHE C 167 -2.36 -42.18 30.00
CA PHE C 167 -3.58 -41.67 30.62
C PHE C 167 -4.64 -41.30 29.56
N GLU C 168 -4.57 -41.97 28.40
CA GLU C 168 -5.60 -41.83 27.36
C GLU C 168 -5.52 -43.00 26.38
N GLY D 6 -11.84 -23.82 -52.40
CA GLY D 6 -11.55 -24.45 -51.08
C GLY D 6 -12.84 -24.45 -50.27
N PHE D 7 -13.21 -23.29 -49.68
CA PHE D 7 -14.56 -22.99 -49.21
C PHE D 7 -15.56 -23.13 -50.30
N LEU D 8 -15.12 -22.66 -51.46
CA LEU D 8 -15.85 -22.84 -52.65
C LEU D 8 -16.20 -24.30 -52.84
N GLU D 9 -15.23 -25.22 -52.79
CA GLU D 9 -15.57 -26.66 -52.91
C GLU D 9 -16.54 -27.08 -51.80
N LEU D 10 -16.33 -26.55 -50.60
CA LEU D 10 -17.23 -26.92 -49.48
C LEU D 10 -18.70 -26.56 -49.84
N GLU D 11 -18.87 -25.33 -50.33
CA GLU D 11 -20.17 -24.87 -50.75
C GLU D 11 -20.72 -25.62 -51.94
N ARG D 12 -19.85 -26.06 -52.84
CA ARG D 12 -20.23 -26.85 -54.04
C ARG D 12 -20.52 -28.32 -53.75
N SER D 13 -20.33 -28.75 -52.50
CA SER D 13 -20.42 -30.17 -52.24
C SER D 13 -21.92 -30.60 -52.20
N SER D 14 -22.20 -31.90 -52.26
CA SER D 14 -23.62 -32.30 -52.34
C SER D 14 -23.98 -33.34 -51.30
N GLY D 15 -23.65 -33.06 -50.06
CA GLY D 15 -24.11 -33.86 -48.93
C GLY D 15 -23.03 -33.94 -47.91
N LYS D 16 -23.37 -34.56 -46.79
CA LYS D 16 -22.45 -34.63 -45.67
C LYS D 16 -21.20 -35.40 -46.00
N LEU D 17 -21.33 -36.52 -46.74
CA LEU D 17 -20.20 -37.33 -47.10
C LEU D 17 -19.17 -36.53 -47.88
N GLU D 18 -19.60 -35.80 -48.88
CA GLU D 18 -18.64 -35.09 -49.72
C GLU D 18 -18.04 -33.89 -48.91
N TRP D 19 -18.95 -33.22 -48.21
CA TRP D 19 -18.57 -32.06 -47.36
C TRP D 19 -17.47 -32.51 -46.38
N SER D 20 -17.68 -33.64 -45.71
CA SER D 20 -16.73 -34.17 -44.78
C SER D 20 -15.42 -34.52 -45.44
N ALA D 21 -15.52 -35.12 -46.61
CA ALA D 21 -14.28 -35.45 -47.36
C ALA D 21 -13.43 -34.24 -47.77
N ILE D 22 -14.10 -33.21 -48.19
CA ILE D 22 -13.43 -31.95 -48.58
C ILE D 22 -12.73 -31.31 -47.36
N LEU D 23 -13.49 -31.20 -46.25
CA LEU D 23 -12.96 -30.60 -45.01
C LEU D 23 -11.75 -31.39 -44.46
N GLN D 24 -11.85 -32.70 -44.44
CA GLN D 24 -10.74 -33.59 -44.07
C GLN D 24 -9.49 -33.42 -44.93
N LYS D 25 -9.71 -33.28 -46.22
CA LYS D 25 -8.61 -33.11 -47.15
C LYS D 25 -7.99 -31.74 -46.99
N MET D 26 -8.78 -30.68 -46.75
CA MET D 26 -8.20 -29.39 -46.47
C MET D 26 -7.30 -29.48 -45.23
N ALA D 27 -7.78 -30.15 -44.20
CA ALA D 27 -7.02 -30.22 -42.95
C ALA D 27 -5.72 -31.00 -43.14
N SER D 28 -5.83 -32.14 -43.80
CA SER D 28 -4.74 -33.01 -44.14
C SER D 28 -3.68 -32.26 -45.01
N ASP D 29 -4.13 -31.51 -46.00
CA ASP D 29 -3.24 -30.67 -46.80
C ASP D 29 -2.54 -29.62 -45.98
N LEU D 30 -3.20 -29.13 -44.92
CA LEU D 30 -2.57 -28.15 -44.06
C LEU D 30 -1.49 -28.75 -43.14
N GLY D 31 -1.52 -30.08 -42.98
CA GLY D 31 -0.59 -30.81 -42.15
C GLY D 31 -1.23 -31.48 -40.92
N PHE D 32 -2.55 -31.42 -40.78
CA PHE D 32 -3.19 -32.00 -39.61
C PHE D 32 -3.51 -33.44 -39.90
N SER D 33 -3.69 -34.20 -38.84
CA SER D 33 -3.96 -35.60 -38.97
C SER D 33 -5.42 -36.04 -38.91
N LYS D 34 -6.06 -35.72 -37.80
CA LYS D 34 -7.43 -36.11 -37.52
C LYS D 34 -8.16 -34.82 -37.22
N ILE D 35 -9.45 -34.78 -37.58
CA ILE D 35 -10.26 -33.65 -37.24
C ILE D 35 -11.62 -34.03 -36.80
N LEU D 36 -12.24 -33.13 -36.07
CA LEU D 36 -13.64 -33.22 -35.70
C LEU D 36 -14.27 -31.88 -35.78
N PHE D 37 -15.38 -31.80 -36.51
CA PHE D 37 -16.20 -30.60 -36.61
C PHE D 37 -17.54 -30.93 -36.01
N GLY D 38 -17.91 -30.18 -34.97
CA GLY D 38 -19.10 -30.42 -34.23
C GLY D 38 -19.92 -29.20 -34.21
N LEU D 39 -21.21 -29.34 -34.40
CA LEU D 39 -22.08 -28.16 -34.34
C LEU D 39 -23.43 -28.48 -33.71
N LEU D 40 -23.87 -27.60 -32.80
CA LEU D 40 -25.19 -27.64 -32.20
C LEU D 40 -26.04 -26.41 -32.61
N PRO D 41 -27.36 -26.61 -32.75
CA PRO D 41 -28.19 -25.44 -33.03
C PRO D 41 -28.40 -24.60 -31.79
N LYS D 42 -28.91 -23.37 -32.03
CA LYS D 42 -29.12 -22.39 -30.99
C LYS D 42 -29.82 -22.99 -29.77
N ASP D 43 -29.26 -22.74 -28.59
CA ASP D 43 -29.80 -23.08 -27.29
C ASP D 43 -29.68 -24.58 -26.89
N SER D 44 -29.06 -25.39 -27.74
CA SER D 44 -28.97 -26.81 -27.47
C SER D 44 -27.73 -27.09 -26.61
N GLN D 45 -27.94 -28.03 -25.71
CA GLN D 45 -26.96 -28.55 -24.81
C GLN D 45 -26.70 -30.05 -25.10
N ASP D 46 -27.26 -30.57 -26.21
CA ASP D 46 -27.42 -32.00 -26.41
C ASP D 46 -26.25 -32.48 -27.25
N TYR D 47 -25.08 -32.43 -26.62
CA TYR D 47 -23.79 -32.75 -27.25
C TYR D 47 -23.83 -34.13 -27.85
N GLU D 48 -24.55 -35.06 -27.20
CA GLU D 48 -24.72 -36.44 -27.71
C GLU D 48 -25.33 -36.46 -29.12
N ASN D 49 -26.20 -35.48 -29.45
CA ASN D 49 -26.86 -35.44 -30.76
C ASN D 49 -26.38 -34.27 -31.61
N ALA D 50 -25.14 -33.82 -31.39
CA ALA D 50 -24.57 -32.78 -32.26
C ALA D 50 -24.43 -33.25 -33.68
N PHE D 51 -24.42 -32.31 -34.62
CA PHE D 51 -23.95 -32.53 -35.98
C PHE D 51 -22.41 -32.68 -35.95
N ILE D 52 -21.91 -33.88 -36.29
CA ILE D 52 -20.47 -34.17 -36.23
C ILE D 52 -19.94 -34.73 -37.55
N VAL D 53 -18.78 -34.20 -37.96
CA VAL D 53 -18.06 -34.58 -39.13
C VAL D 53 -16.59 -34.82 -38.77
N GLY D 54 -15.97 -35.83 -39.39
CA GLY D 54 -14.56 -36.01 -39.32
C GLY D 54 -14.08 -37.43 -39.22
N ASN D 55 -12.81 -37.59 -38.86
CA ASN D 55 -12.11 -38.88 -38.93
C ASN D 55 -11.50 -39.32 -37.62
N TYR D 56 -12.02 -38.86 -36.47
CA TYR D 56 -11.64 -39.41 -35.20
C TYR D 56 -12.03 -40.87 -35.20
N PRO D 57 -11.22 -41.72 -34.57
CA PRO D 57 -11.63 -43.15 -34.47
C PRO D 57 -13.01 -43.32 -33.91
N ALA D 58 -13.84 -44.16 -34.57
CA ALA D 58 -15.20 -44.27 -34.17
C ALA D 58 -15.37 -44.73 -32.75
N ALA D 59 -14.51 -45.64 -32.30
CA ALA D 59 -14.63 -46.20 -30.93
C ALA D 59 -14.33 -45.12 -29.91
N TRP D 60 -13.47 -44.16 -30.26
CA TRP D 60 -13.26 -42.98 -29.41
C TRP D 60 -14.51 -42.09 -29.34
N ARG D 61 -15.11 -41.75 -30.47
CA ARG D 61 -16.32 -40.98 -30.45
C ARG D 61 -17.43 -41.71 -29.64
N GLU D 62 -17.52 -43.03 -29.79
CA GLU D 62 -18.51 -43.78 -29.05
C GLU D 62 -18.24 -43.72 -27.51
N HIS D 63 -16.97 -43.86 -27.17
CA HIS D 63 -16.51 -43.85 -25.75
C HIS D 63 -16.76 -42.44 -25.15
N TYR D 64 -16.46 -41.40 -25.94
CA TYR D 64 -16.65 -40.03 -25.47
C TYR D 64 -18.10 -39.81 -25.15
N ASP D 65 -19.01 -40.24 -26.03
CA ASP D 65 -20.45 -40.09 -25.78
C ASP D 65 -20.88 -40.90 -24.55
N ARG D 66 -20.49 -42.15 -24.50
CA ARG D 66 -20.91 -43.02 -23.41
C ARG D 66 -20.39 -42.57 -22.03
N ALA D 67 -19.18 -42.08 -22.00
CA ALA D 67 -18.58 -41.60 -20.75
C ALA D 67 -19.11 -40.17 -20.40
N GLY D 68 -19.84 -39.52 -21.29
CA GLY D 68 -20.30 -38.14 -21.02
C GLY D 68 -19.14 -37.16 -20.88
N TYR D 69 -18.07 -37.37 -21.65
CA TYR D 69 -16.96 -36.49 -21.64
C TYR D 69 -17.21 -35.03 -22.04
N ALA D 70 -18.34 -34.70 -22.63
CA ALA D 70 -18.59 -33.30 -22.91
C ALA D 70 -18.71 -32.50 -21.61
N ARG D 71 -19.06 -33.17 -20.51
CA ARG D 71 -19.21 -32.49 -19.21
C ARG D 71 -17.86 -32.08 -18.64
N VAL D 72 -16.78 -32.74 -19.00
CA VAL D 72 -15.47 -32.47 -18.37
C VAL D 72 -14.39 -31.97 -19.35
N ASP D 73 -14.60 -32.19 -20.66
CA ASP D 73 -13.61 -31.86 -21.66
C ASP D 73 -13.34 -30.34 -21.53
N PRO D 74 -12.08 -29.96 -21.31
CA PRO D 74 -11.80 -28.53 -21.09
C PRO D 74 -12.00 -27.69 -22.34
N THR D 75 -11.97 -28.33 -23.49
CA THR D 75 -12.19 -27.56 -24.72
C THR D 75 -13.62 -27.20 -24.84
N VAL D 76 -14.53 -28.06 -24.39
CA VAL D 76 -15.97 -27.79 -24.55
C VAL D 76 -16.35 -26.57 -23.68
N SER D 77 -15.84 -26.50 -22.44
CA SER D 77 -16.22 -25.35 -21.56
C SER D 77 -15.60 -24.08 -22.15
N HIS D 78 -14.37 -24.24 -22.65
CA HIS D 78 -13.72 -23.10 -23.30
C HIS D 78 -14.56 -22.52 -24.47
N CYS D 79 -15.04 -23.40 -25.35
CA CYS D 79 -15.88 -22.97 -26.46
C CYS D 79 -17.14 -22.22 -26.03
N THR D 80 -17.74 -22.59 -24.88
CA THR D 80 -18.89 -21.82 -24.42
C THR D 80 -18.57 -20.42 -23.97
N GLN D 81 -17.32 -20.10 -23.68
CA GLN D 81 -16.96 -18.79 -23.19
C GLN D 81 -16.13 -17.94 -24.11
N SER D 82 -15.61 -18.48 -25.22
CA SER D 82 -14.65 -17.74 -26.00
C SER D 82 -14.77 -18.02 -27.50
N VAL D 83 -14.20 -17.11 -28.28
CA VAL D 83 -14.07 -17.33 -29.72
C VAL D 83 -12.62 -17.66 -30.10
N LEU D 84 -11.70 -17.75 -29.13
CA LEU D 84 -10.29 -17.88 -29.41
C LEU D 84 -9.87 -19.36 -29.32
N PRO D 85 -8.85 -19.78 -30.04
CA PRO D 85 -8.36 -21.16 -29.96
C PRO D 85 -7.89 -21.57 -28.60
N ILE D 86 -8.09 -22.86 -28.34
CA ILE D 86 -7.52 -23.47 -27.10
C ILE D 86 -6.61 -24.57 -27.61
N PHE D 87 -5.35 -24.45 -27.25
CA PHE D 87 -4.31 -25.43 -27.65
C PHE D 87 -4.30 -26.57 -26.64
N TRP D 88 -4.03 -27.78 -27.10
CA TRP D 88 -4.15 -28.96 -26.20
C TRP D 88 -2.82 -29.10 -25.37
N GLU D 89 -2.72 -28.25 -24.38
CA GLU D 89 -1.52 -28.11 -23.52
C GLU D 89 -1.85 -28.85 -22.23
N PRO D 90 -0.84 -29.51 -21.61
CA PRO D 90 -1.14 -30.18 -20.29
C PRO D 90 -1.88 -29.29 -19.32
N SER D 91 -1.55 -28.00 -19.35
CA SER D 91 -2.15 -27.02 -18.48
C SER D 91 -3.66 -26.89 -18.58
N ILE D 92 -4.27 -27.32 -19.72
CA ILE D 92 -5.74 -27.27 -19.76
C ILE D 92 -6.47 -28.40 -19.03
N TYR D 93 -5.75 -29.48 -18.71
CA TYR D 93 -6.31 -30.60 -18.10
C TYR D 93 -6.01 -30.46 -16.63
N GLN D 94 -6.92 -29.78 -15.95
CA GLN D 94 -6.60 -29.32 -14.55
C GLN D 94 -7.12 -30.25 -13.46
N THR D 95 -8.33 -30.69 -13.64
CA THR D 95 -8.93 -31.62 -12.69
C THR D 95 -8.42 -33.05 -12.85
N ARG D 96 -8.65 -33.86 -11.85
CA ARG D 96 -8.27 -35.24 -11.93
C ARG D 96 -9.03 -35.99 -13.01
N LYS D 97 -10.29 -35.60 -13.19
CA LYS D 97 -11.15 -36.20 -14.21
C LYS D 97 -10.63 -35.77 -15.60
N GLN D 98 -10.17 -34.54 -15.72
CA GLN D 98 -9.59 -34.07 -16.96
C GLN D 98 -8.30 -34.76 -17.31
N HIS D 99 -7.54 -35.16 -16.29
CA HIS D 99 -6.36 -35.98 -16.53
C HIS D 99 -6.70 -37.35 -17.07
N GLU D 100 -7.77 -37.95 -16.55
CA GLU D 100 -8.32 -39.21 -17.09
C GLU D 100 -8.68 -39.01 -18.54
N PHE D 101 -9.37 -37.90 -18.83
CA PHE D 101 -9.77 -37.60 -20.22
C PHE D 101 -8.54 -37.48 -21.13
N PHE D 102 -7.54 -36.68 -20.74
CA PHE D 102 -6.25 -36.53 -21.45
C PHE D 102 -5.61 -37.91 -21.74
N GLU D 103 -5.66 -38.81 -20.74
CA GLU D 103 -5.12 -40.15 -20.98
C GLU D 103 -5.90 -40.97 -22.00
N GLU D 104 -7.25 -40.96 -21.90
CA GLU D 104 -8.07 -41.77 -22.75
C GLU D 104 -7.97 -41.22 -24.19
N ALA D 105 -8.01 -39.90 -24.30
CA ALA D 105 -7.79 -39.28 -25.64
C ALA D 105 -6.42 -39.63 -26.27
N SER D 106 -5.39 -39.63 -25.46
CA SER D 106 -4.04 -39.86 -25.93
C SER D 106 -3.91 -41.33 -26.42
N ALA D 107 -4.65 -42.26 -25.84
CA ALA D 107 -4.73 -43.68 -26.34
C ALA D 107 -5.41 -43.78 -27.67
N ALA D 108 -6.31 -42.82 -27.94
CA ALA D 108 -6.96 -42.75 -29.21
C ALA D 108 -6.06 -42.06 -30.27
N GLY D 109 -4.85 -41.62 -29.91
CA GLY D 109 -3.95 -40.95 -30.82
C GLY D 109 -4.08 -39.43 -30.91
N LEU D 110 -4.88 -38.84 -30.00
CA LEU D 110 -5.19 -37.43 -29.97
C LEU D 110 -4.46 -36.79 -28.79
N VAL D 111 -3.26 -36.30 -29.07
CA VAL D 111 -2.38 -35.83 -28.00
C VAL D 111 -2.02 -34.35 -28.25
N TYR D 112 -1.49 -34.04 -29.44
CA TYR D 112 -1.20 -32.65 -29.81
C TYR D 112 -2.26 -32.09 -30.74
N GLY D 113 -2.62 -30.84 -30.51
CA GLY D 113 -3.59 -30.22 -31.39
C GLY D 113 -4.20 -28.96 -30.80
N LEU D 114 -5.34 -28.58 -31.36
CA LEU D 114 -6.05 -27.40 -30.90
C LEU D 114 -7.51 -27.48 -31.24
N THR D 115 -8.29 -26.63 -30.58
CA THR D 115 -9.75 -26.54 -30.78
C THR D 115 -10.11 -25.08 -31.07
N MET D 116 -10.71 -24.83 -32.22
CA MET D 116 -11.24 -23.52 -32.58
C MET D 116 -12.72 -23.50 -32.27
N PRO D 117 -13.16 -22.64 -31.30
CA PRO D 117 -14.60 -22.52 -31.10
C PRO D 117 -15.32 -21.98 -32.29
N LEU D 118 -16.56 -22.40 -32.44
CA LEU D 118 -17.47 -21.92 -33.50
C LEU D 118 -18.71 -21.28 -32.91
N HIS D 119 -18.93 -20.02 -33.24
CA HIS D 119 -20.15 -19.32 -32.86
C HIS D 119 -20.79 -18.72 -34.11
N GLY D 120 -21.87 -19.33 -34.53
CA GLY D 120 -22.54 -18.98 -35.77
C GLY D 120 -23.44 -17.77 -35.68
N ALA D 121 -23.77 -17.22 -36.85
CA ALA D 121 -24.62 -16.00 -36.90
C ALA D 121 -26.05 -16.22 -36.35
N ARG D 122 -26.54 -17.45 -36.39
CA ARG D 122 -27.86 -17.75 -35.83
C ARG D 122 -27.81 -18.49 -34.47
N GLY D 123 -26.73 -18.32 -33.71
CA GLY D 123 -26.60 -18.87 -32.36
C GLY D 123 -26.06 -20.28 -32.32
N GLU D 124 -25.67 -20.81 -33.48
CA GLU D 124 -24.98 -22.11 -33.49
C GLU D 124 -23.71 -22.12 -32.62
N LEU D 125 -23.44 -23.29 -32.01
CA LEU D 125 -22.33 -23.42 -31.06
C LEU D 125 -21.59 -24.69 -31.50
N GLY D 126 -20.30 -24.61 -31.66
CA GLY D 126 -19.54 -25.74 -32.16
C GLY D 126 -18.08 -25.65 -31.88
N ALA D 127 -17.35 -26.59 -32.50
CA ALA D 127 -15.92 -26.64 -32.43
C ALA D 127 -15.37 -27.23 -33.71
N LEU D 128 -14.18 -26.77 -34.07
CA LEU D 128 -13.30 -27.52 -35.01
C LEU D 128 -12.05 -27.85 -34.29
N SER D 129 -11.88 -29.14 -34.01
CA SER D 129 -10.78 -29.71 -33.33
C SER D 129 -9.87 -30.43 -34.36
N LEU D 130 -8.57 -30.20 -34.26
CA LEU D 130 -7.58 -30.75 -35.21
C LEU D 130 -6.37 -31.26 -34.41
N SER D 131 -5.92 -32.48 -34.71
CA SER D 131 -4.74 -33.08 -34.05
C SER D 131 -3.59 -33.08 -35.03
N VAL D 132 -2.37 -33.06 -34.52
CA VAL D 132 -1.22 -33.11 -35.37
C VAL D 132 -0.26 -34.17 -34.84
N GLU D 133 0.39 -34.88 -35.76
CA GLU D 133 1.45 -35.84 -35.39
C GLU D 133 2.78 -35.11 -35.34
N ALA D 134 3.52 -35.28 -34.25
CA ALA D 134 4.78 -34.61 -34.09
C ALA D 134 5.64 -35.44 -33.15
N GLU D 135 6.93 -35.18 -33.16
CA GLU D 135 7.87 -35.86 -32.25
C GLU D 135 7.73 -35.40 -30.80
N ASN D 136 7.37 -34.13 -30.57
CA ASN D 136 7.05 -33.64 -29.23
C ASN D 136 6.17 -32.39 -29.30
N ARG D 137 5.67 -31.94 -28.15
CA ARG D 137 4.73 -30.79 -28.17
C ARG D 137 5.35 -29.50 -28.69
N ALA D 138 6.65 -29.29 -28.48
CA ALA D 138 7.30 -28.08 -28.96
C ALA D 138 7.31 -28.00 -30.52
N GLU D 139 7.59 -29.12 -31.16
CA GLU D 139 7.50 -29.28 -32.63
C GLU D 139 6.02 -29.08 -33.08
N ALA D 140 5.13 -29.67 -32.32
CA ALA D 140 3.70 -29.51 -32.66
C ALA D 140 3.31 -28.06 -32.63
N ASN D 141 3.82 -27.31 -31.65
CA ASN D 141 3.44 -25.91 -31.44
C ASN D 141 4.02 -25.05 -32.57
N ARG D 142 5.25 -25.37 -32.96
CA ARG D 142 5.94 -24.67 -34.03
C ARG D 142 5.14 -24.88 -35.32
N PHE D 143 4.74 -26.12 -35.59
CA PHE D 143 3.87 -26.37 -36.76
C PHE D 143 2.52 -25.61 -36.69
N MET D 144 1.80 -25.76 -35.57
CA MET D 144 0.48 -25.11 -35.47
C MET D 144 0.58 -23.56 -35.60
N GLU D 145 1.60 -22.93 -35.00
CA GLU D 145 1.81 -21.49 -35.18
C GLU D 145 2.02 -21.05 -36.65
N SER D 146 2.71 -21.87 -37.43
CA SER D 146 2.91 -21.61 -38.86
C SER D 146 1.68 -21.66 -39.73
N VAL D 147 0.67 -22.43 -39.35
CA VAL D 147 -0.58 -22.58 -40.13
C VAL D 147 -1.83 -21.87 -39.51
N LEU D 148 -1.65 -21.29 -38.33
CA LEU D 148 -2.70 -20.68 -37.56
C LEU D 148 -3.52 -19.65 -38.35
N PRO D 149 -2.86 -18.74 -39.10
CA PRO D 149 -3.74 -17.75 -39.80
C PRO D 149 -4.66 -18.45 -40.82
N THR D 150 -4.14 -19.43 -41.56
CA THR D 150 -4.94 -20.19 -42.46
C THR D 150 -6.04 -20.99 -41.79
N LEU D 151 -5.75 -21.65 -40.65
CA LEU D 151 -6.77 -22.38 -39.92
C LEU D 151 -7.85 -21.40 -39.37
N TRP D 152 -7.46 -20.21 -38.98
CA TRP D 152 -8.40 -19.23 -38.36
C TRP D 152 -9.44 -18.81 -39.43
N MET D 153 -9.03 -18.65 -40.70
CA MET D 153 -9.99 -18.44 -41.76
C MET D 153 -10.80 -19.70 -41.99
N LEU D 154 -10.12 -20.84 -42.09
CA LEU D 154 -10.78 -22.10 -42.41
C LEU D 154 -11.95 -22.39 -41.45
N LYS D 155 -11.75 -22.14 -40.15
CA LYS D 155 -12.83 -22.47 -39.19
C LYS D 155 -14.13 -21.71 -39.45
N ASP D 156 -14.03 -20.45 -39.81
CA ASP D 156 -15.17 -19.67 -40.15
C ASP D 156 -15.82 -20.02 -41.50
N TYR D 157 -15.01 -20.37 -42.48
CA TYR D 157 -15.57 -20.91 -43.72
C TYR D 157 -16.37 -22.22 -43.46
N ALA D 158 -15.79 -23.10 -42.66
CA ALA D 158 -16.40 -24.38 -42.29
C ALA D 158 -17.67 -24.16 -41.49
N LEU D 159 -17.66 -23.20 -40.55
CA LEU D 159 -18.82 -22.87 -39.78
C LEU D 159 -19.95 -22.40 -40.70
N GLN D 160 -19.65 -21.43 -41.55
CA GLN D 160 -20.71 -20.83 -42.38
C GLN D 160 -21.34 -21.86 -43.31
N SER D 161 -20.51 -22.65 -43.94
CA SER D 161 -20.98 -23.69 -44.90
C SER D 161 -21.65 -24.86 -44.17
N GLY D 162 -20.99 -25.33 -43.09
CA GLY D 162 -21.49 -26.47 -42.31
C GLY D 162 -22.80 -26.21 -41.61
N ALA D 163 -23.03 -24.97 -41.19
CA ALA D 163 -24.26 -24.67 -40.47
C ALA D 163 -25.46 -24.81 -41.46
N GLY D 164 -25.25 -24.44 -42.72
CA GLY D 164 -26.25 -24.58 -43.75
C GLY D 164 -26.59 -26.03 -44.06
N LEU D 165 -25.55 -26.82 -44.23
CA LEU D 165 -25.66 -28.29 -44.29
C LEU D 165 -26.37 -28.90 -43.09
N ALA D 166 -25.98 -28.53 -41.91
CA ALA D 166 -26.49 -29.18 -40.71
C ALA D 166 -27.96 -28.82 -40.38
N PHE D 167 -28.38 -27.58 -40.66
CA PHE D 167 -29.66 -27.06 -40.13
C PHE D 167 -30.65 -26.47 -41.18
N GLU D 168 -30.28 -26.41 -42.45
CA GLU D 168 -31.22 -25.99 -43.53
C GLU D 168 -30.99 -26.70 -44.90
N VAL E 4 -24.65 29.13 -5.01
CA VAL E 4 -26.02 29.74 -5.05
C VAL E 4 -26.96 28.64 -5.57
N ASP E 5 -26.70 28.23 -6.82
CA ASP E 5 -27.37 27.09 -7.40
C ASP E 5 -27.29 25.83 -6.52
N GLY E 6 -26.11 25.55 -5.91
CA GLY E 6 -26.01 24.46 -4.95
C GLY E 6 -26.85 24.63 -3.66
N PHE E 7 -26.81 25.82 -3.03
CA PHE E 7 -27.60 26.08 -1.88
C PHE E 7 -29.07 25.81 -2.18
N LEU E 8 -29.49 26.32 -3.34
CA LEU E 8 -30.83 26.06 -3.83
C LEU E 8 -31.09 24.56 -3.93
N GLU E 9 -30.16 23.83 -4.53
CA GLU E 9 -30.25 22.37 -4.57
C GLU E 9 -30.39 21.79 -3.15
N LEU E 10 -29.50 22.20 -2.27
CA LEU E 10 -29.60 21.85 -0.83
C LEU E 10 -30.98 22.17 -0.29
N GLU E 11 -31.47 23.39 -0.55
CA GLU E 11 -32.82 23.77 -0.10
C GLU E 11 -33.96 22.99 -0.72
N ARG E 12 -33.84 22.71 -2.01
CA ARG E 12 -34.82 21.93 -2.77
C ARG E 12 -34.80 20.46 -2.40
N SER E 13 -33.75 19.96 -1.75
CA SER E 13 -33.67 18.53 -1.51
C SER E 13 -34.68 18.08 -0.47
N SER E 14 -34.98 16.81 -0.50
CA SER E 14 -35.88 16.19 0.43
C SER E 14 -35.01 15.28 1.23
N GLY E 15 -34.90 15.51 2.53
CA GLY E 15 -34.34 14.53 3.43
C GLY E 15 -32.82 14.59 3.53
N LYS E 16 -32.32 13.96 4.57
CA LYS E 16 -30.94 13.91 4.88
C LYS E 16 -30.13 13.22 3.77
N LEU E 17 -30.60 12.11 3.15
CA LEU E 17 -29.76 11.39 2.22
C LEU E 17 -29.42 12.23 0.97
N GLU E 18 -30.40 12.92 0.43
CA GLU E 18 -30.21 13.75 -0.77
C GLU E 18 -29.33 15.01 -0.43
N TRP E 19 -29.58 15.55 0.74
CA TRP E 19 -28.82 16.77 1.20
C TRP E 19 -27.37 16.36 1.35
N SER E 20 -27.15 15.20 2.04
CA SER E 20 -25.79 14.70 2.12
C SER E 20 -25.12 14.48 0.80
N ALA E 21 -25.86 13.90 -0.14
CA ALA E 21 -25.30 13.62 -1.45
C ALA E 21 -24.86 14.85 -2.19
N ILE E 22 -25.71 15.88 -2.12
CA ILE E 22 -25.44 17.19 -2.77
C ILE E 22 -24.18 17.85 -2.12
N LEU E 23 -24.14 17.86 -0.81
CA LEU E 23 -22.99 18.48 -0.12
C LEU E 23 -21.70 17.76 -0.46
N GLN E 24 -21.73 16.44 -0.40
CA GLN E 24 -20.58 15.65 -0.75
C GLN E 24 -20.13 15.86 -2.15
N LYS E 25 -21.09 15.97 -3.10
CA LYS E 25 -20.70 16.18 -4.48
C LYS E 25 -20.07 17.57 -4.71
N MET E 26 -20.62 18.59 -4.04
CA MET E 26 -20.09 19.97 -4.15
C MET E 26 -18.68 19.97 -3.63
N ALA E 27 -18.49 19.34 -2.48
CA ALA E 27 -17.09 19.21 -1.95
C ALA E 27 -16.14 18.39 -2.84
N SER E 28 -16.62 17.25 -3.38
CA SER E 28 -15.79 16.46 -4.27
C SER E 28 -15.39 17.25 -5.55
N ASP E 29 -16.34 18.04 -6.08
CA ASP E 29 -16.08 18.88 -7.28
C ASP E 29 -15.04 19.96 -6.99
N LEU E 30 -14.94 20.35 -5.72
CA LEU E 30 -13.90 21.25 -5.27
C LEU E 30 -12.56 20.61 -4.86
N GLY E 31 -12.50 19.30 -4.92
CA GLY E 31 -11.28 18.52 -4.77
C GLY E 31 -11.18 17.82 -3.39
N PHE E 32 -12.28 17.82 -2.61
CA PHE E 32 -12.25 17.18 -1.28
C PHE E 32 -13.05 15.88 -1.26
N SER E 33 -12.37 14.78 -1.13
CA SER E 33 -13.08 13.49 -1.23
C SER E 33 -13.64 13.05 0.09
N LYS E 34 -13.26 13.70 1.20
CA LYS E 34 -13.83 13.38 2.51
C LYS E 34 -14.30 14.62 3.24
N ILE E 35 -15.53 14.59 3.76
CA ILE E 35 -16.11 15.73 4.48
C ILE E 35 -16.91 15.27 5.63
N LEU E 36 -17.03 16.13 6.61
CA LEU E 36 -17.86 15.90 7.77
C LEU E 36 -18.48 17.23 8.15
N PHE E 37 -19.80 17.28 8.10
CA PHE E 37 -20.62 18.41 8.56
C PHE E 37 -21.24 18.04 9.88
N GLY E 38 -20.99 18.80 10.94
CA GLY E 38 -21.54 18.51 12.22
C GLY E 38 -22.26 19.68 12.85
N LEU E 39 -23.40 19.46 13.52
CA LEU E 39 -24.16 20.60 14.05
C LEU E 39 -24.81 20.23 15.36
N LEU E 40 -24.60 21.07 16.35
CA LEU E 40 -25.24 21.02 17.66
C LEU E 40 -26.16 22.25 17.87
N PRO E 41 -27.18 22.09 18.68
CA PRO E 41 -27.92 23.29 19.12
C PRO E 41 -27.19 24.13 20.12
N LYS E 42 -27.71 25.35 20.32
CA LYS E 42 -27.09 26.29 21.22
C LYS E 42 -26.80 25.71 22.62
N ASP E 43 -25.62 25.97 23.13
CA ASP E 43 -25.12 25.56 24.44
C ASP E 43 -24.92 24.09 24.66
N SER E 44 -25.09 23.26 23.63
CA SER E 44 -24.91 21.84 23.82
C SER E 44 -23.38 21.56 23.74
N GLN E 45 -22.89 20.66 24.57
CA GLN E 45 -21.53 20.08 24.42
C GLN E 45 -21.62 18.60 24.12
N ASP E 46 -22.77 18.13 23.61
CA ASP E 46 -23.05 16.71 23.46
C ASP E 46 -22.62 16.23 22.06
N TYR E 47 -21.29 16.27 21.82
CA TYR E 47 -20.68 15.99 20.54
C TYR E 47 -21.01 14.59 20.02
N GLU E 48 -21.10 13.65 20.94
CA GLU E 48 -21.47 12.24 20.62
C GLU E 48 -22.89 12.12 20.02
N ASN E 49 -23.76 13.13 20.22
CA ASN E 49 -25.12 13.14 19.61
C ASN E 49 -25.38 14.33 18.65
N ALA E 50 -24.30 14.83 18.05
CA ALA E 50 -24.44 15.84 16.99
C ALA E 50 -25.19 15.34 15.78
N PHE E 51 -25.81 16.24 15.05
CA PHE E 51 -26.28 16.00 13.71
C PHE E 51 -25.08 15.94 12.77
N ILE E 52 -24.85 14.79 12.12
CA ILE E 52 -23.62 14.58 11.34
C ILE E 52 -23.95 14.13 9.98
N VAL E 53 -23.33 14.76 8.97
CA VAL E 53 -23.43 14.41 7.59
C VAL E 53 -22.08 14.20 7.01
N GLY E 54 -21.95 13.23 6.11
CA GLY E 54 -20.71 13.15 5.35
C GLY E 54 -20.20 11.78 5.05
N ASN E 55 -18.98 11.70 4.59
CA ASN E 55 -18.39 10.44 4.10
C ASN E 55 -17.06 10.04 4.72
N TYR E 56 -16.74 10.53 5.93
CA TYR E 56 -15.61 9.98 6.68
C TYR E 56 -15.85 8.48 6.84
N PRO E 57 -14.77 7.71 6.85
CA PRO E 57 -14.94 6.27 7.09
C PRO E 57 -15.68 5.98 8.37
N ALA E 58 -16.73 5.13 8.29
CA ALA E 58 -17.56 4.88 9.43
C ALA E 58 -16.77 4.41 10.68
N ALA E 59 -15.78 3.55 10.50
CA ALA E 59 -15.03 3.05 11.63
C ALA E 59 -14.19 4.15 12.36
N TRP E 60 -13.79 5.17 11.59
CA TRP E 60 -13.18 6.39 12.13
C TRP E 60 -14.15 7.20 12.97
N ARG E 61 -15.33 7.45 12.44
CA ARG E 61 -16.35 8.13 13.17
C ARG E 61 -16.70 7.44 14.50
N GLU E 62 -16.76 6.12 14.45
CA GLU E 62 -17.04 5.31 15.60
C GLU E 62 -15.92 5.34 16.60
N HIS E 63 -14.68 5.26 16.11
CA HIS E 63 -13.48 5.38 16.99
C HIS E 63 -13.46 6.76 17.68
N TYR E 64 -13.67 7.82 16.91
CA TYR E 64 -13.68 9.17 17.45
C TYR E 64 -14.68 9.33 18.61
N ASP E 65 -15.89 8.79 18.42
CA ASP E 65 -16.90 8.78 19.51
C ASP E 65 -16.43 7.95 20.70
N ARG E 66 -15.97 6.73 20.44
CA ARG E 66 -15.67 5.80 21.55
C ARG E 66 -14.45 6.29 22.37
N ALA E 67 -13.51 6.93 21.71
CA ALA E 67 -12.31 7.48 22.34
C ALA E 67 -12.49 8.88 22.93
N GLY E 68 -13.67 9.48 22.76
CA GLY E 68 -13.95 10.82 23.15
C GLY E 68 -13.02 11.90 22.61
N TYR E 69 -12.71 11.79 21.34
CA TYR E 69 -11.77 12.70 20.74
C TYR E 69 -12.31 14.11 20.61
N ALA E 70 -13.60 14.32 20.86
CA ALA E 70 -14.11 15.69 20.89
C ALA E 70 -13.39 16.52 21.97
N ARG E 71 -12.82 15.85 22.97
CA ARG E 71 -12.14 16.52 24.09
C ARG E 71 -10.68 16.75 23.77
N VAL E 72 -10.20 16.19 22.69
CA VAL E 72 -8.82 16.23 22.33
C VAL E 72 -8.56 17.01 21.04
N ASP E 73 -9.33 16.70 20.00
CA ASP E 73 -9.22 17.30 18.68
C ASP E 73 -9.10 18.79 18.81
N PRO E 74 -8.02 19.36 18.29
CA PRO E 74 -7.77 20.82 18.49
C PRO E 74 -8.73 21.69 17.69
N THR E 75 -9.43 21.12 16.69
CA THR E 75 -10.33 21.96 15.86
C THR E 75 -11.60 22.21 16.65
N VAL E 76 -11.98 21.30 17.59
CA VAL E 76 -13.20 21.43 18.41
C VAL E 76 -13.11 22.67 19.32
N SER E 77 -12.08 22.77 20.17
CA SER E 77 -11.82 24.02 20.96
C SER E 77 -11.74 25.26 20.08
N HIS E 78 -11.09 25.16 18.93
CA HIS E 78 -10.99 26.30 18.01
C HIS E 78 -12.38 26.79 17.59
N CYS E 79 -13.21 25.86 17.17
CA CYS E 79 -14.60 26.22 16.75
C CYS E 79 -15.42 26.92 17.85
N THR E 80 -15.19 26.60 19.12
CA THR E 80 -15.91 27.29 20.20
C THR E 80 -15.38 28.71 20.45
N GLN E 81 -14.24 29.06 19.90
CA GLN E 81 -13.62 30.35 20.07
C GLN E 81 -13.59 31.26 18.86
N SER E 82 -13.86 30.74 17.65
CA SER E 82 -13.58 31.47 16.46
C SER E 82 -14.58 31.11 15.35
N VAL E 83 -14.74 32.08 14.43
CA VAL E 83 -15.45 31.89 13.16
C VAL E 83 -14.49 31.62 11.99
N LEU E 84 -13.18 31.64 12.25
CA LEU E 84 -12.22 31.50 11.17
C LEU E 84 -11.79 30.04 10.98
N PRO E 85 -11.43 29.70 9.75
CA PRO E 85 -10.99 28.31 9.50
C PRO E 85 -9.71 27.96 10.26
N ILE E 86 -9.60 26.69 10.65
CA ILE E 86 -8.35 26.15 11.16
C ILE E 86 -7.84 25.09 10.17
N PHE E 87 -6.62 25.30 9.66
CA PHE E 87 -5.99 24.34 8.76
C PHE E 87 -5.30 23.28 9.56
N TRP E 88 -5.33 22.05 9.05
CA TRP E 88 -4.76 20.91 9.75
C TRP E 88 -3.25 20.87 9.50
N GLU E 89 -2.48 21.33 10.47
CA GLU E 89 -1.04 21.59 10.31
C GLU E 89 -0.41 21.07 11.58
N PRO E 90 0.86 20.64 11.50
CA PRO E 90 1.47 20.03 12.68
C PRO E 90 1.37 20.90 13.94
N SER E 91 1.42 22.21 13.77
CA SER E 91 1.42 23.14 14.89
C SER E 91 0.11 23.14 15.69
N ILE E 92 -1.03 22.67 15.12
CA ILE E 92 -2.25 22.63 15.94
C ILE E 92 -2.33 21.50 16.93
N TYR E 93 -1.47 20.50 16.76
CA TYR E 93 -1.42 19.34 17.61
C TYR E 93 -0.33 19.57 18.66
N GLN E 94 -0.72 20.05 19.80
CA GLN E 94 0.26 20.53 20.81
C GLN E 94 0.48 19.55 21.96
N THR E 95 -0.56 18.92 22.44
CA THR E 95 -0.47 17.97 23.55
C THR E 95 -0.15 16.54 23.10
N ARG E 96 0.27 15.71 24.05
CA ARG E 96 0.53 14.30 23.75
C ARG E 96 -0.66 13.58 23.20
N LYS E 97 -1.83 13.82 23.80
CA LYS E 97 -3.06 13.22 23.30
C LYS E 97 -3.43 13.77 21.91
N GLN E 98 -3.17 15.05 21.71
CA GLN E 98 -3.40 15.62 20.34
C GLN E 98 -2.43 15.00 19.27
N HIS E 99 -1.24 14.60 19.68
CA HIS E 99 -0.35 13.90 18.75
C HIS E 99 -0.85 12.55 18.48
N GLU E 100 -1.41 11.87 19.47
CA GLU E 100 -2.06 10.57 19.24
C GLU E 100 -3.24 10.72 18.27
N PHE E 101 -4.04 11.75 18.53
CA PHE E 101 -5.16 12.05 17.64
C PHE E 101 -4.70 12.23 16.24
N PHE E 102 -3.66 13.03 16.00
CA PHE E 102 -3.14 13.22 14.68
C PHE E 102 -2.77 11.89 13.99
N GLU E 103 -2.10 11.00 14.74
CA GLU E 103 -1.63 9.71 14.15
C GLU E 103 -2.80 8.81 13.79
N GLU E 104 -3.83 8.81 14.65
CA GLU E 104 -5.00 7.95 14.39
C GLU E 104 -5.82 8.52 13.18
N ALA E 105 -5.95 9.84 13.11
CA ALA E 105 -6.66 10.42 11.99
C ALA E 105 -5.93 10.14 10.65
N SER E 106 -4.61 10.21 10.73
CA SER E 106 -3.77 10.05 9.59
C SER E 106 -3.96 8.58 9.09
N ALA E 107 -4.15 7.65 10.00
CA ALA E 107 -4.42 6.23 9.63
C ALA E 107 -5.75 6.04 8.89
N ALA E 108 -6.72 6.92 9.17
CA ALA E 108 -7.96 6.95 8.45
C ALA E 108 -7.89 7.67 7.12
N GLY E 109 -6.72 8.20 6.76
CA GLY E 109 -6.57 8.94 5.52
C GLY E 109 -6.83 10.39 5.64
N LEU E 110 -6.95 10.88 6.88
CA LEU E 110 -7.36 12.27 7.15
C LEU E 110 -6.14 13.05 7.64
N VAL E 111 -5.34 13.55 6.69
CA VAL E 111 -4.09 14.23 7.01
C VAL E 111 -4.07 15.71 6.68
N TYR E 112 -4.48 16.05 5.45
CA TYR E 112 -4.52 17.40 5.00
C TYR E 112 -5.96 17.86 4.89
N GLY E 113 -6.20 19.08 5.32
CA GLY E 113 -7.57 19.61 5.27
C GLY E 113 -7.71 20.82 6.14
N LEU E 114 -8.96 21.13 6.42
CA LEU E 114 -9.34 22.29 7.17
C LEU E 114 -10.67 22.09 7.83
N THR E 115 -10.92 22.86 8.88
CA THR E 115 -12.21 22.83 9.55
C THR E 115 -12.72 24.25 9.63
N MET E 116 -13.91 24.45 9.07
CA MET E 116 -14.61 25.75 9.12
C MET E 116 -15.65 25.75 10.24
N PRO E 117 -15.46 26.55 11.30
CA PRO E 117 -16.47 26.69 12.31
C PRO E 117 -17.77 27.16 11.71
N LEU E 118 -18.84 26.60 12.30
CA LEU E 118 -20.21 27.04 12.04
C LEU E 118 -20.85 27.65 13.25
N HIS E 119 -21.37 28.87 13.09
CA HIS E 119 -22.06 29.56 14.15
C HIS E 119 -23.34 30.15 13.63
N GLY E 120 -24.46 29.46 13.87
CA GLY E 120 -25.75 29.84 13.26
C GLY E 120 -26.39 31.05 13.90
N ALA E 121 -27.35 31.54 13.20
CA ALA E 121 -28.12 32.70 13.67
C ALA E 121 -28.92 32.45 14.95
N ARG E 122 -29.27 31.22 15.21
CA ARG E 122 -29.91 30.90 16.53
C ARG E 122 -28.99 30.20 17.50
N GLY E 123 -27.67 30.38 17.34
CA GLY E 123 -26.73 29.86 18.29
C GLY E 123 -26.23 28.44 18.03
N GLU E 124 -26.60 27.90 16.88
CA GLU E 124 -26.18 26.56 16.49
C GLU E 124 -24.68 26.55 16.44
N LEU E 125 -24.05 25.46 16.90
CA LEU E 125 -22.61 25.38 16.88
C LEU E 125 -22.25 24.14 16.06
N GLY E 126 -21.27 24.30 15.19
CA GLY E 126 -20.86 23.20 14.30
C GLY E 126 -19.55 23.36 13.62
N ALA E 127 -19.27 22.41 12.70
CA ALA E 127 -18.06 22.46 11.91
C ALA E 127 -18.30 21.85 10.56
N LEU E 128 -17.66 22.38 9.55
CA LEU E 128 -17.57 21.71 8.27
C LEU E 128 -16.09 21.44 8.08
N SER E 129 -15.75 20.15 8.09
CA SER E 129 -14.38 19.64 7.95
C SER E 129 -14.23 19.02 6.58
N LEU E 130 -13.13 19.35 5.89
CA LEU E 130 -12.89 18.78 4.59
C LEU E 130 -11.48 18.37 4.48
N SER E 131 -11.27 17.22 3.89
CA SER E 131 -9.93 16.70 3.75
C SER E 131 -9.60 16.51 2.30
N VAL E 132 -8.36 16.89 1.94
CA VAL E 132 -7.89 16.76 0.54
C VAL E 132 -6.82 15.70 0.47
N GLU E 133 -6.91 14.79 -0.51
CA GLU E 133 -5.83 13.81 -0.71
C GLU E 133 -4.70 14.50 -1.45
N ALA E 134 -3.50 14.38 -0.92
CA ALA E 134 -2.35 14.97 -1.58
C ALA E 134 -1.12 14.25 -1.19
N GLU E 135 -0.09 14.41 -2.00
CA GLU E 135 1.20 13.75 -1.73
C GLU E 135 2.04 14.46 -0.66
N ASN E 136 1.83 15.77 -0.46
CA ASN E 136 2.58 16.52 0.52
C ASN E 136 1.79 17.79 0.89
N ARG E 137 2.32 18.56 1.81
CA ARG E 137 1.65 19.77 2.27
C ARG E 137 1.65 20.88 1.22
N ALA E 138 2.73 20.97 0.43
CA ALA E 138 2.80 21.97 -0.63
C ALA E 138 1.63 21.81 -1.57
N GLU E 139 1.40 20.59 -1.99
CA GLU E 139 0.40 20.36 -2.96
C GLU E 139 -0.99 20.56 -2.32
N ALA E 140 -1.14 20.08 -1.09
CA ALA E 140 -2.45 20.19 -0.36
C ALA E 140 -2.82 21.64 -0.18
N ASN E 141 -1.84 22.45 0.21
CA ASN E 141 -2.07 23.90 0.43
C ASN E 141 -2.48 24.61 -0.85
N ARG E 142 -1.82 24.34 -1.99
CA ARG E 142 -2.29 24.88 -3.28
C ARG E 142 -3.72 24.48 -3.63
N PHE E 143 -4.05 23.20 -3.41
CA PHE E 143 -5.42 22.74 -3.67
C PHE E 143 -6.47 23.48 -2.83
N MET E 144 -6.13 23.70 -1.59
CA MET E 144 -7.05 24.38 -0.66
C MET E 144 -7.14 25.88 -0.95
N GLU E 145 -5.99 26.51 -1.17
CA GLU E 145 -5.95 27.98 -1.45
C GLU E 145 -6.85 28.36 -2.61
N SER E 146 -6.79 27.55 -3.65
CA SER E 146 -7.55 27.76 -4.85
C SER E 146 -9.05 27.89 -4.63
N VAL E 147 -9.61 27.18 -3.65
CA VAL E 147 -11.00 27.13 -3.44
C VAL E 147 -11.46 27.72 -2.11
N LEU E 148 -10.54 28.30 -1.36
CA LEU E 148 -10.86 28.80 -0.06
C LEU E 148 -12.05 29.77 -0.07
N PRO E 149 -12.05 30.77 -0.96
CA PRO E 149 -13.23 31.68 -0.97
C PRO E 149 -14.61 30.99 -1.27
N THR E 150 -14.59 29.96 -2.14
CA THR E 150 -15.74 29.16 -2.41
C THR E 150 -16.17 28.38 -1.19
N LEU E 151 -15.23 27.73 -0.53
CA LEU E 151 -15.52 27.00 0.74
C LEU E 151 -16.07 27.95 1.81
N TRP E 152 -15.53 29.17 1.88
CA TRP E 152 -16.00 30.08 2.92
C TRP E 152 -17.48 30.45 2.72
N MET E 153 -17.90 30.60 1.47
CA MET E 153 -19.31 30.80 1.17
C MET E 153 -20.09 29.52 1.48
N LEU E 154 -19.57 28.39 1.02
CA LEU E 154 -20.30 27.12 1.13
C LEU E 154 -20.60 26.77 2.57
N LYS E 155 -19.65 27.02 3.49
CA LYS E 155 -19.89 26.67 4.89
C LYS E 155 -21.12 27.39 5.45
N ASP E 156 -21.33 28.62 5.07
CA ASP E 156 -22.49 29.35 5.56
C ASP E 156 -23.79 28.93 4.81
N TYR E 157 -23.69 28.66 3.53
CA TYR E 157 -24.84 28.07 2.85
C TYR E 157 -25.26 26.72 3.48
N ALA E 158 -24.25 25.91 3.75
CA ALA E 158 -24.52 24.62 4.34
C ALA E 158 -25.10 24.70 5.77
N LEU E 159 -24.58 25.66 6.53
CA LEU E 159 -25.08 25.96 7.84
C LEU E 159 -26.51 26.37 7.76
N GLN E 160 -26.82 27.33 6.92
CA GLN E 160 -28.20 27.91 6.88
C GLN E 160 -29.25 26.85 6.47
N SER E 161 -28.90 26.05 5.49
CA SER E 161 -29.76 24.93 5.03
C SER E 161 -29.79 23.78 6.03
N GLY E 162 -28.61 23.40 6.49
CA GLY E 162 -28.45 22.29 7.40
C GLY E 162 -29.09 22.44 8.76
N ALA E 163 -29.06 23.65 9.31
CA ALA E 163 -29.84 23.90 10.54
C ALA E 163 -31.38 23.54 10.51
N GLY E 164 -32.05 23.82 9.42
CA GLY E 164 -33.47 23.38 9.19
C GLY E 164 -33.61 21.88 9.15
N LEU E 165 -32.73 21.25 8.40
CA LEU E 165 -32.71 19.80 8.39
C LEU E 165 -32.46 19.16 9.74
N ALA E 166 -31.49 19.66 10.47
CA ALA E 166 -31.12 19.13 11.74
C ALA E 166 -32.21 19.23 12.83
N PHE E 167 -32.96 20.31 12.88
CA PHE E 167 -33.75 20.61 14.09
C PHE E 167 -35.27 20.56 13.94
N GLU E 168 -35.75 20.32 12.72
CA GLU E 168 -37.19 20.15 12.48
C GLU E 168 -37.54 18.67 12.55
N ASP F 5 23.33 18.19 10.35
CA ASP F 5 23.18 19.34 11.28
C ASP F 5 22.82 20.63 10.52
N GLY F 6 23.58 20.92 9.46
CA GLY F 6 23.26 22.00 8.57
C GLY F 6 21.89 21.79 7.94
N PHE F 7 21.58 20.57 7.46
CA PHE F 7 20.26 20.33 6.86
C PHE F 7 19.16 20.58 7.91
N LEU F 8 19.45 20.14 9.15
CA LEU F 8 18.52 20.28 10.24
C LEU F 8 18.31 21.77 10.48
N GLU F 9 19.43 22.50 10.46
CA GLU F 9 19.35 23.97 10.58
C GLU F 9 18.44 24.56 9.51
N LEU F 10 18.63 24.08 8.30
CA LEU F 10 17.81 24.49 7.15
C LEU F 10 16.34 24.22 7.38
N GLU F 11 16.03 23.00 7.81
CA GLU F 11 14.63 22.62 8.09
C GLU F 11 14.00 23.40 9.23
N ARG F 12 14.80 23.69 10.25
CA ARG F 12 14.34 24.51 11.40
C ARG F 12 14.12 26.00 11.08
N SER F 13 14.71 26.52 9.99
CA SER F 13 14.65 27.95 9.75
C SER F 13 13.24 28.52 9.49
N SER F 14 13.05 29.82 9.66
CA SER F 14 11.72 30.42 9.74
C SER F 14 11.23 31.09 8.46
N GLY F 15 11.94 30.95 7.37
CA GLY F 15 11.62 31.74 6.17
C GLY F 15 12.81 31.73 5.21
N LYS F 16 12.61 32.39 4.10
CA LYS F 16 13.59 32.41 3.02
C LYS F 16 14.88 33.13 3.42
N LEU F 17 14.79 34.30 4.09
CA LEU F 17 16.00 34.96 4.50
C LEU F 17 16.90 34.09 5.34
N GLU F 18 16.36 33.44 6.37
CA GLU F 18 17.17 32.61 7.23
C GLU F 18 17.77 31.36 6.52
N TRP F 19 16.96 30.76 5.69
CA TRP F 19 17.36 29.57 4.90
C TRP F 19 18.53 30.00 3.95
N SER F 20 18.34 31.12 3.25
CA SER F 20 19.41 31.77 2.44
C SER F 20 20.73 31.94 3.22
N ALA F 21 20.65 32.49 4.42
CA ALA F 21 21.79 32.75 5.21
C ALA F 21 22.56 31.51 5.59
N ILE F 22 21.79 30.49 5.96
CA ILE F 22 22.32 29.19 6.27
C ILE F 22 23.01 28.53 5.06
N LEU F 23 22.31 28.44 3.96
CA LEU F 23 22.92 27.85 2.79
C LEU F 23 24.15 28.60 2.32
N GLN F 24 24.09 29.93 2.35
CA GLN F 24 25.26 30.71 2.02
C GLN F 24 26.45 30.43 2.94
N LYS F 25 26.20 30.30 4.24
CA LYS F 25 27.26 30.03 5.22
C LYS F 25 27.88 28.63 4.95
N MET F 26 27.06 27.64 4.70
CA MET F 26 27.56 26.30 4.42
C MET F 26 28.49 26.33 3.19
N ALA F 27 28.02 27.02 2.15
CA ALA F 27 28.81 27.12 0.90
C ALA F 27 30.11 27.88 1.17
N SER F 28 30.03 28.97 1.93
CA SER F 28 31.22 29.75 2.29
C SER F 28 32.23 28.87 3.04
N ASP F 29 31.73 28.04 3.95
CA ASP F 29 32.55 27.10 4.72
C ASP F 29 33.28 26.08 3.89
N LEU F 30 32.74 25.77 2.71
CA LEU F 30 33.37 24.90 1.74
C LEU F 30 34.22 25.60 0.73
N GLY F 31 34.32 26.94 0.84
CA GLY F 31 35.19 27.69 -0.02
C GLY F 31 34.52 28.49 -1.11
N PHE F 32 33.20 28.56 -1.13
CA PHE F 32 32.48 29.23 -2.20
C PHE F 32 31.81 30.55 -1.72
N SER F 33 32.28 31.68 -2.23
CA SER F 33 31.78 32.96 -1.70
C SER F 33 30.49 33.42 -2.42
N LYS F 34 30.17 32.80 -3.57
CA LYS F 34 28.96 33.14 -4.32
C LYS F 34 28.20 31.88 -4.70
N ILE F 35 26.87 31.89 -4.46
CA ILE F 35 26.04 30.78 -4.81
C ILE F 35 24.73 31.25 -5.34
N LEU F 36 24.15 30.43 -6.18
CA LEU F 36 22.78 30.61 -6.61
C LEU F 36 22.07 29.24 -6.57
N PHE F 37 20.93 29.17 -5.85
CA PHE F 37 20.06 28.00 -5.84
C PHE F 37 18.77 28.41 -6.58
N GLY F 38 18.45 27.69 -7.64
CA GLY F 38 17.35 27.95 -8.55
C GLY F 38 16.49 26.69 -8.58
N LEU F 39 15.16 26.84 -8.47
CA LEU F 39 14.24 25.71 -8.51
C LEU F 39 12.95 26.09 -9.23
N LEU F 40 12.57 25.20 -10.11
CA LEU F 40 11.29 25.27 -10.81
C LEU F 40 10.42 24.05 -10.47
N PRO F 41 9.07 24.23 -10.40
CA PRO F 41 8.23 23.05 -10.33
C PRO F 41 8.25 22.16 -11.59
N LYS F 42 7.63 20.99 -11.45
CA LYS F 42 7.59 20.01 -12.53
C LYS F 42 7.15 20.63 -13.84
N ASP F 43 7.88 20.30 -14.91
CA ASP F 43 7.51 20.61 -16.31
C ASP F 43 7.48 22.09 -16.69
N SER F 44 8.19 22.89 -15.91
CA SER F 44 8.33 24.27 -16.20
C SER F 44 9.71 24.50 -16.76
N GLN F 45 9.77 25.32 -17.82
CA GLN F 45 11.02 25.89 -18.34
C GLN F 45 11.03 27.42 -18.12
N ASP F 46 10.31 27.90 -17.10
CA ASP F 46 10.17 29.35 -16.94
C ASP F 46 11.27 29.99 -16.10
N TYR F 47 12.49 29.97 -16.64
CA TYR F 47 13.68 30.32 -15.83
C TYR F 47 13.63 31.72 -15.22
N GLU F 48 12.99 32.66 -15.95
CA GLU F 48 12.83 34.04 -15.47
C GLU F 48 11.92 34.12 -14.23
N ASN F 49 11.11 33.10 -13.94
CA ASN F 49 10.28 33.08 -12.74
C ASN F 49 10.65 31.95 -11.77
N ALA F 50 11.88 31.47 -11.85
CA ALA F 50 12.38 30.45 -10.86
C ALA F 50 12.36 30.98 -9.43
N PHE F 51 12.25 30.08 -8.47
CA PHE F 51 12.54 30.33 -7.05
C PHE F 51 14.06 30.42 -6.99
N ILE F 52 14.56 31.58 -6.55
CA ILE F 52 15.98 31.82 -6.52
C ILE F 52 16.44 32.22 -5.08
N VAL F 53 17.50 31.60 -4.62
CA VAL F 53 18.19 31.98 -3.37
C VAL F 53 19.68 32.17 -3.66
N GLY F 54 20.27 33.12 -2.97
CA GLY F 54 21.75 33.25 -2.95
C GLY F 54 22.25 34.68 -2.97
N ASN F 55 23.53 34.83 -3.30
CA ASN F 55 24.23 36.11 -3.16
C ASN F 55 24.97 36.49 -4.43
N TYR F 56 24.49 36.02 -5.57
CA TYR F 56 25.03 36.55 -6.83
C TYR F 56 24.71 38.04 -6.84
N PRO F 57 25.60 38.89 -7.42
CA PRO F 57 25.26 40.34 -7.59
C PRO F 57 23.89 40.55 -8.21
N ALA F 58 23.05 41.40 -7.57
CA ALA F 58 21.70 41.60 -8.05
C ALA F 58 21.70 42.08 -9.51
N ALA F 59 22.63 42.98 -9.88
CA ALA F 59 22.64 43.50 -11.22
C ALA F 59 22.95 42.41 -12.27
N TRP F 60 23.73 41.42 -11.87
CA TRP F 60 24.01 40.23 -12.72
C TRP F 60 22.76 39.40 -12.91
N ARG F 61 22.12 39.07 -11.80
CA ARG F 61 20.83 38.42 -11.89
C ARG F 61 19.85 39.13 -12.84
N GLU F 62 19.75 40.44 -12.67
CA GLU F 62 18.84 41.23 -13.53
C GLU F 62 19.25 41.16 -14.98
N HIS F 63 20.53 41.29 -15.23
CA HIS F 63 21.05 41.22 -16.62
C HIS F 63 20.85 39.85 -17.28
N TYR F 64 21.13 38.79 -16.53
CA TYR F 64 20.90 37.42 -17.02
C TYR F 64 19.44 37.26 -17.45
N ASP F 65 18.51 37.76 -16.64
CA ASP F 65 17.06 37.73 -16.98
C ASP F 65 16.76 38.54 -18.23
N ARG F 66 17.23 39.78 -18.27
CA ARG F 66 16.95 40.64 -19.43
C ARG F 66 17.56 40.16 -20.74
N ALA F 67 18.80 39.65 -20.69
CA ALA F 67 19.44 39.14 -21.84
C ALA F 67 18.97 37.73 -22.27
N GLY F 68 18.02 37.09 -21.55
CA GLY F 68 17.60 35.73 -21.84
C GLY F 68 18.69 34.64 -21.79
N TYR F 69 19.58 34.74 -20.78
CA TYR F 69 20.80 33.94 -20.81
C TYR F 69 20.46 32.51 -20.45
N ALA F 70 19.28 32.23 -19.93
CA ALA F 70 18.92 30.84 -19.71
C ALA F 70 18.89 30.03 -21.02
N ARG F 71 18.63 30.71 -22.15
CA ARG F 71 18.71 30.07 -23.49
C ARG F 71 20.13 29.88 -23.99
N VAL F 72 21.13 30.43 -23.31
CA VAL F 72 22.51 30.41 -23.76
C VAL F 72 23.47 29.67 -22.84
N ASP F 73 23.37 30.03 -21.56
CA ASP F 73 24.16 29.43 -20.48
C ASP F 73 24.22 27.90 -20.70
N PRO F 74 25.41 27.36 -20.95
CA PRO F 74 25.52 25.88 -21.18
C PRO F 74 25.10 25.00 -19.97
N THR F 75 25.19 25.55 -18.76
CA THR F 75 24.81 24.74 -17.58
C THR F 75 23.33 24.46 -17.58
N VAL F 76 22.53 25.32 -18.17
CA VAL F 76 21.04 25.14 -18.12
C VAL F 76 20.60 23.94 -18.93
N SER F 77 20.99 23.84 -20.19
CA SER F 77 20.73 22.63 -20.95
C SER F 77 21.31 21.37 -20.33
N HIS F 78 22.49 21.47 -19.74
CA HIS F 78 23.12 20.32 -19.06
C HIS F 78 22.21 19.77 -17.95
N CYS F 79 21.70 20.70 -17.12
CA CYS F 79 20.81 20.30 -16.02
C CYS F 79 19.54 19.60 -16.48
N THR F 80 19.00 19.94 -17.67
CA THR F 80 17.83 19.26 -18.20
C THR F 80 18.12 17.81 -18.63
N GLN F 81 19.38 17.48 -18.85
CA GLN F 81 19.81 16.18 -19.33
C GLN F 81 20.61 15.31 -18.36
N SER F 82 20.99 15.82 -17.19
CA SER F 82 21.90 15.12 -16.35
C SER F 82 21.72 15.48 -14.88
N VAL F 83 22.11 14.52 -14.02
CA VAL F 83 22.25 14.71 -12.59
C VAL F 83 23.67 14.97 -12.12
N LEU F 84 24.64 14.99 -13.03
CA LEU F 84 26.00 15.11 -12.63
C LEU F 84 26.46 16.57 -12.72
N PRO F 85 27.44 16.91 -11.92
CA PRO F 85 27.88 18.31 -11.97
C PRO F 85 28.51 18.69 -13.27
N ILE F 86 28.35 19.97 -13.63
CA ILE F 86 29.10 20.50 -14.75
C ILE F 86 30.06 21.56 -14.25
N PHE F 87 31.36 21.37 -14.50
CA PHE F 87 32.34 22.39 -14.08
C PHE F 87 32.42 23.53 -15.08
N TRP F 88 32.61 24.76 -14.59
CA TRP F 88 32.70 25.92 -15.49
C TRP F 88 34.07 25.95 -16.19
N GLU F 89 34.23 25.11 -17.19
CA GLU F 89 35.50 24.99 -17.96
C GLU F 89 35.39 25.68 -19.32
N PRO F 90 36.55 26.10 -19.91
CA PRO F 90 36.49 26.72 -21.27
C PRO F 90 35.72 25.88 -22.30
N SER F 91 35.92 24.57 -22.26
CA SER F 91 35.27 23.68 -23.26
C SER F 91 33.73 23.73 -23.27
N ILE F 92 33.07 24.13 -22.15
CA ILE F 92 31.57 24.22 -22.16
C ILE F 92 30.99 25.43 -22.89
N TYR F 93 31.81 26.44 -23.19
CA TYR F 93 31.31 27.66 -23.86
C TYR F 93 31.68 27.48 -25.35
N GLN F 94 30.78 26.93 -26.16
CA GLN F 94 31.14 26.55 -27.56
C GLN F 94 30.78 27.62 -28.58
N THR F 95 29.54 28.09 -28.52
CA THR F 95 29.04 29.16 -29.43
C THR F 95 29.58 30.55 -29.09
N ARG F 96 29.22 31.53 -29.92
CA ARG F 96 29.77 32.87 -29.83
C ARG F 96 28.96 33.53 -28.73
N LYS F 97 27.65 33.24 -28.64
CA LYS F 97 26.82 33.79 -27.56
C LYS F 97 27.27 33.23 -26.18
N GLN F 98 27.67 31.97 -26.13
CA GLN F 98 28.23 31.41 -24.90
C GLN F 98 29.58 32.03 -24.50
N HIS F 99 30.41 32.40 -25.48
CA HIS F 99 31.65 33.10 -25.20
C HIS F 99 31.38 34.46 -24.61
N GLU F 100 30.32 35.11 -25.09
CA GLU F 100 29.94 36.43 -24.58
C GLU F 100 29.40 36.26 -23.15
N PHE F 101 28.53 35.25 -22.97
CA PHE F 101 28.07 34.83 -21.63
C PHE F 101 29.24 34.68 -20.64
N PHE F 102 30.24 33.86 -21.01
CA PHE F 102 31.45 33.68 -20.20
C PHE F 102 32.12 35.01 -19.84
N GLU F 103 32.24 35.91 -20.83
CA GLU F 103 32.89 37.19 -20.59
C GLU F 103 32.13 38.05 -19.60
N GLU F 104 30.81 38.12 -19.79
CA GLU F 104 29.93 38.92 -18.91
C GLU F 104 29.88 38.33 -17.52
N ALA F 105 29.77 37.02 -17.42
CA ALA F 105 29.86 36.42 -16.05
C ALA F 105 31.20 36.69 -15.37
N SER F 106 32.28 36.56 -16.12
CA SER F 106 33.62 36.82 -15.60
C SER F 106 33.78 38.28 -15.05
N ALA F 107 33.29 39.22 -15.82
CA ALA F 107 33.18 40.64 -15.40
C ALA F 107 32.38 40.83 -14.11
N ALA F 108 31.35 40.02 -13.90
CA ALA F 108 30.65 40.07 -12.65
C ALA F 108 31.33 39.34 -11.52
N GLY F 109 32.55 38.78 -11.73
CA GLY F 109 33.27 38.06 -10.72
C GLY F 109 33.07 36.52 -10.65
N LEU F 110 32.31 35.97 -11.58
CA LEU F 110 31.95 34.55 -11.60
C LEU F 110 32.77 33.84 -12.67
N VAL F 111 33.98 33.37 -12.31
CA VAL F 111 34.88 32.75 -13.33
C VAL F 111 35.02 31.24 -13.16
N TYR F 112 35.37 30.84 -11.95
CA TYR F 112 35.61 29.44 -11.62
C TYR F 112 34.41 28.93 -10.78
N GLY F 113 34.00 27.70 -11.06
CA GLY F 113 32.90 27.16 -10.27
C GLY F 113 32.33 25.93 -10.86
N LEU F 114 31.11 25.60 -10.42
CA LEU F 114 30.39 24.42 -10.94
C LEU F 114 28.93 24.60 -10.68
N THR F 115 28.14 23.81 -11.39
CA THR F 115 26.71 23.79 -11.26
C THR F 115 26.29 22.34 -11.02
N MET F 116 25.54 22.12 -9.95
CA MET F 116 25.01 20.84 -9.56
C MET F 116 23.53 20.80 -9.96
N PRO F 117 23.17 20.00 -10.99
CA PRO F 117 21.79 19.87 -11.29
C PRO F 117 20.94 19.34 -10.11
N LEU F 118 19.70 19.81 -10.03
CA LEU F 118 18.74 19.40 -8.97
C LEU F 118 17.54 18.77 -9.65
N HIS F 119 17.25 17.52 -9.25
CA HIS F 119 16.06 16.81 -9.77
C HIS F 119 15.29 16.19 -8.60
N GLY F 120 14.18 16.81 -8.28
CA GLY F 120 13.44 16.49 -7.06
C GLY F 120 12.58 15.25 -7.22
N ALA F 121 12.13 14.77 -6.07
CA ALA F 121 11.22 13.60 -5.99
C ALA F 121 9.88 13.86 -6.64
N ARG F 122 9.47 15.11 -6.70
CA ARG F 122 8.19 15.43 -7.33
C ARG F 122 8.33 16.11 -8.69
N GLY F 123 9.46 15.90 -9.35
CA GLY F 123 9.78 16.44 -10.68
C GLY F 123 10.29 17.90 -10.70
N GLU F 124 10.61 18.44 -9.53
CA GLU F 124 11.25 19.76 -9.42
C GLU F 124 12.57 19.76 -10.21
N LEU F 125 12.85 20.86 -10.92
CA LEU F 125 14.05 20.99 -11.71
C LEU F 125 14.79 22.22 -11.24
N GLY F 126 16.06 22.07 -10.93
CA GLY F 126 16.86 23.21 -10.55
C GLY F 126 18.33 23.08 -10.70
N ALA F 127 19.02 24.00 -10.04
CA ALA F 127 20.50 23.98 -10.02
C ALA F 127 20.98 24.63 -8.73
N LEU F 128 22.11 24.10 -8.27
CA LEU F 128 22.92 24.79 -7.28
C LEU F 128 24.24 25.17 -7.94
N SER F 129 24.47 26.45 -8.13
CA SER F 129 25.67 26.95 -8.81
C SER F 129 26.52 27.57 -7.74
N LEU F 130 27.81 27.31 -7.79
CA LEU F 130 28.71 27.81 -6.81
C LEU F 130 30.02 28.26 -7.45
N SER F 131 30.41 29.45 -7.08
CA SER F 131 31.60 30.02 -7.68
C SER F 131 32.66 30.13 -6.65
N VAL F 132 33.86 29.72 -7.04
CA VAL F 132 34.98 29.77 -6.14
C VAL F 132 35.96 30.89 -6.52
N GLU F 133 36.37 31.69 -5.55
CA GLU F 133 37.43 32.72 -5.78
C GLU F 133 38.79 32.04 -5.86
N ALA F 134 39.51 32.23 -6.95
CA ALA F 134 40.77 31.57 -7.15
C ALA F 134 41.64 32.40 -8.20
N GLU F 135 42.94 32.23 -8.11
CA GLU F 135 43.94 32.98 -8.90
C GLU F 135 44.25 32.23 -10.18
N ASN F 136 44.00 30.91 -10.21
CA ASN F 136 44.34 30.12 -11.37
C ASN F 136 43.50 28.85 -11.37
N ARG F 137 43.41 28.20 -12.52
CA ARG F 137 42.50 27.06 -12.68
C ARG F 137 42.90 25.81 -11.87
N ALA F 138 44.21 25.57 -11.71
CA ALA F 138 44.69 24.44 -10.88
C ALA F 138 44.26 24.56 -9.44
N GLU F 139 44.42 25.76 -8.92
CA GLU F 139 43.97 26.08 -7.60
C GLU F 139 42.38 25.93 -7.46
N ALA F 140 41.63 26.48 -8.40
CA ALA F 140 40.17 26.41 -8.40
C ALA F 140 39.79 24.92 -8.38
N ASN F 141 40.36 24.12 -9.28
CA ASN F 141 40.05 22.68 -9.27
C ASN F 141 40.50 21.93 -8.04
N ARG F 142 41.64 22.27 -7.46
CA ARG F 142 42.01 21.69 -6.14
C ARG F 142 40.95 22.02 -5.07
N PHE F 143 40.56 23.31 -5.03
CA PHE F 143 39.56 23.79 -4.03
C PHE F 143 38.22 23.07 -4.22
N MET F 144 37.80 22.95 -5.46
CA MET F 144 36.52 22.27 -5.77
C MET F 144 36.57 20.76 -5.48
N GLU F 145 37.57 20.11 -6.01
CA GLU F 145 37.71 18.65 -5.82
C GLU F 145 37.79 18.25 -4.37
N SER F 146 38.46 19.04 -3.53
CA SER F 146 38.70 18.69 -2.17
C SER F 146 37.42 18.67 -1.35
N VAL F 147 36.39 19.41 -1.77
CA VAL F 147 35.10 19.46 -1.07
C VAL F 147 33.91 18.82 -1.88
N LEU F 148 34.22 18.31 -3.02
CA LEU F 148 33.21 17.82 -3.97
C LEU F 148 32.26 16.78 -3.29
N PRO F 149 32.83 15.81 -2.52
CA PRO F 149 31.86 14.80 -1.93
C PRO F 149 30.89 15.47 -0.92
N THR F 150 31.36 16.46 -0.17
CA THR F 150 30.52 17.22 0.73
C THR F 150 29.51 18.04 -0.04
N LEU F 151 29.94 18.74 -1.11
CA LEU F 151 29.01 19.48 -1.94
C LEU F 151 27.94 18.64 -2.57
N TRP F 152 28.32 17.43 -2.92
CA TRP F 152 27.42 16.49 -3.61
C TRP F 152 26.27 16.08 -2.66
N MET F 153 26.59 15.88 -1.40
CA MET F 153 25.53 15.67 -0.37
C MET F 153 24.72 16.93 -0.17
N LEU F 154 25.42 18.08 -0.01
CA LEU F 154 24.75 19.34 0.24
C LEU F 154 23.64 19.67 -0.79
N LYS F 155 23.90 19.46 -2.09
CA LYS F 155 22.98 19.85 -3.11
C LYS F 155 21.65 19.08 -2.93
N ASP F 156 21.74 17.81 -2.50
CA ASP F 156 20.50 17.06 -2.30
C ASP F 156 19.79 17.45 -0.99
N TYR F 157 20.55 17.70 0.06
CA TYR F 157 19.98 18.30 1.26
C TYR F 157 19.27 19.64 0.94
N ALA F 158 19.94 20.49 0.16
CA ALA F 158 19.38 21.78 -0.19
C ALA F 158 18.10 21.63 -1.00
N LEU F 159 18.14 20.69 -1.95
CA LEU F 159 17.00 20.40 -2.78
C LEU F 159 15.82 19.94 -1.89
N GLN F 160 16.05 18.97 -1.04
CA GLN F 160 14.95 18.36 -0.27
C GLN F 160 14.35 19.42 0.64
N SER F 161 15.19 20.26 1.29
CA SER F 161 14.67 21.32 2.14
C SER F 161 14.06 22.45 1.35
N GLY F 162 14.75 22.85 0.29
CA GLY F 162 14.44 24.00 -0.54
C GLY F 162 13.14 23.82 -1.33
N ALA F 163 12.82 22.59 -1.73
CA ALA F 163 11.60 22.39 -2.42
C ALA F 163 10.38 22.80 -1.57
N GLY F 164 10.42 22.49 -0.27
CA GLY F 164 9.34 22.85 0.67
C GLY F 164 9.29 24.38 0.79
N LEU F 165 10.46 24.96 1.06
CA LEU F 165 10.55 26.40 1.12
C LEU F 165 10.00 27.06 -0.15
N ALA F 166 10.32 26.57 -1.33
CA ALA F 166 9.91 27.18 -2.58
C ALA F 166 8.42 27.08 -2.83
N PHE F 167 7.81 25.94 -2.48
CA PHE F 167 6.49 25.56 -3.02
C PHE F 167 5.36 25.40 -1.99
N GLU F 168 5.66 25.43 -0.68
CA GLU F 168 4.63 25.33 0.37
C GLU F 168 4.21 26.74 0.72
N LEU G 3 36.15 6.96 -8.77
CA LEU G 3 34.75 6.86 -9.16
C LEU G 3 34.48 7.33 -10.57
N VAL G 4 35.10 8.44 -10.97
CA VAL G 4 34.89 8.94 -12.35
C VAL G 4 35.32 7.84 -13.34
N ASP G 5 36.41 7.09 -13.08
CA ASP G 5 36.80 6.00 -14.00
C ASP G 5 35.76 4.92 -14.04
N GLY G 6 35.12 4.69 -12.90
CA GLY G 6 34.09 3.68 -12.86
C GLY G 6 32.90 4.09 -13.68
N PHE G 7 32.55 5.37 -13.58
CA PHE G 7 31.45 5.91 -14.37
C PHE G 7 31.77 5.75 -15.89
N LEU G 8 32.99 6.13 -16.30
CA LEU G 8 33.35 5.98 -17.71
C LEU G 8 33.36 4.51 -18.14
N GLU G 9 33.77 3.61 -17.25
CA GLU G 9 33.68 2.17 -17.54
C GLU G 9 32.26 1.72 -17.74
N LEU G 10 31.35 2.27 -16.91
CA LEU G 10 29.89 1.98 -17.08
C LEU G 10 29.38 2.43 -18.44
N GLU G 11 29.73 3.68 -18.80
CA GLU G 11 29.28 4.32 -20.05
C GLU G 11 29.84 3.58 -21.25
N ARG G 12 31.03 3.00 -21.13
CA ARG G 12 31.64 2.27 -22.27
C ARG G 12 31.28 0.77 -22.31
N SER G 13 30.42 0.33 -21.35
CA SER G 13 30.01 -1.06 -21.31
C SER G 13 29.07 -1.36 -22.45
N SER G 14 29.15 -2.58 -22.96
CA SER G 14 28.36 -2.96 -24.13
C SER G 14 26.89 -3.22 -23.85
N GLY G 15 26.57 -3.65 -22.64
CA GLY G 15 25.17 -4.00 -22.37
C GLY G 15 25.03 -4.26 -20.90
N LYS G 16 23.87 -4.85 -20.53
CA LYS G 16 23.55 -5.03 -19.15
C LYS G 16 24.49 -5.95 -18.40
N LEU G 17 24.98 -7.04 -19.03
CA LEU G 17 25.80 -7.95 -18.27
C LEU G 17 27.05 -7.27 -17.77
N GLU G 18 27.73 -6.56 -18.68
CA GLU G 18 28.98 -5.90 -18.32
C GLU G 18 28.73 -4.70 -17.34
N TRP G 19 27.70 -3.92 -17.63
CA TRP G 19 27.30 -2.79 -16.76
C TRP G 19 27.07 -3.28 -15.35
N SER G 20 26.30 -4.36 -15.24
CA SER G 20 26.09 -5.01 -13.94
C SER G 20 27.32 -5.42 -13.19
N ALA G 21 28.19 -6.11 -13.90
CA ALA G 21 29.45 -6.53 -13.36
C ALA G 21 30.32 -5.38 -12.84
N ILE G 22 30.37 -4.33 -13.58
CA ILE G 22 31.15 -3.18 -13.18
C ILE G 22 30.56 -2.52 -11.92
N LEU G 23 29.24 -2.27 -11.94
CA LEU G 23 28.61 -1.65 -10.77
C LEU G 23 28.73 -2.51 -9.48
N GLN G 24 28.55 -3.82 -9.62
CA GLN G 24 28.74 -4.75 -8.49
C GLN G 24 30.17 -4.71 -7.97
N LYS G 25 31.15 -4.74 -8.86
CA LYS G 25 32.59 -4.59 -8.45
C LYS G 25 32.86 -3.25 -7.80
N MET G 26 32.24 -2.16 -8.27
CA MET G 26 32.42 -0.86 -7.63
C MET G 26 31.88 -0.93 -6.20
N ALA G 27 30.70 -1.50 -6.06
CA ALA G 27 30.07 -1.60 -4.74
C ALA G 27 30.89 -2.50 -3.79
N SER G 28 31.36 -3.62 -4.30
CA SER G 28 32.15 -4.59 -3.51
C SER G 28 33.49 -3.94 -3.06
N ASP G 29 34.14 -3.23 -3.99
CA ASP G 29 35.35 -2.42 -3.66
C ASP G 29 35.17 -1.39 -2.60
N LEU G 30 33.99 -0.81 -2.49
CA LEU G 30 33.66 0.13 -1.43
C LEU G 30 33.26 -0.56 -0.12
N GLY G 31 33.04 -1.86 -0.16
CA GLY G 31 32.80 -2.66 1.04
C GLY G 31 31.40 -3.23 1.12
N PHE G 32 30.60 -3.08 0.06
CA PHE G 32 29.22 -3.60 0.09
C PHE G 32 29.15 -4.98 -0.49
N SER G 33 28.28 -5.75 0.06
CA SER G 33 28.11 -7.06 -0.25
C SER G 33 27.09 -7.31 -1.41
N LYS G 34 25.87 -6.89 -1.19
CA LYS G 34 24.79 -7.17 -2.10
C LYS G 34 24.27 -5.80 -2.55
N ILE G 35 23.85 -5.70 -3.81
CA ILE G 35 23.29 -4.47 -4.32
C ILE G 35 22.11 -4.73 -5.20
N LEU G 36 21.26 -3.72 -5.27
CA LEU G 36 20.15 -3.74 -6.26
C LEU G 36 19.99 -2.36 -6.78
N PHE G 37 20.05 -2.22 -8.07
CA PHE G 37 19.74 -1.00 -8.75
C PHE G 37 18.49 -1.24 -9.54
N GLY G 38 17.50 -0.38 -9.28
CA GLY G 38 16.21 -0.43 -9.89
C GLY G 38 15.87 0.88 -10.55
N LEU G 39 15.27 0.83 -11.73
CA LEU G 39 14.91 2.07 -12.41
C LEU G 39 13.61 1.91 -13.26
N LEU G 40 12.76 2.90 -13.16
CA LEU G 40 11.51 2.94 -13.93
C LEU G 40 11.52 4.25 -14.70
N PRO G 41 10.87 4.25 -15.88
CA PRO G 41 10.69 5.45 -16.68
C PRO G 41 9.70 6.39 -16.04
N LYS G 42 9.71 7.61 -16.56
CA LYS G 42 8.81 8.68 -16.08
C LYS G 42 7.38 8.19 -15.96
N ASP G 43 6.75 8.49 -14.83
CA ASP G 43 5.34 8.20 -14.59
C ASP G 43 5.02 6.74 -14.76
N SER G 44 5.91 5.89 -14.27
CA SER G 44 5.57 4.51 -14.03
C SER G 44 5.66 4.20 -12.51
N GLN G 45 4.71 3.42 -12.00
CA GLN G 45 4.82 2.80 -10.68
C GLN G 45 4.79 1.30 -10.88
N ASP G 46 5.13 0.80 -12.07
CA ASP G 46 5.12 -0.63 -12.34
C ASP G 46 6.38 -1.34 -11.81
N TYR G 47 6.50 -1.46 -10.49
CA TYR G 47 7.73 -1.96 -9.86
C TYR G 47 8.08 -3.40 -10.35
N GLU G 48 7.06 -4.20 -10.59
CA GLU G 48 7.24 -5.59 -11.11
C GLU G 48 7.93 -5.67 -12.50
N ASN G 49 7.96 -4.59 -13.25
CA ASN G 49 8.69 -4.55 -14.53
C ASN G 49 9.77 -3.47 -14.56
N ALA G 50 10.36 -3.16 -13.41
CA ALA G 50 11.45 -2.21 -13.40
C ALA G 50 12.66 -2.81 -14.08
N PHE G 51 13.55 -1.94 -14.53
CA PHE G 51 14.90 -2.37 -14.97
C PHE G 51 15.70 -2.64 -13.70
N ILE G 52 16.14 -3.89 -13.50
CA ILE G 52 16.80 -4.27 -12.24
C ILE G 52 18.16 -4.87 -12.53
N VAL G 53 19.13 -4.39 -11.81
CA VAL G 53 20.52 -4.89 -11.83
C VAL G 53 20.98 -5.25 -10.42
N GLY G 54 21.74 -6.34 -10.29
CA GLY G 54 22.45 -6.60 -9.06
C GLY G 54 22.56 -8.04 -8.73
N ASN G 55 22.89 -8.30 -7.47
CA ASN G 55 23.20 -9.63 -7.07
C ASN G 55 22.43 -10.01 -5.81
N TYR G 56 21.26 -9.39 -5.58
CA TYR G 56 20.36 -9.92 -4.56
C TYR G 56 20.06 -11.39 -4.87
N PRO G 57 19.93 -12.22 -3.88
CA PRO G 57 19.48 -13.58 -4.17
C PRO G 57 18.24 -13.65 -5.05
N ALA G 58 18.31 -14.45 -6.14
CA ALA G 58 17.21 -14.59 -7.09
C ALA G 58 15.92 -14.97 -6.44
N ALA G 59 15.99 -15.85 -5.48
CA ALA G 59 14.75 -16.31 -4.83
C ALA G 59 14.10 -15.20 -3.96
N TRP G 60 14.93 -14.29 -3.42
CA TRP G 60 14.39 -13.13 -2.71
C TRP G 60 13.70 -12.19 -3.69
N ARG G 61 14.35 -11.86 -4.80
CA ARG G 61 13.72 -11.01 -5.82
C ARG G 61 12.38 -11.58 -6.27
N GLU G 62 12.32 -12.90 -6.47
CA GLU G 62 11.10 -13.56 -6.88
C GLU G 62 10.01 -13.45 -5.80
N HIS G 63 10.40 -13.63 -4.57
CA HIS G 63 9.49 -13.58 -3.45
C HIS G 63 8.96 -12.14 -3.28
N TYR G 64 9.86 -11.19 -3.36
CA TYR G 64 9.46 -9.77 -3.29
C TYR G 64 8.38 -9.43 -4.32
N ASP G 65 8.54 -9.84 -5.56
CA ASP G 65 7.54 -9.64 -6.61
C ASP G 65 6.22 -10.35 -6.29
N ARG G 66 6.32 -11.63 -5.99
CA ARG G 66 5.13 -12.43 -5.68
C ARG G 66 4.35 -11.94 -4.49
N ALA G 67 5.03 -11.49 -3.43
CA ALA G 67 4.39 -10.98 -2.24
C ALA G 67 3.91 -9.51 -2.39
N GLY G 68 4.20 -8.85 -3.49
CA GLY G 68 3.90 -7.43 -3.70
C GLY G 68 4.57 -6.53 -2.63
N TYR G 69 5.82 -6.82 -2.36
CA TYR G 69 6.52 -6.10 -1.31
C TYR G 69 6.83 -4.64 -1.65
N ALA G 70 6.73 -4.24 -2.90
CA ALA G 70 6.82 -2.81 -3.28
C ALA G 70 5.75 -1.96 -2.61
N ARG G 71 4.64 -2.58 -2.24
CA ARG G 71 3.59 -1.88 -1.49
C ARG G 71 3.79 -1.81 0.03
N VAL G 72 4.79 -2.52 0.54
CA VAL G 72 5.06 -2.64 1.96
C VAL G 72 6.43 -2.06 2.31
N ASP G 73 7.43 -2.41 1.48
CA ASP G 73 8.83 -1.98 1.76
C ASP G 73 8.88 -0.49 2.06
N PRO G 74 9.35 -0.09 3.27
CA PRO G 74 9.33 1.33 3.61
C PRO G 74 10.28 2.19 2.77
N THR G 75 11.28 1.57 2.10
CA THR G 75 12.19 2.38 1.30
C THR G 75 11.52 2.85 0.01
N VAL G 76 10.57 2.09 -0.49
CA VAL G 76 9.85 2.44 -1.73
C VAL G 76 9.04 3.72 -1.62
N SER G 77 8.21 3.84 -0.59
CA SER G 77 7.50 5.10 -0.42
C SER G 77 8.47 6.23 -0.11
N HIS G 78 9.48 5.97 0.70
CA HIS G 78 10.54 6.96 0.93
C HIS G 78 11.12 7.52 -0.39
N CYS G 79 11.46 6.65 -1.32
CA CYS G 79 12.09 7.09 -2.59
C CYS G 79 11.13 8.01 -3.40
N THR G 80 9.84 7.77 -3.32
CA THR G 80 8.87 8.60 -3.97
C THR G 80 8.75 10.00 -3.35
N GLN G 81 9.23 10.20 -2.16
CA GLN G 81 9.10 11.47 -1.47
C GLN G 81 10.41 12.23 -1.32
N SER G 82 11.55 11.59 -1.52
CA SER G 82 12.83 12.17 -1.06
C SER G 82 14.00 11.89 -2.04
N VAL G 83 15.00 12.81 -2.07
CA VAL G 83 16.28 12.51 -2.65
C VAL G 83 17.35 12.04 -1.63
N LEU G 84 16.98 11.93 -0.37
CA LEU G 84 17.95 11.64 0.71
C LEU G 84 17.97 10.11 0.96
N PRO G 85 19.09 9.55 1.33
CA PRO G 85 19.14 8.12 1.75
C PRO G 85 18.21 7.76 2.88
N ILE G 86 17.77 6.53 2.85
CA ILE G 86 17.15 5.91 4.03
C ILE G 86 17.97 4.73 4.46
N PHE G 87 18.45 4.80 5.71
CA PHE G 87 19.18 3.69 6.30
C PHE G 87 18.25 2.61 6.83
N TRP G 88 18.71 1.37 6.73
CA TRP G 88 17.85 0.21 7.10
C TRP G 88 17.81 0.02 8.64
N GLU G 89 17.15 0.86 9.35
CA GLU G 89 17.15 0.90 10.83
C GLU G 89 15.83 0.26 11.25
N PRO G 90 15.78 -0.36 12.46
CA PRO G 90 14.50 -0.86 13.00
C PRO G 90 13.34 0.09 12.92
N SER G 91 13.59 1.37 13.12
CA SER G 91 12.57 2.36 13.14
C SER G 91 11.85 2.59 11.81
N ILE G 92 12.43 2.12 10.70
CA ILE G 92 11.74 2.38 9.44
C ILE G 92 10.64 1.34 9.18
N TYR G 93 10.64 0.24 9.94
CA TYR G 93 9.64 -0.82 9.80
C TYR G 93 8.59 -0.55 10.90
N GLN G 94 7.46 0.02 10.49
CA GLN G 94 6.49 0.56 11.46
C GLN G 94 5.25 -0.32 11.56
N THR G 95 4.76 -0.77 10.42
CA THR G 95 3.57 -1.61 10.39
C THR G 95 3.91 -3.08 10.63
N ARG G 96 2.88 -3.85 10.97
CA ARG G 96 3.01 -5.27 11.15
C ARG G 96 3.58 -5.95 9.88
N LYS G 97 3.01 -5.61 8.73
CA LYS G 97 3.51 -6.16 7.44
C LYS G 97 5.00 -5.77 7.23
N GLN G 98 5.34 -4.55 7.63
CA GLN G 98 6.74 -4.09 7.46
C GLN G 98 7.66 -4.89 8.39
N HIS G 99 7.24 -5.20 9.61
CA HIS G 99 8.04 -6.14 10.47
C HIS G 99 8.24 -7.50 9.83
N GLU G 100 7.20 -8.02 9.20
CA GLU G 100 7.30 -9.24 8.49
C GLU G 100 8.30 -9.19 7.30
N PHE G 101 8.23 -8.06 6.62
CA PHE G 101 9.17 -7.76 5.53
C PHE G 101 10.61 -7.77 6.01
N PHE G 102 10.87 -7.04 7.08
CA PHE G 102 12.17 -7.03 7.75
C PHE G 102 12.70 -8.44 8.00
N GLU G 103 11.86 -9.27 8.62
CA GLU G 103 12.29 -10.66 8.96
C GLU G 103 12.64 -11.47 7.73
N GLU G 104 11.86 -11.32 6.66
CA GLU G 104 12.06 -12.09 5.45
C GLU G 104 13.33 -11.60 4.71
N ALA G 105 13.48 -10.29 4.60
CA ALA G 105 14.72 -9.71 4.04
C ALA G 105 15.94 -10.08 4.85
N SER G 106 15.81 -10.08 6.17
CA SER G 106 16.95 -10.38 7.00
C SER G 106 17.42 -11.80 6.80
N ALA G 107 16.44 -12.69 6.76
CA ALA G 107 16.71 -14.10 6.56
C ALA G 107 17.41 -14.31 5.24
N ALA G 108 17.15 -13.48 4.24
CA ALA G 108 17.86 -13.53 2.96
C ALA G 108 19.27 -12.91 2.94
N GLY G 109 19.75 -12.43 4.08
CA GLY G 109 21.08 -11.83 4.19
C GLY G 109 21.08 -10.32 4.08
N LEU G 110 19.92 -9.68 3.99
CA LEU G 110 19.80 -8.25 3.84
C LEU G 110 19.40 -7.61 5.18
N VAL G 111 20.38 -7.30 5.99
CA VAL G 111 20.12 -6.84 7.35
C VAL G 111 20.58 -5.44 7.57
N TYR G 112 21.82 -5.12 7.17
CA TYR G 112 22.30 -3.78 7.35
C TYR G 112 22.45 -3.18 5.97
N GLY G 113 22.16 -1.91 5.91
CA GLY G 113 22.41 -1.25 4.59
C GLY G 113 21.67 0.06 4.47
N LEU G 114 21.50 0.51 3.24
CA LEU G 114 20.77 1.72 2.94
C LEU G 114 20.24 1.73 1.53
N THR G 115 19.29 2.59 1.30
CA THR G 115 18.70 2.79 -0.02
C THR G 115 18.80 4.25 -0.39
N MET G 116 19.38 4.50 -1.56
CA MET G 116 19.52 5.87 -2.09
C MET G 116 18.45 6.05 -3.16
N PRO G 117 17.53 6.98 -2.93
CA PRO G 117 16.59 7.30 -4.03
C PRO G 117 17.25 7.80 -5.30
N LEU G 118 16.67 7.45 -6.44
CA LEU G 118 17.14 7.93 -7.73
C LEU G 118 16.06 8.69 -8.43
N HIS G 119 16.36 9.95 -8.77
CA HIS G 119 15.43 10.79 -9.53
C HIS G 119 16.18 11.41 -10.76
N GLY G 120 15.90 10.87 -11.91
CA GLY G 120 16.68 11.23 -13.13
C GLY G 120 16.16 12.51 -13.78
N ALA G 121 16.99 13.03 -14.65
CA ALA G 121 16.72 14.33 -15.31
C ALA G 121 15.49 14.27 -16.16
N ARG G 122 15.13 13.09 -16.67
CA ARG G 122 13.95 12.88 -17.49
C ARG G 122 12.82 12.24 -16.77
N GLY G 123 12.76 12.36 -15.44
CA GLY G 123 11.66 11.84 -14.68
C GLY G 123 11.81 10.38 -14.27
N GLU G 124 12.98 9.75 -14.56
CA GLU G 124 13.21 8.35 -14.13
C GLU G 124 13.13 8.27 -12.61
N LEU G 125 12.57 7.18 -12.15
CA LEU G 125 12.39 6.90 -10.72
C LEU G 125 13.08 5.59 -10.39
N GLY G 126 13.95 5.63 -9.40
CA GLY G 126 14.64 4.39 -9.00
C GLY G 126 15.15 4.35 -7.57
N ALA G 127 15.99 3.34 -7.33
CA ALA G 127 16.65 3.14 -6.07
C ALA G 127 17.95 2.37 -6.27
N LEU G 128 18.95 2.80 -5.55
CA LEU G 128 20.17 2.01 -5.40
C LEU G 128 20.24 1.56 -3.94
N SER G 129 20.08 0.26 -3.75
CA SER G 129 20.11 -0.30 -2.41
C SER G 129 21.40 -1.13 -2.24
N LEU G 130 22.06 -0.92 -1.11
CA LEU G 130 23.28 -1.61 -0.83
C LEU G 130 23.26 -2.17 0.59
N SER G 131 23.67 -3.39 0.70
CA SER G 131 23.77 -4.10 1.98
C SER G 131 25.24 -4.34 2.35
N VAL G 132 25.50 -4.33 3.65
CA VAL G 132 26.86 -4.54 4.22
C VAL G 132 26.79 -5.72 5.20
N GLU G 133 27.79 -6.60 5.10
CA GLU G 133 27.98 -7.61 6.12
C GLU G 133 28.75 -7.01 7.27
N ALA G 134 28.27 -7.23 8.46
CA ALA G 134 28.94 -6.64 9.63
C ALA G 134 28.69 -7.51 10.86
N GLU G 135 29.55 -7.40 11.87
CA GLU G 135 29.33 -8.14 13.13
C GLU G 135 28.14 -7.65 13.93
N ASN G 136 27.81 -6.37 13.83
CA ASN G 136 26.64 -5.82 14.49
C ASN G 136 26.29 -4.49 13.82
N ARG G 137 25.15 -3.92 14.21
CA ARG G 137 24.61 -2.68 13.69
C ARG G 137 25.48 -1.47 13.91
N ALA G 138 26.14 -1.40 15.08
CA ALA G 138 27.06 -0.30 15.35
C ALA G 138 28.24 -0.32 14.37
N GLU G 139 28.82 -1.48 14.10
CA GLU G 139 29.90 -1.63 13.13
C GLU G 139 29.45 -1.23 11.70
N ALA G 140 28.29 -1.75 11.29
CA ALA G 140 27.67 -1.34 10.02
C ALA G 140 27.49 0.18 9.89
N ASN G 141 27.01 0.82 10.93
CA ASN G 141 26.79 2.28 10.91
C ASN G 141 28.08 3.02 10.86
N ARG G 142 29.11 2.56 11.56
CA ARG G 142 30.43 3.19 11.40
C ARG G 142 30.96 3.12 10.00
N PHE G 143 30.85 1.94 9.39
CA PHE G 143 31.29 1.75 8.09
C PHE G 143 30.51 2.68 7.18
N MET G 144 29.18 2.64 7.31
CA MET G 144 28.36 3.41 6.36
C MET G 144 28.67 4.89 6.41
N GLU G 145 28.85 5.40 7.61
CA GLU G 145 29.23 6.82 7.75
C GLU G 145 30.54 7.13 7.07
N SER G 146 31.56 6.27 7.22
CA SER G 146 32.82 6.51 6.57
C SER G 146 32.76 6.54 5.06
N VAL G 147 31.84 5.80 4.43
CA VAL G 147 31.81 5.74 2.95
C VAL G 147 30.62 6.53 2.30
N LEU G 148 29.76 7.09 3.13
CA LEU G 148 28.53 7.79 2.62
C LEU G 148 28.85 8.81 1.54
N PRO G 149 29.87 9.65 1.76
CA PRO G 149 30.02 10.71 0.74
C PRO G 149 30.43 10.15 -0.61
N THR G 150 31.18 9.07 -0.62
CA THR G 150 31.55 8.41 -1.88
C THR G 150 30.31 7.73 -2.51
N LEU G 151 29.49 7.11 -1.68
CA LEU G 151 28.26 6.52 -2.15
C LEU G 151 27.25 7.52 -2.72
N TRP G 152 27.21 8.66 -2.10
CA TRP G 152 26.31 9.72 -2.56
C TRP G 152 26.66 10.19 -3.96
N MET G 153 27.96 10.20 -4.29
CA MET G 153 28.36 10.47 -5.65
C MET G 153 28.06 9.30 -6.57
N LEU G 154 28.36 8.08 -6.10
CA LEU G 154 28.19 6.89 -6.91
C LEU G 154 26.76 6.73 -7.38
N LYS G 155 25.81 7.06 -6.52
CA LYS G 155 24.41 6.79 -6.87
C LYS G 155 23.99 7.63 -8.05
N ASP G 156 24.50 8.86 -8.13
CA ASP G 156 24.19 9.75 -9.24
C ASP G 156 24.93 9.33 -10.53
N TYR G 157 26.19 8.90 -10.44
CA TYR G 157 26.87 8.25 -11.57
C TYR G 157 26.09 7.06 -12.12
N ALA G 158 25.69 6.18 -11.21
CA ALA G 158 24.94 4.97 -11.58
C ALA G 158 23.58 5.33 -12.21
N LEU G 159 22.88 6.30 -11.70
CA LEU G 159 21.60 6.76 -12.28
C LEU G 159 21.85 7.27 -13.69
N GLN G 160 22.86 8.16 -13.82
CA GLN G 160 23.08 8.80 -15.12
C GLN G 160 23.40 7.78 -16.19
N SER G 161 24.30 6.88 -15.84
CA SER G 161 24.70 5.81 -16.74
C SER G 161 23.59 4.77 -16.93
N GLY G 162 22.96 4.36 -15.84
CA GLY G 162 21.90 3.35 -15.91
C GLY G 162 20.72 3.79 -16.69
N ALA G 163 20.37 5.08 -16.57
CA ALA G 163 19.29 5.61 -17.41
C ALA G 163 19.60 5.54 -18.89
N GLY G 164 20.85 5.85 -19.23
CA GLY G 164 21.35 5.68 -20.60
C GLY G 164 21.19 4.30 -21.16
N LEU G 165 21.45 3.30 -20.32
CA LEU G 165 21.34 1.88 -20.69
C LEU G 165 19.91 1.40 -20.76
N ALA G 166 19.14 1.65 -19.72
CA ALA G 166 17.79 1.22 -19.68
C ALA G 166 16.88 1.86 -20.76
N PHE G 167 17.13 3.11 -21.05
CA PHE G 167 16.23 3.96 -21.88
C PHE G 167 16.96 4.60 -23.05
N GLU G 168 18.16 4.14 -23.41
CA GLU G 168 18.69 4.40 -24.77
C GLU G 168 19.13 5.86 -25.07
N HIS G 169 19.93 6.43 -24.17
CA HIS G 169 20.43 7.82 -24.30
C HIS G 169 21.90 7.87 -24.68
N PRO G 170 22.37 9.05 -25.17
CA PRO G 170 23.84 9.25 -25.36
C PRO G 170 24.72 8.93 -24.13
N LEU H 3 -6.13 39.54 2.58
CA LEU H 3 -7.04 39.72 3.76
C LEU H 3 -6.50 39.30 5.03
N VAL H 4 -5.83 38.16 5.05
CA VAL H 4 -5.21 37.71 6.27
C VAL H 4 -4.30 38.79 6.89
N ASP H 5 -3.55 39.48 6.03
CA ASP H 5 -2.68 40.55 6.48
C ASP H 5 -3.51 41.70 7.08
N GLY H 6 -4.61 42.03 6.41
CA GLY H 6 -5.57 42.97 6.97
C GLY H 6 -6.10 42.59 8.32
N PHE H 7 -6.52 41.33 8.43
CA PHE H 7 -6.92 40.82 9.72
C PHE H 7 -5.87 41.03 10.82
N LEU H 8 -4.61 40.66 10.51
CA LEU H 8 -3.55 40.79 11.50
C LEU H 8 -3.37 42.28 11.89
N GLU H 9 -3.53 43.19 10.95
CA GLU H 9 -3.49 44.61 11.18
C GLU H 9 -4.60 45.02 12.09
N LEU H 10 -5.83 44.53 11.85
CA LEU H 10 -6.91 44.74 12.83
C LEU H 10 -6.59 44.29 14.23
N GLU H 11 -6.04 43.08 14.32
CA GLU H 11 -5.78 42.45 15.59
C GLU H 11 -4.75 43.23 16.43
N ARG H 12 -3.79 43.78 15.73
CA ARG H 12 -2.66 44.51 16.36
C ARG H 12 -2.98 45.98 16.53
N SER H 13 -4.05 46.45 15.94
CA SER H 13 -4.38 47.87 16.03
C SER H 13 -4.49 48.37 17.45
N SER H 14 -4.20 49.68 17.60
CA SER H 14 -4.11 50.29 18.90
C SER H 14 -5.41 50.61 19.59
N GLY H 15 -6.48 50.70 18.86
CA GLY H 15 -7.76 51.09 19.45
C GLY H 15 -8.78 51.24 18.33
N LYS H 16 -9.98 51.72 18.70
CA LYS H 16 -11.09 51.79 17.72
C LYS H 16 -10.80 52.66 16.53
N LEU H 17 -10.17 53.84 16.73
CA LEU H 17 -9.97 54.68 15.58
C LEU H 17 -9.12 54.00 14.54
N GLU H 18 -7.97 53.41 14.93
CA GLU H 18 -7.16 52.71 13.97
C GLU H 18 -7.89 51.51 13.36
N TRP H 19 -8.56 50.76 14.21
CA TRP H 19 -9.33 49.60 13.72
C TRP H 19 -10.33 50.01 12.63
N SER H 20 -11.09 51.05 12.91
CA SER H 20 -12.02 51.60 11.93
C SER H 20 -11.35 52.06 10.65
N ALA H 21 -10.19 52.70 10.77
CA ALA H 21 -9.45 53.11 9.59
C ALA H 21 -9.00 51.96 8.68
N ILE H 22 -8.51 50.87 9.27
CA ILE H 22 -8.07 49.68 8.54
C ILE H 22 -9.26 49.07 7.84
N LEU H 23 -10.34 48.83 8.60
CA LEU H 23 -11.52 48.18 8.00
C LEU H 23 -12.13 49.04 6.86
N GLN H 24 -12.18 50.35 7.03
CA GLN H 24 -12.71 51.23 6.02
C GLN H 24 -11.82 51.19 4.79
N LYS H 25 -10.52 51.11 5.00
CA LYS H 25 -9.59 51.07 3.84
C LYS H 25 -9.70 49.73 3.11
N MET H 26 -9.85 48.64 3.85
CA MET H 26 -10.05 47.33 3.22
C MET H 26 -11.33 47.38 2.37
N ALA H 27 -12.40 47.92 2.94
CA ALA H 27 -13.64 48.00 2.19
C ALA H 27 -13.51 48.93 0.97
N SER H 28 -12.82 50.06 1.12
CA SER H 28 -12.60 51.03 0.03
C SER H 28 -11.79 50.38 -1.10
N ASP H 29 -10.77 49.64 -0.68
CA ASP H 29 -9.88 48.95 -1.65
C ASP H 29 -10.68 47.93 -2.46
N LEU H 30 -11.71 47.34 -1.84
CA LEU H 30 -12.53 46.39 -2.49
C LEU H 30 -13.60 47.06 -3.39
N GLY H 31 -13.83 48.37 -3.20
CA GLY H 31 -14.72 49.16 -4.02
C GLY H 31 -15.93 49.76 -3.28
N PHE H 32 -16.05 49.58 -1.98
CA PHE H 32 -17.24 50.10 -1.25
C PHE H 32 -16.93 51.40 -0.51
N SER H 33 -17.68 52.48 -0.71
CA SER H 33 -17.28 53.77 -0.13
C SER H 33 -17.72 53.96 1.31
N LYS H 34 -18.86 53.37 1.68
CA LYS H 34 -19.34 53.51 3.07
C LYS H 34 -19.61 52.18 3.73
N ILE H 35 -19.25 52.07 4.99
CA ILE H 35 -19.50 50.81 5.77
C ILE H 35 -20.01 51.14 7.15
N LEU H 36 -20.75 50.17 7.68
CA LEU H 36 -21.10 50.14 9.09
C LEU H 36 -20.91 48.75 9.64
N PHE H 37 -20.11 48.64 10.69
CA PHE H 37 -19.96 47.43 11.46
C PHE H 37 -20.60 47.61 12.82
N GLY H 38 -21.58 46.74 13.11
CA GLY H 38 -22.35 46.82 14.34
C GLY H 38 -22.26 45.50 15.10
N LEU H 39 -21.99 45.54 16.40
CA LEU H 39 -21.95 44.28 17.19
C LEU H 39 -22.55 44.48 18.60
N LEU H 40 -23.36 43.48 18.98
CA LEU H 40 -23.98 43.38 20.29
C LEU H 40 -23.41 42.13 20.95
N PRO H 41 -23.24 42.19 22.27
CA PRO H 41 -22.89 41.00 23.02
C PRO H 41 -24.03 39.98 23.09
N LYS H 42 -23.66 38.80 23.58
CA LYS H 42 -24.59 37.72 23.75
C LYS H 42 -25.87 38.16 24.48
N ASP H 43 -27.02 37.70 23.98
CA ASP H 43 -28.37 37.91 24.58
C ASP H 43 -28.77 39.39 24.66
N SER H 44 -28.30 40.23 23.75
CA SER H 44 -28.72 41.64 23.76
C SER H 44 -29.41 41.91 22.45
N GLN H 45 -30.51 42.63 22.47
CA GLN H 45 -31.07 43.17 21.22
C GLN H 45 -31.17 44.67 21.38
N ASP H 46 -30.25 45.26 22.15
CA ASP H 46 -30.22 46.69 22.44
C ASP H 46 -29.45 47.48 21.36
N TYR H 47 -30.06 47.56 20.20
CA TYR H 47 -29.42 48.12 18.98
C TYR H 47 -28.92 49.56 19.19
N GLU H 48 -29.65 50.35 19.96
CA GLU H 48 -29.27 51.74 20.18
C GLU H 48 -27.98 51.89 21.01
N ASN H 49 -27.56 50.82 21.71
CA ASN H 49 -26.25 50.76 22.35
C ASN H 49 -25.24 49.76 21.74
N ALA H 50 -25.44 49.40 20.45
CA ALA H 50 -24.49 48.51 19.81
C ALA H 50 -23.14 49.21 19.70
N PHE H 51 -22.09 48.39 19.64
CA PHE H 51 -20.76 48.84 19.26
C PHE H 51 -20.79 49.11 17.79
N ILE H 52 -20.49 50.34 17.40
CA ILE H 52 -20.54 50.73 16.01
C ILE H 52 -19.28 51.35 15.47
N VAL H 53 -18.89 50.87 14.30
CA VAL H 53 -17.67 51.34 13.58
C VAL H 53 -18.12 51.72 12.19
N GLY H 54 -17.54 52.78 11.66
CA GLY H 54 -17.60 53.00 10.23
C GLY H 54 -17.74 54.45 9.87
N ASN H 55 -18.07 54.70 8.61
CA ASN H 55 -18.05 56.05 8.05
C ASN H 55 -19.40 56.43 7.44
N TYR H 56 -20.49 55.81 7.90
CA TYR H 56 -21.82 56.33 7.60
C TYR H 56 -21.95 57.78 8.07
N PRO H 57 -22.73 58.61 7.36
CA PRO H 57 -22.86 60.00 7.83
C PRO H 57 -23.42 60.07 9.23
N ALA H 58 -22.78 60.88 10.08
CA ALA H 58 -23.21 60.95 11.47
C ALA H 58 -24.69 61.29 11.60
N ALA H 59 -25.18 62.18 10.78
CA ALA H 59 -26.57 62.64 10.95
C ALA H 59 -27.54 61.50 10.55
N TRP H 60 -27.08 60.60 9.65
CA TRP H 60 -27.85 59.34 9.32
C TRP H 60 -27.90 58.41 10.48
N ARG H 61 -26.75 58.12 11.09
CA ARG H 61 -26.69 57.27 12.28
C ARG H 61 -27.55 57.83 13.42
N GLU H 62 -27.54 59.15 13.55
CA GLU H 62 -28.37 59.81 14.58
C GLU H 62 -29.86 59.66 14.27
N HIS H 63 -30.22 59.87 13.03
CA HIS H 63 -31.61 59.75 12.57
C HIS H 63 -32.13 58.30 12.78
N TYR H 64 -31.32 57.32 12.36
CA TYR H 64 -31.64 55.94 12.54
C TYR H 64 -31.98 55.65 14.01
N ASP H 65 -31.14 56.15 14.91
CA ASP H 65 -31.33 55.96 16.35
C ASP H 65 -32.59 56.67 16.83
N ARG H 66 -32.79 57.90 16.40
CA ARG H 66 -33.96 58.70 16.89
C ARG H 66 -35.29 58.22 16.34
N ALA H 67 -35.30 57.72 15.13
CA ALA H 67 -36.46 57.14 14.48
C ALA H 67 -36.77 55.71 14.88
N GLY H 68 -35.92 55.06 15.66
CA GLY H 68 -36.12 53.69 16.01
C GLY H 68 -36.03 52.71 14.83
N TYR H 69 -35.14 53.01 13.87
CA TYR H 69 -35.11 52.22 12.65
C TYR H 69 -34.64 50.78 12.82
N ALA H 70 -34.02 50.42 13.93
CA ALA H 70 -33.76 49.04 14.18
C ALA H 70 -35.02 48.19 14.18
N ARG H 71 -36.17 48.81 14.42
CA ARG H 71 -37.44 48.09 14.33
C ARG H 71 -38.08 48.15 12.95
N VAL H 72 -37.43 48.77 11.98
CA VAL H 72 -38.03 48.97 10.66
C VAL H 72 -37.14 48.36 9.62
N ASP H 73 -35.88 48.78 9.64
CA ASP H 73 -34.87 48.27 8.76
C ASP H 73 -35.01 46.78 8.56
N PRO H 74 -35.29 46.31 7.34
CA PRO H 74 -35.55 44.90 7.13
C PRO H 74 -34.28 44.06 7.29
N THR H 75 -33.09 44.66 7.25
CA THR H 75 -31.87 43.85 7.39
C THR H 75 -31.69 43.36 8.85
N VAL H 76 -32.27 44.03 9.82
CA VAL H 76 -32.13 43.69 11.18
C VAL H 76 -32.77 42.34 11.46
N SER H 77 -34.06 42.21 11.12
CA SER H 77 -34.70 40.93 11.39
C SER H 77 -34.03 39.85 10.56
N HIS H 78 -33.59 40.14 9.34
CA HIS H 78 -32.88 39.14 8.55
C HIS H 78 -31.66 38.62 9.29
N CYS H 79 -30.88 39.54 9.85
CA CYS H 79 -29.63 39.13 10.54
C CYS H 79 -29.92 38.23 11.75
N THR H 80 -31.11 38.39 12.39
CA THR H 80 -31.48 37.54 13.50
C THR H 80 -31.82 36.11 13.07
N GLN H 81 -32.12 35.88 11.81
CA GLN H 81 -32.56 34.63 11.31
C GLN H 81 -31.58 33.94 10.37
N SER H 82 -30.49 34.60 9.92
CA SER H 82 -29.71 33.99 8.84
C SER H 82 -28.23 34.36 8.97
N VAL H 83 -27.37 33.55 8.36
CA VAL H 83 -25.96 33.90 8.19
C VAL H 83 -25.66 34.39 6.80
N LEU H 84 -26.67 34.40 5.92
CA LEU H 84 -26.44 34.76 4.54
C LEU H 84 -26.64 36.26 4.31
N PRO H 85 -26.03 36.80 3.30
CA PRO H 85 -26.16 38.27 3.00
C PRO H 85 -27.56 38.63 2.55
N ILE H 86 -27.94 39.85 2.86
CA ILE H 86 -29.17 40.43 2.30
C ILE H 86 -28.75 41.60 1.47
N PHE H 87 -29.08 41.56 0.21
CA PHE H 87 -28.77 42.65 -0.73
C PHE H 87 -29.85 43.70 -0.64
N TRP H 88 -29.49 44.94 -0.85
CA TRP H 88 -30.39 46.08 -0.68
C TRP H 88 -31.22 46.24 -1.97
N GLU H 89 -32.27 45.48 -2.06
CA GLU H 89 -33.07 45.42 -3.31
C GLU H 89 -34.45 45.94 -2.93
N PRO H 90 -35.15 46.50 -3.93
CA PRO H 90 -36.50 46.92 -3.71
C PRO H 90 -37.44 45.91 -3.01
N SER H 91 -37.31 44.63 -3.30
CA SER H 91 -38.16 43.58 -2.71
C SER H 91 -38.02 43.43 -1.18
N ILE H 92 -36.93 43.91 -0.55
CA ILE H 92 -36.84 43.80 0.90
C ILE H 92 -37.63 44.85 1.63
N TYR H 93 -38.08 45.92 0.93
CA TYR H 93 -38.77 47.01 1.62
C TYR H 93 -40.22 46.82 1.32
N GLN H 94 -40.96 46.17 2.22
CA GLN H 94 -42.27 45.60 1.93
C GLN H 94 -43.39 46.50 2.43
N THR H 95 -43.19 47.23 3.50
CA THR H 95 -44.18 48.16 4.06
C THR H 95 -43.87 49.61 3.72
N ARG H 96 -44.86 50.49 3.91
CA ARG H 96 -44.62 51.89 3.74
C ARG H 96 -43.44 52.39 4.64
N LYS H 97 -43.41 52.03 5.92
CA LYS H 97 -42.29 52.44 6.80
C LYS H 97 -40.96 51.96 6.28
N GLN H 98 -40.94 50.72 5.80
CA GLN H 98 -39.72 50.17 5.19
C GLN H 98 -39.32 50.92 3.94
N HIS H 99 -40.33 51.23 3.12
CA HIS H 99 -40.08 52.02 1.93
C HIS H 99 -39.45 53.40 2.27
N GLU H 100 -40.00 54.11 3.25
CA GLU H 100 -39.46 55.41 3.58
C GLU H 100 -38.08 55.32 4.25
N PHE H 101 -37.85 54.22 4.93
CA PHE H 101 -36.47 53.91 5.38
C PHE H 101 -35.48 53.88 4.22
N PHE H 102 -35.84 53.14 3.15
CA PHE H 102 -35.04 53.07 1.96
C PHE H 102 -34.79 54.49 1.33
N GLU H 103 -35.85 55.28 1.21
CA GLU H 103 -35.78 56.65 0.65
C GLU H 103 -34.88 57.53 1.48
N GLU H 104 -35.02 57.45 2.79
CA GLU H 104 -34.19 58.25 3.68
C GLU H 104 -32.72 57.81 3.64
N ALA H 105 -32.50 56.51 3.63
CA ALA H 105 -31.10 56.06 3.48
C ALA H 105 -30.50 56.48 2.16
N SER H 106 -31.27 56.40 1.08
CA SER H 106 -30.79 56.79 -0.26
C SER H 106 -30.44 58.27 -0.27
N ALA H 107 -31.25 59.09 0.40
CA ALA H 107 -30.97 60.53 0.48
C ALA H 107 -29.65 60.82 1.23
N ALA H 108 -29.21 59.95 2.15
CA ALA H 108 -27.93 59.96 2.77
C ALA H 108 -26.81 59.42 1.92
N GLY H 109 -27.09 58.96 0.70
CA GLY H 109 -26.11 58.38 -0.21
C GLY H 109 -25.95 56.89 -0.08
N LEU H 110 -26.84 56.23 0.67
CA LEU H 110 -26.76 54.78 0.90
C LEU H 110 -27.83 54.12 0.07
N VAL H 111 -27.54 53.94 -1.23
CA VAL H 111 -28.56 53.39 -2.14
C VAL H 111 -28.38 51.93 -2.51
N TYR H 112 -27.15 51.56 -2.84
CA TYR H 112 -26.87 50.19 -3.25
C TYR H 112 -25.88 49.59 -2.27
N GLY H 113 -26.06 48.32 -2.05
CA GLY H 113 -25.24 47.64 -1.06
C GLY H 113 -25.74 46.32 -0.59
N LEU H 114 -25.18 45.89 0.52
CA LEU H 114 -25.66 44.66 1.13
C LEU H 114 -25.30 44.65 2.62
N THR H 115 -25.93 43.75 3.37
CA THR H 115 -25.69 43.61 4.83
C THR H 115 -25.35 42.12 5.06
N MET H 116 -24.18 41.91 5.68
CA MET H 116 -23.72 40.56 6.01
C MET H 116 -23.99 40.34 7.49
N PRO H 117 -24.85 39.37 7.87
CA PRO H 117 -25.08 39.11 9.30
C PRO H 117 -23.81 38.62 9.95
N LEU H 118 -23.61 38.97 11.20
CA LEU H 118 -22.46 38.45 12.00
C LEU H 118 -23.00 37.69 13.22
N HIS H 119 -22.51 36.45 13.38
CA HIS H 119 -22.87 35.58 14.52
C HIS H 119 -21.56 35.03 15.08
N GLY H 120 -21.13 35.61 16.18
CA GLY H 120 -19.84 35.29 16.77
C GLY H 120 -19.88 33.97 17.59
N ALA H 121 -18.66 33.46 17.82
CA ALA H 121 -18.44 32.25 18.57
C ALA H 121 -18.89 32.33 19.98
N ARG H 122 -19.03 33.50 20.53
CA ARG H 122 -19.46 33.69 21.89
C ARG H 122 -20.84 34.29 21.94
N GLY H 123 -21.61 34.11 20.89
CA GLY H 123 -22.98 34.60 20.86
C GLY H 123 -23.21 36.03 20.45
N GLU H 124 -22.14 36.71 20.04
CA GLU H 124 -22.25 38.09 19.55
C GLU H 124 -23.18 38.11 18.32
N LEU H 125 -23.94 39.19 18.21
CA LEU H 125 -24.86 39.46 17.11
C LEU H 125 -24.47 40.77 16.47
N GLY H 126 -24.36 40.74 15.16
CA GLY H 126 -24.00 41.97 14.45
C GLY H 126 -24.32 41.97 12.99
N ALA H 127 -23.73 42.96 12.31
CA ALA H 127 -23.94 43.19 10.88
C ALA H 127 -22.74 43.94 10.32
N LEU H 128 -22.29 43.56 9.14
CA LEU H 128 -21.39 44.43 8.37
C LEU H 128 -22.19 44.87 7.15
N SER H 129 -22.44 46.16 7.06
CA SER H 129 -23.16 46.74 5.95
C SER H 129 -22.20 47.53 5.10
N LEU H 130 -22.30 47.32 3.79
CA LEU H 130 -21.39 47.97 2.81
C LEU H 130 -22.22 48.56 1.67
N SER H 131 -21.95 49.83 1.39
CA SER H 131 -22.63 50.57 0.30
C SER H 131 -21.63 50.77 -0.81
N VAL H 132 -22.14 50.72 -2.03
CA VAL H 132 -21.35 51.01 -3.25
C VAL H 132 -21.99 52.13 -4.04
N GLU H 133 -21.14 53.04 -4.50
CA GLU H 133 -21.55 54.11 -5.37
C GLU H 133 -21.56 53.53 -6.77
N ALA H 134 -22.72 53.25 -7.28
CA ALA H 134 -22.83 52.70 -8.59
C ALA H 134 -23.71 53.62 -9.39
N GLU H 135 -23.58 53.55 -10.71
CA GLU H 135 -24.47 54.30 -11.59
C GLU H 135 -25.90 53.88 -11.42
N ASN H 136 -26.16 52.58 -11.29
CA ASN H 136 -27.52 52.06 -11.28
C ASN H 136 -27.48 50.67 -10.62
N ARG H 137 -28.64 50.06 -10.36
CA ARG H 137 -28.81 48.75 -9.68
C ARG H 137 -28.07 47.61 -10.39
N ALA H 138 -28.19 47.55 -11.71
CA ALA H 138 -27.55 46.50 -12.48
C ALA H 138 -26.03 46.51 -12.33
N GLU H 139 -25.46 47.69 -12.39
CA GLU H 139 -24.02 47.81 -12.25
C GLU H 139 -23.61 47.49 -10.82
N ALA H 140 -24.44 47.95 -9.88
CA ALA H 140 -24.17 47.63 -8.48
C ALA H 140 -24.11 46.15 -8.26
N ASN H 141 -25.09 45.43 -8.81
CA ASN H 141 -25.17 43.98 -8.67
C ASN H 141 -24.00 43.28 -9.34
N ARG H 142 -23.61 43.74 -10.52
CA ARG H 142 -22.43 43.15 -11.22
C ARG H 142 -21.19 43.32 -10.39
N PHE H 143 -21.00 44.49 -9.83
CA PHE H 143 -19.83 44.75 -8.98
C PHE H 143 -19.88 43.83 -7.77
N MET H 144 -21.02 43.80 -7.10
CA MET H 144 -21.13 42.99 -5.89
C MET H 144 -20.84 41.54 -6.15
N GLU H 145 -21.31 41.00 -7.28
CA GLU H 145 -21.04 39.65 -7.61
C GLU H 145 -19.54 39.39 -7.74
N SER H 146 -18.81 40.35 -8.34
CA SER H 146 -17.37 40.23 -8.59
C SER H 146 -16.59 40.20 -7.31
N VAL H 147 -17.10 40.81 -6.23
CA VAL H 147 -16.24 40.88 -5.00
C VAL H 147 -16.84 40.03 -3.90
N LEU H 148 -17.97 39.37 -4.13
CA LEU H 148 -18.71 38.70 -3.04
C LEU H 148 -17.89 37.66 -2.34
N PRO H 149 -17.17 36.76 -3.10
CA PRO H 149 -16.35 35.79 -2.30
C PRO H 149 -15.32 36.46 -1.34
N THR H 150 -14.70 37.55 -1.75
CA THR H 150 -13.75 38.29 -0.91
C THR H 150 -14.43 38.93 0.27
N LEU H 151 -15.58 39.57 0.04
CA LEU H 151 -16.35 40.13 1.13
C LEU H 151 -16.82 39.09 2.14
N TRP H 152 -17.18 37.88 1.65
CA TRP H 152 -17.66 36.83 2.54
C TRP H 152 -16.56 36.44 3.54
N MET H 153 -15.30 36.42 3.09
CA MET H 153 -14.21 36.14 4.03
C MET H 153 -14.02 37.33 4.96
N LEU H 154 -13.96 38.52 4.38
CA LEU H 154 -13.77 39.77 5.11
C LEU H 154 -14.71 39.92 6.28
N LYS H 155 -16.00 39.64 6.08
CA LYS H 155 -16.92 39.83 7.17
C LYS H 155 -16.62 38.94 8.38
N ASP H 156 -16.17 37.71 8.13
CA ASP H 156 -15.75 36.89 9.27
C ASP H 156 -14.44 37.37 9.96
N TYR H 157 -13.44 37.82 9.16
CA TYR H 157 -12.22 38.43 9.76
C TYR H 157 -12.62 39.62 10.60
N ALA H 158 -13.52 40.45 10.09
CA ALA H 158 -13.98 41.68 10.82
C ALA H 158 -14.68 41.34 12.11
N LEU H 159 -15.57 40.31 12.04
CA LEU H 159 -16.24 39.78 13.18
C LEU H 159 -15.27 39.29 14.24
N GLN H 160 -14.32 38.41 13.85
CA GLN H 160 -13.45 37.78 14.84
C GLN H 160 -12.60 38.81 15.53
N SER H 161 -12.12 39.76 14.76
CA SER H 161 -11.30 40.80 15.38
C SER H 161 -12.15 41.80 16.18
N GLY H 162 -13.24 42.23 15.56
CA GLY H 162 -14.12 43.26 16.17
C GLY H 162 -14.67 42.83 17.47
N ALA H 163 -14.94 41.51 17.61
CA ALA H 163 -15.46 41.00 18.89
C ALA H 163 -14.44 41.22 20.01
N GLY H 164 -13.18 41.22 19.70
CA GLY H 164 -12.15 41.46 20.73
C GLY H 164 -11.95 42.90 21.09
N LEU H 165 -12.34 43.77 20.19
CA LEU H 165 -12.32 45.22 20.42
C LEU H 165 -13.52 45.67 21.17
N ALA H 166 -14.68 45.14 20.79
CA ALA H 166 -15.93 45.61 21.35
C ALA H 166 -16.02 45.13 22.81
N PHE H 167 -15.56 43.91 23.13
CA PHE H 167 -15.95 43.25 24.43
C PHE H 167 -14.77 42.64 25.25
N GLU H 168 -13.52 42.98 24.93
CA GLU H 168 -12.36 42.47 25.70
C GLU H 168 -11.07 43.32 25.48
C28 FXS I . 2.17 -20.06 34.09
C29 FXS I . 2.49 -19.53 32.86
C30 FXS I . 3.04 -18.26 32.81
C27 FXS I . 2.33 -19.39 35.28
C26 FXS I . 2.87 -18.12 35.23
C25 FXS I . 3.23 -17.57 34.00
C21 FXS I . 3.80 -16.18 33.85
O22 FXS I . 4.82 -15.82 34.34
O20 FXS I . 3.05 -15.24 33.07
C1 FXS I . 3.58 -14.00 32.78
C2 FXS I . 3.21 -13.01 33.64
BR1 FXS I . 2.01 -13.35 35.12
C3 FXS I . 3.58 -11.70 33.38
C4 FXS I . 4.38 -11.40 32.27
BR2 FXS I . 4.86 -9.60 31.93
C5 FXS I . 4.77 -12.39 31.39
C6 FXS I . 4.35 -13.70 31.64
C7 FXS I . 4.77 -14.85 30.73
N8 FXS I . 4.83 -14.42 29.34
C9 FXS I . 5.88 -13.91 28.67
O17 FXS I . 7.02 -13.73 29.24
C10 FXS I . 5.90 -13.66 27.21
C15 FXS I . 6.18 -12.45 26.57
N16 FXS I . 6.31 -11.29 27.34
O19 FXS I . 5.62 -11.24 28.47
O18 FXS I . 7.17 -10.34 26.91
C11 FXS I . 5.74 -14.82 26.37
C12 FXS I . 5.84 -14.69 24.98
C13 FXS I . 6.15 -13.48 24.42
C14 FXS I . 6.31 -12.38 25.23
N1 FXS I . 3.03 -17.42 36.40
O2 FXS I . 3.25 -18.05 37.60
O3 FXS I . 3.00 -16.07 36.40
C28 FXS J . -23.89 -5.46 -36.47
C29 FXS J . -23.50 -4.87 -37.67
C30 FXS J . -22.99 -3.59 -37.67
C27 FXS J . -23.77 -4.77 -35.27
C26 FXS J . -23.26 -3.48 -35.28
C25 FXS J . -22.86 -2.90 -36.47
C21 FXS J . -22.31 -1.51 -36.50
O22 FXS J . -21.52 -1.12 -35.70
O20 FXS J . -22.82 -0.63 -37.49
C1 FXS J . -22.34 0.64 -37.70
C2 FXS J . -22.82 1.66 -36.91
BR1 FXS J . -24.06 1.28 -35.47
C3 FXS J . -22.35 2.95 -37.09
C4 FXS J . -21.49 3.19 -38.16
BR2 FXS J . -20.93 4.97 -38.46
C5 FXS J . -21.05 2.20 -39.00
C6 FXS J . -21.50 0.92 -38.80
C7 FXS J . -21.00 -0.24 -39.63
N8 FXS J . -20.77 0.13 -41.04
C9 FXS J . -19.60 0.59 -41.61
O17 FXS J . -18.54 0.75 -40.95
C10 FXS J . -19.52 0.84 -43.11
C15 FXS J . -19.21 2.08 -43.71
N16 FXS J . -19.15 3.26 -42.98
O19 FXS J . -19.84 3.33 -41.87
O18 FXS J . -18.43 4.31 -43.39
C11 FXS J . -19.66 -0.30 -43.95
C12 FXS J . -19.56 -0.16 -45.33
C13 FXS J . -19.29 1.04 -45.89
C14 FXS J . -19.08 2.19 -45.10
N1 FXS J . -23.21 -2.78 -34.07
O2 FXS J . -22.90 -3.39 -32.86
O3 FXS J . -23.55 -1.44 -34.05
C28 FXS K . 7.60 -41.55 41.55
C29 FXS K . 8.85 -42.07 41.87
C30 FXS K . 9.25 -43.34 41.42
C27 FXS K . 6.71 -42.31 40.79
C26 FXS K . 7.12 -43.57 40.34
C25 FXS K . 8.36 -44.07 40.66
C21 FXS K . 8.88 -45.39 40.20
O22 FXS K . 8.96 -45.67 39.03
O20 FXS K . 9.42 -46.31 41.18
C1 FXS K . 9.95 -47.54 40.86
C2 FXS K . 9.07 -48.59 40.77
BR1 FXS K . 7.19 -48.37 41.09
C3 FXS K . 9.55 -49.86 40.53
C4 FXS K . 10.90 -50.05 40.40
BR2 FXS K . 11.60 -51.80 40.13
C5 FXS K . 11.82 -49.01 40.50
C6 FXS K . 11.34 -47.72 40.71
C7 FXS K . 12.27 -46.52 40.83
N8 FXS K . 13.56 -46.83 41.46
C9 FXS K . 14.63 -47.24 40.84
O17 FXS K . 14.65 -47.38 39.55
C10 FXS K . 15.90 -47.43 41.54
C15 FXS K . 16.61 -48.58 41.58
N16 FXS K . 16.08 -49.80 41.11
O19 FXS K . 14.80 -49.94 41.16
O18 FXS K . 16.94 -50.73 40.69
C11 FXS K . 16.47 -46.23 42.09
C12 FXS K . 17.72 -46.30 42.66
C13 FXS K . 18.40 -47.49 42.66
C14 FXS K . 17.84 -48.62 42.13
N1 FXS K . 6.17 -44.32 39.62
O2 FXS K . 5.34 -43.74 38.69
O3 FXS K . 5.86 -45.63 39.96
C28 FXS L . -19.01 -27.06 -28.52
C29 FXS L . -17.74 -27.58 -28.23
C30 FXS L . -17.37 -28.84 -28.63
C27 FXS L . -19.89 -27.82 -29.25
C26 FXS L . -19.51 -29.11 -29.69
C25 FXS L . -18.24 -29.60 -29.38
C21 FXS L . -17.76 -30.97 -29.78
O22 FXS L . -17.87 -31.38 -30.92
O20 FXS L . -17.25 -31.82 -28.72
C1 FXS L . -16.73 -33.13 -28.94
C2 FXS L . -17.63 -34.19 -29.14
BR1 FXS L . -19.53 -33.91 -29.09
C3 FXS L . -17.14 -35.44 -29.38
C4 FXS L . -15.75 -35.68 -29.36
BR2 FXS L . -14.99 -37.38 -29.61
C5 FXS L . -14.84 -34.67 -29.15
C6 FXS L . -15.35 -33.38 -28.90
C7 FXS L . -14.42 -32.18 -28.69
N8 FXS L . -13.13 -32.52 -28.15
C9 FXS L . -12.00 -32.85 -28.70
O17 FXS L . -11.93 -32.95 -29.99
C10 FXS L . -10.74 -33.05 -27.93
C15 FXS L . -9.99 -34.19 -27.79
N16 FXS L . -10.49 -35.39 -28.33
O19 FXS L . -11.85 -35.59 -28.33
O18 FXS L . -9.60 -36.25 -28.90
C11 FXS L . -10.16 -31.93 -27.38
C12 FXS L . -8.97 -31.91 -26.73
C13 FXS L . -8.21 -33.04 -26.56
C14 FXS L . -8.76 -34.19 -27.15
N1 FXS L . -20.44 -29.85 -30.41
O2 FXS L . -21.41 -29.24 -31.16
O3 FXS L . -20.49 -31.22 -30.35
C28 FXS M . -17.98 21.90 16.76
C29 FXS M . -16.74 21.40 16.35
C30 FXS M . -16.65 20.14 15.79
C27 FXS M . -19.12 21.16 16.64
C26 FXS M . -19.04 19.92 16.04
C25 FXS M . -17.81 19.41 15.63
C21 FXS M . -17.61 18.06 15.00
O22 FXS M . -18.30 17.68 14.10
O20 FXS M . -16.52 17.26 15.44
C1 FXS M . -16.21 16.06 14.87
C2 FXS M . -16.98 14.94 15.26
BR1 FXS M . -18.43 15.07 16.53
C3 FXS M . -16.61 13.70 14.73
C4 FXS M . -15.52 13.58 13.86
BR2 FXS M . -15.01 11.87 13.20
C5 FXS M . -14.71 14.67 13.55
C6 FXS M . -15.08 15.92 14.02
C7 FXS M . -14.26 17.16 13.69
N8 FXS M . -12.84 16.94 13.37
C9 FXS M . -12.26 16.59 12.25
O17 FXS M . -12.88 16.37 11.20
C10 FXS M . -10.76 16.52 12.17
C15 FXS M . -10.05 15.40 11.81
N16 FXS M . -10.72 14.17 11.64
O19 FXS M . -11.82 13.92 12.37
O18 FXS M . -10.18 13.33 10.79
C11 FXS M . -10.04 17.67 12.38
C12 FXS M . -8.63 17.70 12.25
C13 FXS M . -7.93 16.59 11.85
C14 FXS M . -8.67 15.43 11.65
N1 FXS M . -20.20 19.16 15.91
O2 FXS M . -21.45 19.68 15.97
O3 FXS M . -20.04 17.80 15.74
C28 FXS N . 17.87 24.56 -14.23
C29 FXS N . 19.13 25.04 -14.53
C30 FXS N . 19.52 26.30 -14.06
C27 FXS N . 17.03 25.34 -13.45
C26 FXS N . 17.46 26.62 -13.00
C25 FXS N . 18.70 27.08 -13.27
C21 FXS N . 19.26 28.41 -12.82
O22 FXS N . 19.59 28.73 -11.67
O20 FXS N . 19.65 29.34 -13.80
C1 FXS N . 20.28 30.51 -13.49
C2 FXS N . 19.45 31.60 -13.35
BR1 FXS N . 17.54 31.41 -13.61
C3 FXS N . 20.06 32.83 -13.16
C4 FXS N . 21.42 32.99 -13.00
BR2 FXS N . 22.14 34.74 -12.68
C5 FXS N . 22.25 31.91 -13.14
C6 FXS N . 21.66 30.65 -13.37
C7 FXS N . 22.54 29.42 -13.53
N8 FXS N . 23.83 29.73 -14.16
C9 FXS N . 24.96 30.06 -13.51
O17 FXS N . 25.02 30.20 -12.31
C10 FXS N . 26.29 30.21 -14.15
C15 FXS N . 27.08 31.33 -14.18
N16 FXS N . 26.64 32.58 -13.65
O19 FXS N . 25.32 32.85 -13.71
O18 FXS N . 27.63 33.40 -13.21
C11 FXS N . 26.76 29.01 -14.73
C12 FXS N . 27.98 29.02 -15.33
C13 FXS N . 28.80 30.09 -15.36
C14 FXS N . 28.33 31.26 -14.77
N1 FXS N . 16.57 27.38 -12.27
O2 FXS N . 15.56 26.69 -11.66
O3 FXS N . 16.62 28.74 -12.25
C28 FXS O . 11.79 3.13 -6.53
C29 FXS O . 12.01 2.53 -5.31
C30 FXS O . 12.42 1.20 -5.29
C27 FXS O . 11.94 2.45 -7.71
C26 FXS O . 12.36 1.12 -7.68
C25 FXS O . 12.56 0.52 -6.47
C21 FXS O . 13.05 -0.90 -6.39
O22 FXS O . 13.90 -1.34 -7.17
O20 FXS O . 12.45 -1.74 -5.39
C1 FXS O . 12.87 -3.01 -5.12
C2 FXS O . 12.45 -3.99 -6.00
BR1 FXS O . 11.32 -3.61 -7.52
C3 FXS O . 12.79 -5.30 -5.72
C4 FXS O . 13.59 -5.59 -4.62
BR2 FXS O . 14.05 -7.40 -4.20
C5 FXS O . 13.98 -4.62 -3.69
C6 FXS O . 13.63 -3.32 -3.96
C7 FXS O . 14.05 -2.20 -3.05
N8 FXS O . 14.21 -2.57 -1.66
C9 FXS O . 15.32 -3.04 -1.00
O17 FXS O . 16.35 -3.30 -1.59
C10 FXS O . 15.37 -3.28 0.45
C15 FXS O . 15.39 -4.47 1.11
N16 FXS O . 15.46 -5.66 0.39
O19 FXS O . 14.83 -5.79 -0.78
O18 FXS O . 16.28 -6.59 0.93
C11 FXS O . 15.29 -2.17 1.26
C12 FXS O . 15.35 -2.26 2.66
C13 FXS O . 15.43 -3.43 3.31
C14 FXS O . 15.46 -4.56 2.50
N1 FXS O . 12.45 0.44 -8.90
O2 FXS O . 12.83 1.03 -10.09
O3 FXS O . 12.04 -0.85 -8.99
C28 FXS P . -27.84 43.12 13.86
C29 FXS P . -28.28 43.69 12.71
C30 FXS P . -27.97 45.03 12.43
C27 FXS P . -27.04 43.82 14.80
C26 FXS P . -26.73 45.15 14.51
C25 FXS P . -27.20 45.73 13.37
C21 FXS P . -26.86 47.15 12.94
O22 FXS P . -25.73 47.58 12.92
O20 FXS P . -27.91 48.00 12.52
C1 FXS P . -27.69 49.27 12.07
C2 FXS P . -27.61 50.23 13.08
BR1 FXS P . -27.79 49.85 14.97
C3 FXS P . -27.51 51.55 12.67
C4 FXS P . -27.49 51.87 11.32
BR2 FXS P . -27.30 53.68 10.77
C5 FXS P . -27.52 50.92 10.30
C6 FXS P . -27.62 49.61 10.71
C7 FXS P . -27.75 48.50 9.70
N8 FXS P . -28.49 48.86 8.52
C9 FXS P . -28.04 49.36 7.42
O17 FXS P . -26.80 49.57 7.25
C10 FXS P . -28.85 49.58 6.22
C15 FXS P . -28.98 50.78 5.55
N16 FXS P . -28.49 51.96 6.15
O19 FXS P . -28.37 52.08 7.46
O18 FXS P . -28.16 52.93 5.28
C11 FXS P . -29.39 48.42 5.56
C12 FXS P . -30.08 48.56 4.32
C13 FXS P . -30.19 49.77 3.70
C14 FXS P . -29.61 50.89 4.33
N1 FXS P . -25.97 45.84 15.46
O2 FXS P . -25.11 45.23 16.29
O3 FXS P . -26.19 47.14 15.76
#